data_9IA9
#
_entry.id   9IA9
#
_cell.length_a   87.101
_cell.length_b   122.913
_cell.length_c   195.038
_cell.angle_alpha   90
_cell.angle_beta   90
_cell.angle_gamma   90
#
_symmetry.space_group_name_H-M   'P 21 21 21'
#
loop_
_entity.id
_entity.type
_entity.pdbx_description
1 polymer 'Dyp-type peroxidase family'
2 non-polymer 'PROTOPORPHYRIN IX CONTAINING FE'
3 non-polymer 'NITRIC OXIDE'
4 water water
#
_entity_poly.entity_id   1
_entity_poly.type   'polypeptide(L)'
_entity_poly.pdbx_seq_one_letter_code
;MWRYESVVGGCSFMGGEVEEPEPQMVLSPLTSAAIFLVVTIDSGGEDTVRDLLSDVASLERAVGFRAQPDGRLSCVTGIG
SEAWDRLFSGARPAGLHPFRELDGPVHRAVATPGDLLFHIRASRLDLCFALATEIMGRLRGAVTPQDEVHGFKYFDERDM
LGFVDGTENPTGAAARRAVLVGAEDPAFAGGSYAVVQKYLHDIDAWEGLSVEAQERVIGRRKMTDVELSDDVKPADSHVA
LTSVTGPDGSDLEILRDNMPFGSVGREEFGTYFIGYARTPEVTETMLERMFLGTASAPHDRILDFSTAVTGSLFFTPAAD
FLEDLSARP
;
_entity_poly.pdbx_strand_id   F,A,B,C,D,E
#
loop_
_chem_comp.id
_chem_comp.type
_chem_comp.name
_chem_comp.formula
HEM non-polymer 'PROTOPORPHYRIN IX CONTAINING FE' 'C34 H32 Fe N4 O4'
NO non-polymer 'NITRIC OXIDE' 'N O'
#
# COMPACT_ATOMS: atom_id res chain seq x y z
C GLU A 20 28.07 12.96 17.72
N PRO A 21 29.08 12.51 16.93
CA PRO A 21 29.04 12.70 15.47
C PRO A 21 28.00 11.82 14.79
N GLU A 22 27.65 12.19 13.56
CA GLU A 22 26.55 11.58 12.83
C GLU A 22 27.11 10.52 11.88
N PRO A 23 26.77 9.23 12.05
CA PRO A 23 27.22 8.16 11.14
C PRO A 23 26.45 8.16 9.82
N GLN A 24 26.99 7.44 8.83
CA GLN A 24 26.26 7.14 7.61
C GLN A 24 25.21 6.07 7.92
N MET A 25 24.31 5.81 6.96
CA MET A 25 23.18 4.92 7.14
C MET A 25 23.64 3.47 7.13
N VAL A 26 24.60 3.14 8.00
CA VAL A 26 25.18 1.81 8.04
C VAL A 26 24.33 0.89 8.90
N LEU A 27 23.40 1.48 9.67
CA LEU A 27 22.50 0.72 10.53
C LEU A 27 21.14 0.56 9.86
N SER A 28 20.96 1.24 8.73
N SER A 28 20.95 1.27 8.74
CA SER A 28 19.72 1.25 7.98
CA SER A 28 19.75 1.24 7.92
C SER A 28 19.37 -0.18 7.54
C SER A 28 19.38 -0.20 7.57
N PRO A 29 18.06 -0.56 7.56
CA PRO A 29 17.67 -1.93 7.22
C PRO A 29 17.79 -2.30 5.75
N LEU A 30 17.52 -3.57 5.46
CA LEU A 30 17.54 -4.13 4.12
C LEU A 30 16.37 -3.56 3.33
N THR A 31 16.61 -3.24 2.05
CA THR A 31 15.59 -2.73 1.15
C THR A 31 15.39 -3.74 0.02
N SER A 32 14.42 -3.46 -0.86
CA SER A 32 14.07 -4.40 -1.91
C SER A 32 14.96 -4.23 -3.15
N ALA A 33 15.62 -3.06 -3.25
CA ALA A 33 16.53 -2.78 -4.35
C ALA A 33 17.85 -2.24 -3.83
N ALA A 34 18.94 -2.54 -4.55
CA ALA A 34 20.26 -2.07 -4.19
C ALA A 34 21.15 -1.99 -5.43
N ILE A 35 22.06 -1.01 -5.45
CA ILE A 35 23.15 -0.96 -6.40
C ILE A 35 24.48 -0.90 -5.65
N PHE A 36 25.36 -1.84 -5.97
CA PHE A 36 26.71 -1.87 -5.43
C PHE A 36 27.68 -1.44 -6.53
N LEU A 37 28.47 -0.41 -6.23
CA LEU A 37 29.38 0.16 -7.20
C LEU A 37 30.78 0.27 -6.61
N VAL A 38 31.73 -0.44 -7.23
CA VAL A 38 33.11 -0.44 -6.78
C VAL A 38 33.99 0.07 -7.92
N VAL A 39 34.81 1.08 -7.61
CA VAL A 39 35.66 1.73 -8.59
C VAL A 39 37.06 1.92 -8.01
N THR A 40 38.04 2.07 -8.90
CA THR A 40 39.40 2.47 -8.55
C THR A 40 39.61 3.91 -9.02
N ILE A 41 40.44 4.65 -8.28
CA ILE A 41 40.75 6.04 -8.62
C ILE A 41 41.95 6.03 -9.56
N ASP A 42 41.75 6.61 -10.75
CA ASP A 42 42.83 6.78 -11.71
C ASP A 42 43.81 7.82 -11.19
N SER A 43 45.07 7.71 -11.62
CA SER A 43 46.10 8.68 -11.26
C SER A 43 45.69 10.06 -11.77
N GLY A 44 45.74 11.06 -10.87
CA GLY A 44 45.35 12.42 -11.17
C GLY A 44 43.87 12.66 -10.86
N GLY A 45 43.22 11.65 -10.28
CA GLY A 45 41.78 11.70 -10.04
C GLY A 45 41.42 12.19 -8.64
N GLU A 46 42.45 12.34 -7.78
CA GLU A 46 42.26 12.53 -6.35
C GLU A 46 41.36 13.72 -6.06
N ASP A 47 41.52 14.81 -6.84
CA ASP A 47 40.84 16.07 -6.57
C ASP A 47 39.37 16.00 -6.96
N THR A 48 39.09 15.30 -8.07
CA THR A 48 37.73 15.17 -8.56
C THR A 48 36.93 14.32 -7.58
N VAL A 49 37.58 13.26 -7.07
CA VAL A 49 36.99 12.33 -6.12
C VAL A 49 36.70 13.04 -4.81
N ARG A 50 37.62 13.93 -4.39
CA ARG A 50 37.50 14.64 -3.13
C ARG A 50 36.31 15.60 -3.19
N ASP A 51 36.13 16.27 -4.34
CA ASP A 51 34.99 17.14 -4.58
C ASP A 51 33.68 16.35 -4.43
N LEU A 52 33.61 15.17 -5.06
CA LEU A 52 32.41 14.36 -5.05
C LEU A 52 32.04 13.96 -3.63
N LEU A 53 33.04 13.47 -2.89
CA LEU A 53 32.85 12.98 -1.52
C LEU A 53 32.20 14.06 -0.64
N SER A 54 32.44 15.33 -0.97
CA SER A 54 31.88 16.42 -0.18
C SER A 54 30.42 16.69 -0.56
N ASP A 55 30.02 16.25 -1.76
CA ASP A 55 28.70 16.54 -2.29
C ASP A 55 27.79 15.32 -2.25
N VAL A 56 28.35 14.16 -1.87
CA VAL A 56 27.65 12.88 -2.04
C VAL A 56 26.33 12.89 -1.26
N ALA A 57 26.34 13.47 -0.06
CA ALA A 57 25.16 13.53 0.79
C ALA A 57 24.10 14.45 0.19
N SER A 58 24.54 15.51 -0.51
CA SER A 58 23.60 16.46 -1.06
C SER A 58 22.97 15.93 -2.35
N LEU A 59 23.71 15.09 -3.08
CA LEU A 59 23.21 14.38 -4.24
C LEU A 59 22.16 13.35 -3.83
N GLU A 60 22.37 12.76 -2.65
N GLU A 60 22.34 12.76 -2.64
CA GLU A 60 21.51 11.75 -2.04
CA GLU A 60 21.44 11.73 -2.14
C GLU A 60 20.16 12.36 -1.70
C GLU A 60 20.13 12.36 -1.69
N ARG A 61 20.18 13.62 -1.26
CA ARG A 61 18.97 14.36 -0.88
C ARG A 61 18.26 14.86 -2.12
N ALA A 62 19.04 15.30 -3.12
CA ALA A 62 18.51 15.84 -4.36
C ALA A 62 17.62 14.82 -5.06
N VAL A 63 18.05 13.55 -5.05
CA VAL A 63 17.31 12.48 -5.69
C VAL A 63 16.25 11.96 -4.72
N GLY A 64 16.64 11.81 -3.45
CA GLY A 64 15.86 11.09 -2.46
C GLY A 64 14.59 11.82 -2.04
N PHE A 65 14.65 13.16 -1.98
CA PHE A 65 13.55 13.95 -1.44
C PHE A 65 12.31 13.81 -2.34
N ARG A 66 12.55 13.47 -3.61
CA ARG A 66 11.50 13.34 -4.60
C ARG A 66 10.55 12.19 -4.26
N ALA A 67 11.06 11.20 -3.52
CA ALA A 67 10.31 9.97 -3.31
C ALA A 67 10.01 9.72 -1.83
N GLN A 68 9.97 10.80 -1.03
CA GLN A 68 9.56 10.66 0.36
C GLN A 68 8.05 10.43 0.41
N PRO A 69 7.52 9.65 1.38
CA PRO A 69 8.33 9.02 2.43
C PRO A 69 8.63 7.53 2.30
N ASP A 70 8.32 6.94 1.14
N ASP A 70 8.34 6.96 1.13
CA ASP A 70 8.44 5.50 0.97
CA ASP A 70 8.39 5.53 0.89
C ASP A 70 9.62 5.15 0.06
C ASP A 70 9.68 5.15 0.16
N GLY A 71 10.43 6.17 -0.29
CA GLY A 71 11.59 5.98 -1.15
C GLY A 71 12.72 5.22 -0.44
N ARG A 72 13.09 5.71 0.74
CA ARG A 72 14.11 5.11 1.60
C ARG A 72 15.45 5.02 0.86
N LEU A 73 15.75 6.04 0.06
CA LEU A 73 17.03 6.13 -0.63
C LEU A 73 18.13 6.45 0.39
N SER A 74 19.21 5.65 0.34
CA SER A 74 20.41 5.92 1.11
C SER A 74 21.63 5.48 0.32
N CYS A 75 22.78 6.09 0.64
CA CYS A 75 24.04 5.79 0.00
C CYS A 75 25.16 5.80 1.05
N VAL A 76 25.85 4.65 1.18
CA VAL A 76 26.99 4.56 2.05
C VAL A 76 28.25 4.53 1.19
N THR A 77 29.14 5.49 1.44
CA THR A 77 30.39 5.64 0.70
C THR A 77 31.53 5.07 1.53
N GLY A 78 32.29 4.15 0.93
CA GLY A 78 33.44 3.52 1.57
C GLY A 78 34.74 3.86 0.85
N ILE A 79 35.85 3.86 1.60
CA ILE A 79 37.16 4.20 1.05
C ILE A 79 38.14 3.10 1.43
N GLY A 80 38.92 2.65 0.44
CA GLY A 80 39.91 1.60 0.62
C GLY A 80 41.19 2.12 1.28
N SER A 81 42.10 1.18 1.57
CA SER A 81 43.31 1.46 2.34
C SER A 81 44.30 2.29 1.52
N GLU A 82 44.65 1.80 0.33
CA GLU A 82 45.56 2.49 -0.58
C GLU A 82 44.99 3.86 -0.94
N ALA A 83 43.67 3.91 -1.13
CA ALA A 83 42.97 5.11 -1.57
C ALA A 83 43.05 6.20 -0.49
N TRP A 84 43.07 5.78 0.77
CA TRP A 84 43.05 6.71 1.89
C TRP A 84 44.32 7.56 1.91
N ASP A 85 45.46 6.92 1.67
CA ASP A 85 46.76 7.59 1.72
C ASP A 85 46.88 8.57 0.56
N ARG A 86 46.24 8.24 -0.57
CA ARG A 86 46.26 9.06 -1.77
C ARG A 86 45.37 10.29 -1.59
N LEU A 87 44.33 10.16 -0.73
CA LEU A 87 43.30 11.18 -0.63
C LEU A 87 43.55 12.11 0.56
N PHE A 88 44.00 11.53 1.69
CA PHE A 88 43.97 12.23 2.96
C PHE A 88 45.38 12.28 3.55
N SER A 89 45.62 13.32 4.37
CA SER A 89 46.95 13.65 4.86
C SER A 89 47.08 13.39 6.36
N GLY A 90 45.94 13.43 7.07
CA GLY A 90 45.93 13.35 8.52
C GLY A 90 46.19 11.92 9.02
N ALA A 91 45.41 11.52 10.03
CA ALA A 91 45.52 10.19 10.61
C ALA A 91 44.71 9.20 9.77
N ARG A 92 44.93 7.90 10.04
CA ARG A 92 44.23 6.82 9.38
C ARG A 92 43.39 6.06 10.40
N PRO A 93 42.22 5.49 10.01
CA PRO A 93 41.48 4.58 10.88
C PRO A 93 42.39 3.42 11.27
N ALA A 94 42.32 3.03 12.54
CA ALA A 94 43.24 2.06 13.14
C ALA A 94 43.14 0.70 12.45
N GLY A 95 41.96 0.36 11.94
CA GLY A 95 41.71 -0.98 11.42
C GLY A 95 41.79 -1.06 9.90
N LEU A 96 42.14 0.04 9.24
CA LEU A 96 42.09 0.09 7.78
C LEU A 96 43.35 -0.55 7.18
N HIS A 97 43.13 -1.55 6.34
CA HIS A 97 44.18 -2.23 5.59
C HIS A 97 43.54 -2.92 4.38
N PRO A 98 44.33 -3.29 3.34
CA PRO A 98 43.79 -4.02 2.20
C PRO A 98 43.22 -5.37 2.62
N PHE A 99 42.19 -5.82 1.91
CA PHE A 99 41.59 -7.13 2.11
C PHE A 99 42.69 -8.19 2.03
N ARG A 100 42.71 -9.09 3.02
CA ARG A 100 43.69 -10.17 3.07
C ARG A 100 43.17 -11.36 2.28
N GLU A 101 43.94 -11.77 1.27
CA GLU A 101 43.65 -12.96 0.50
C GLU A 101 43.82 -14.18 1.41
N LEU A 102 42.87 -15.12 1.32
CA LEU A 102 42.91 -16.35 2.11
C LEU A 102 43.05 -17.55 1.17
N ASP A 103 44.24 -18.16 1.18
CA ASP A 103 44.54 -19.30 0.33
C ASP A 103 44.46 -20.59 1.15
N GLY A 104 43.25 -21.15 1.22
CA GLY A 104 43.02 -22.40 1.93
C GLY A 104 43.36 -23.60 1.06
N PRO A 105 43.29 -24.84 1.61
CA PRO A 105 43.55 -26.05 0.82
C PRO A 105 42.63 -26.22 -0.40
N VAL A 106 41.35 -25.90 -0.24
CA VAL A 106 40.35 -26.18 -1.25
C VAL A 106 39.87 -24.87 -1.88
N HIS A 107 39.50 -23.91 -1.03
CA HIS A 107 38.78 -22.70 -1.44
C HIS A 107 39.63 -21.45 -1.19
N ARG A 108 39.48 -20.47 -2.10
CA ARG A 108 40.27 -19.25 -2.07
C ARG A 108 39.34 -18.04 -2.00
N ALA A 109 39.65 -17.11 -1.09
CA ALA A 109 38.98 -15.81 -1.02
C ALA A 109 39.88 -14.75 -1.64
N VAL A 110 39.57 -14.38 -2.89
CA VAL A 110 40.41 -13.48 -3.68
C VAL A 110 40.30 -12.05 -3.15
N ALA A 111 41.41 -11.32 -3.22
CA ALA A 111 41.44 -9.89 -3.02
C ALA A 111 41.46 -9.22 -4.39
N THR A 112 40.53 -8.29 -4.61
CA THR A 112 40.41 -7.62 -5.90
C THR A 112 40.48 -6.10 -5.70
N PRO A 113 40.90 -5.34 -6.74
CA PRO A 113 41.03 -3.89 -6.61
C PRO A 113 39.69 -3.17 -6.38
N GLY A 114 39.75 -2.11 -5.56
CA GLY A 114 38.60 -1.32 -5.18
C GLY A 114 39.00 -0.19 -4.23
N ASP A 115 38.73 1.05 -4.66
CA ASP A 115 39.16 2.24 -3.93
C ASP A 115 37.96 2.90 -3.27
N LEU A 116 36.83 2.95 -3.99
CA LEU A 116 35.60 3.53 -3.48
C LEU A 116 34.48 2.49 -3.59
N LEU A 117 33.63 2.45 -2.56
CA LEU A 117 32.42 1.66 -2.57
C LEU A 117 31.22 2.61 -2.46
N PHE A 118 30.27 2.44 -3.37
CA PHE A 118 28.97 3.05 -3.21
C PHE A 118 27.93 1.95 -2.97
N HIS A 119 27.43 1.88 -1.74
CA HIS A 119 26.34 1.00 -1.38
C HIS A 119 25.05 1.81 -1.39
N ILE A 120 24.26 1.64 -2.45
CA ILE A 120 23.07 2.44 -2.70
C ILE A 120 21.86 1.54 -2.51
N ARG A 121 20.89 2.02 -1.72
CA ARG A 121 19.69 1.27 -1.40
C ARG A 121 18.45 2.16 -1.51
N ALA A 122 17.33 1.55 -1.93
CA ALA A 122 16.02 2.17 -1.93
C ALA A 122 14.97 1.08 -2.06
N SER A 123 13.69 1.46 -1.94
CA SER A 123 12.59 0.53 -2.10
C SER A 123 12.29 0.30 -3.59
N ARG A 124 12.93 1.10 -4.45
CA ARG A 124 12.75 0.99 -5.89
C ARG A 124 14.09 1.24 -6.60
N LEU A 125 14.31 0.52 -7.70
CA LEU A 125 15.60 0.50 -8.38
C LEU A 125 15.89 1.84 -9.05
N ASP A 126 14.84 2.55 -9.50
CA ASP A 126 15.00 3.78 -10.25
C ASP A 126 15.75 4.82 -9.42
N LEU A 127 15.45 4.87 -8.12
CA LEU A 127 16.08 5.80 -7.20
C LEU A 127 17.57 5.49 -7.10
N CYS A 128 17.89 4.20 -6.99
CA CYS A 128 19.26 3.74 -6.91
C CYS A 128 20.01 4.15 -8.19
N PHE A 129 19.36 3.92 -9.33
CA PHE A 129 19.97 4.14 -10.64
C PHE A 129 20.18 5.63 -10.86
N ALA A 130 19.24 6.45 -10.37
CA ALA A 130 19.31 7.90 -10.54
C ALA A 130 20.51 8.46 -9.77
N LEU A 131 20.72 7.98 -8.54
CA LEU A 131 21.81 8.46 -7.70
C LEU A 131 23.16 7.99 -8.27
N ALA A 132 23.20 6.74 -8.73
CA ALA A 132 24.42 6.16 -9.30
C ALA A 132 24.82 6.94 -10.54
N THR A 133 23.83 7.38 -11.33
CA THR A 133 24.03 8.16 -12.53
C THR A 133 24.71 9.49 -12.18
N GLU A 134 24.20 10.16 -11.14
CA GLU A 134 24.72 11.45 -10.73
C GLU A 134 26.16 11.30 -10.21
N ILE A 135 26.40 10.25 -9.42
CA ILE A 135 27.71 10.02 -8.82
C ILE A 135 28.73 9.74 -9.92
N MET A 136 28.38 8.89 -10.89
CA MET A 136 29.33 8.48 -11.91
C MET A 136 29.52 9.58 -12.94
N GLY A 137 28.50 10.44 -13.12
CA GLY A 137 28.58 11.57 -14.02
C GLY A 137 29.66 12.56 -13.58
N ARG A 138 29.90 12.62 -12.28
CA ARG A 138 30.85 13.53 -11.67
C ARG A 138 32.24 12.90 -11.60
N LEU A 139 32.30 11.57 -11.68
CA LEU A 139 33.54 10.83 -11.45
C LEU A 139 34.14 10.34 -12.77
N ARG A 140 33.47 10.63 -13.89
N ARG A 140 33.47 10.62 -13.88
CA ARG A 140 33.92 10.16 -15.19
CA ARG A 140 33.91 10.20 -15.20
C ARG A 140 35.25 10.83 -15.54
C ARG A 140 35.26 10.84 -15.54
N GLY A 141 36.23 10.00 -15.87
CA GLY A 141 37.58 10.46 -16.19
C GLY A 141 38.49 10.44 -14.97
N ALA A 142 37.92 10.14 -13.79
CA ALA A 142 38.67 10.14 -12.55
C ALA A 142 38.74 8.73 -11.96
N VAL A 143 37.76 7.89 -12.31
CA VAL A 143 37.62 6.56 -11.74
C VAL A 143 37.49 5.54 -12.85
N THR A 144 37.83 4.28 -12.54
CA THR A 144 37.59 3.14 -13.41
C THR A 144 36.65 2.19 -12.69
N PRO A 145 35.48 1.84 -13.28
CA PRO A 145 34.56 0.88 -12.67
C PRO A 145 35.20 -0.50 -12.59
N GLN A 146 35.06 -1.14 -11.43
CA GLN A 146 35.54 -2.50 -11.24
C GLN A 146 34.36 -3.45 -11.25
N ASP A 147 33.30 -3.10 -10.52
CA ASP A 147 32.16 -3.98 -10.35
C ASP A 147 30.88 -3.16 -10.14
N GLU A 148 29.81 -3.65 -10.75
CA GLU A 148 28.48 -3.07 -10.61
C GLU A 148 27.46 -4.20 -10.51
N VAL A 149 26.70 -4.22 -9.41
CA VAL A 149 25.69 -5.25 -9.18
C VAL A 149 24.38 -4.54 -8.85
N HIS A 150 23.30 -5.00 -9.51
CA HIS A 150 21.94 -4.54 -9.21
C HIS A 150 21.22 -5.66 -8.47
N GLY A 151 21.03 -5.46 -7.16
CA GLY A 151 20.44 -6.47 -6.30
C GLY A 151 18.92 -6.29 -6.20
N PHE A 152 18.24 -7.41 -5.97
CA PHE A 152 16.78 -7.41 -5.88
C PHE A 152 16.34 -8.39 -4.80
N LYS A 153 15.28 -8.03 -4.09
CA LYS A 153 14.67 -8.86 -3.07
C LYS A 153 14.12 -10.12 -3.75
N TYR A 154 14.29 -11.26 -3.09
CA TYR A 154 13.85 -12.54 -3.63
C TYR A 154 12.89 -13.19 -2.64
N PHE A 155 11.58 -13.05 -2.92
CA PHE A 155 10.50 -13.62 -2.11
C PHE A 155 10.60 -13.11 -0.67
N ASP A 156 10.48 -14.03 0.30
CA ASP A 156 10.44 -13.70 1.72
C ASP A 156 11.88 -13.60 2.26
N GLU A 157 12.63 -12.63 1.73
CA GLU A 157 13.99 -12.32 2.14
C GLU A 157 14.91 -13.51 1.93
N ARG A 158 14.83 -14.14 0.74
CA ARG A 158 15.62 -15.33 0.47
C ARG A 158 16.83 -14.97 -0.38
N ASP A 159 17.84 -15.84 -0.35
CA ASP A 159 18.99 -15.77 -1.23
C ASP A 159 18.79 -16.79 -2.36
N MET A 160 19.74 -16.84 -3.29
N MET A 160 19.75 -16.84 -3.29
CA MET A 160 19.63 -17.69 -4.46
CA MET A 160 19.69 -17.69 -4.47
C MET A 160 19.74 -19.17 -4.08
C MET A 160 19.73 -19.16 -4.08
N LEU A 161 20.11 -19.44 -2.83
CA LEU A 161 20.18 -20.80 -2.31
C LEU A 161 18.82 -21.23 -1.77
N GLY A 162 17.88 -20.28 -1.68
CA GLY A 162 16.50 -20.57 -1.31
C GLY A 162 16.27 -20.49 0.20
N PHE A 163 17.25 -19.92 0.92
CA PHE A 163 17.19 -19.79 2.38
C PHE A 163 17.01 -18.32 2.75
N VAL A 164 16.26 -18.08 3.83
CA VAL A 164 16.09 -16.76 4.41
C VAL A 164 17.45 -16.27 4.90
N ASP A 165 17.83 -15.06 4.48
CA ASP A 165 19.19 -14.57 4.62
C ASP A 165 19.17 -13.21 5.34
N GLY A 166 19.66 -13.20 6.58
CA GLY A 166 19.86 -11.98 7.35
C GLY A 166 19.29 -12.08 8.76
N THR A 167 18.69 -13.25 9.07
CA THR A 167 17.85 -13.48 10.23
C THR A 167 18.52 -13.00 11.52
N GLU A 168 19.81 -13.31 11.69
CA GLU A 168 20.49 -13.12 12.96
C GLU A 168 21.21 -11.77 13.02
N ASN A 169 20.89 -10.87 12.08
CA ASN A 169 21.42 -9.52 12.12
C ASN A 169 21.06 -8.87 13.46
N PRO A 170 22.03 -8.21 14.14
CA PRO A 170 21.74 -7.47 15.37
C PRO A 170 20.84 -6.27 15.09
N THR A 171 20.01 -5.91 16.08
CA THR A 171 19.10 -4.78 15.97
C THR A 171 19.27 -3.89 17.20
N GLY A 172 18.77 -2.65 17.08
CA GLY A 172 18.73 -1.70 18.17
C GLY A 172 20.13 -1.38 18.70
N ALA A 173 20.27 -1.45 20.03
CA ALA A 173 21.50 -1.08 20.72
C ALA A 173 22.63 -2.04 20.34
N ALA A 174 22.29 -3.33 20.17
CA ALA A 174 23.27 -4.37 19.90
C ALA A 174 23.97 -4.10 18.56
N ALA A 175 23.19 -3.61 17.58
CA ALA A 175 23.71 -3.30 16.26
C ALA A 175 24.69 -2.14 16.36
N ARG A 176 24.34 -1.15 17.18
CA ARG A 176 25.13 0.06 17.36
C ARG A 176 26.51 -0.30 17.92
N ARG A 177 26.53 -1.24 18.88
CA ARG A 177 27.76 -1.66 19.55
C ARG A 177 28.60 -2.54 18.63
N ALA A 178 27.96 -3.16 17.65
CA ALA A 178 28.62 -4.14 16.79
C ALA A 178 29.27 -3.46 15.58
N VAL A 179 28.69 -2.33 15.16
CA VAL A 179 28.96 -1.78 13.83
C VAL A 179 29.76 -0.48 13.93
N LEU A 180 29.40 0.39 14.88
CA LEU A 180 29.92 1.75 14.93
C LEU A 180 31.23 1.79 15.73
N VAL A 181 32.24 2.42 15.12
CA VAL A 181 33.51 2.72 15.78
C VAL A 181 33.24 3.70 16.92
N GLY A 182 33.88 3.45 18.07
CA GLY A 182 33.64 4.24 19.27
C GLY A 182 34.93 4.87 19.80
N ALA A 183 35.13 4.75 21.12
CA ALA A 183 36.20 5.45 21.83
C ALA A 183 37.54 4.77 21.62
N GLU A 184 37.52 3.54 21.09
CA GLU A 184 38.74 2.79 20.81
C GLU A 184 39.54 3.48 19.71
N ASP A 185 38.85 4.30 18.90
CA ASP A 185 39.48 5.10 17.86
C ASP A 185 38.68 6.39 17.74
N PRO A 186 38.88 7.35 18.68
CA PRO A 186 37.94 8.47 18.84
C PRO A 186 37.82 9.46 17.69
N ALA A 187 38.86 9.52 16.84
CA ALA A 187 38.92 10.48 15.75
C ALA A 187 38.11 9.98 14.56
N PHE A 188 37.64 8.72 14.63
CA PHE A 188 36.88 8.12 13.55
C PHE A 188 35.59 7.50 14.07
N ALA A 189 35.15 7.95 15.25
CA ALA A 189 33.91 7.50 15.84
C ALA A 189 32.75 7.75 14.87
N GLY A 190 31.84 6.77 14.78
CA GLY A 190 30.68 6.87 13.90
C GLY A 190 30.98 6.26 12.52
N GLY A 191 32.23 5.83 12.33
CA GLY A 191 32.61 5.10 11.14
C GLY A 191 32.31 3.61 11.29
N SER A 192 32.60 2.84 10.23
CA SER A 192 32.43 1.40 10.21
C SER A 192 33.33 0.80 9.14
N TYR A 193 33.47 -0.53 9.17
CA TYR A 193 34.26 -1.26 8.17
C TYR A 193 33.33 -2.16 7.38
N ALA A 194 33.47 -2.11 6.04
CA ALA A 194 32.64 -2.89 5.15
C ALA A 194 33.51 -3.84 4.34
N VAL A 195 33.15 -5.12 4.37
CA VAL A 195 33.79 -6.15 3.55
C VAL A 195 32.78 -6.59 2.49
N VAL A 196 33.21 -6.55 1.22
CA VAL A 196 32.36 -6.97 0.11
C VAL A 196 33.01 -8.19 -0.55
N GLN A 197 32.16 -9.19 -0.85
CA GLN A 197 32.55 -10.31 -1.68
C GLN A 197 31.38 -10.65 -2.60
N LYS A 198 31.69 -10.75 -3.91
CA LYS A 198 30.71 -11.20 -4.89
C LYS A 198 30.85 -12.72 -5.00
N TYR A 199 29.75 -13.43 -4.71
CA TYR A 199 29.70 -14.87 -4.80
C TYR A 199 28.79 -15.28 -5.95
N LEU A 200 29.26 -16.23 -6.77
CA LEU A 200 28.45 -16.93 -7.75
C LEU A 200 28.21 -18.35 -7.25
N HIS A 201 26.99 -18.86 -7.44
CA HIS A 201 26.62 -20.16 -6.90
C HIS A 201 26.50 -21.18 -8.02
N ASP A 202 26.80 -22.44 -7.67
CA ASP A 202 26.55 -23.58 -8.54
C ASP A 202 25.18 -24.18 -8.18
N ILE A 203 24.15 -23.71 -8.91
CA ILE A 203 22.76 -24.05 -8.60
C ILE A 203 22.44 -25.46 -9.06
N ASP A 204 23.16 -25.95 -10.07
CA ASP A 204 22.97 -27.33 -10.54
C ASP A 204 23.37 -28.31 -9.44
N ALA A 205 24.53 -28.06 -8.83
CA ALA A 205 25.05 -28.93 -7.77
C ALA A 205 24.14 -28.86 -6.55
N TRP A 206 23.74 -27.63 -6.19
CA TRP A 206 22.94 -27.36 -5.00
C TRP A 206 21.58 -28.03 -5.08
N GLU A 207 20.95 -27.98 -6.26
CA GLU A 207 19.62 -28.55 -6.46
C GLU A 207 19.70 -30.05 -6.63
N GLY A 208 20.92 -30.60 -6.62
CA GLY A 208 21.14 -32.05 -6.64
C GLY A 208 21.11 -32.62 -5.22
N LEU A 209 21.08 -31.73 -4.23
CA LEU A 209 20.98 -32.11 -2.83
C LEU A 209 19.52 -32.11 -2.39
N SER A 210 19.18 -33.04 -1.49
CA SER A 210 17.88 -33.03 -0.84
C SER A 210 17.78 -31.81 0.09
N VAL A 211 16.55 -31.41 0.40
CA VAL A 211 16.30 -30.27 1.27
C VAL A 211 17.02 -30.48 2.60
N GLU A 212 16.94 -31.72 3.12
CA GLU A 212 17.51 -32.10 4.41
C GLU A 212 19.03 -31.93 4.37
N ALA A 213 19.65 -32.30 3.24
CA ALA A 213 21.08 -32.16 3.05
C ALA A 213 21.46 -30.68 3.01
N GLN A 214 20.65 -29.87 2.30
CA GLN A 214 20.86 -28.44 2.18
C GLN A 214 20.80 -27.76 3.55
N GLU A 215 19.90 -28.25 4.41
CA GLU A 215 19.73 -27.76 5.76
C GLU A 215 21.00 -28.03 6.58
N ARG A 216 21.66 -29.16 6.30
CA ARG A 216 22.89 -29.56 6.95
C ARG A 216 24.04 -28.63 6.57
N VAL A 217 24.01 -28.13 5.33
CA VAL A 217 25.03 -27.20 4.85
C VAL A 217 24.87 -25.86 5.57
N ILE A 218 23.63 -25.35 5.63
CA ILE A 218 23.35 -24.02 6.14
C ILE A 218 23.34 -24.03 7.66
N GLY A 219 22.47 -24.86 8.25
CA GLY A 219 22.38 -24.96 9.70
C GLY A 219 21.01 -24.52 10.24
N ARG A 220 20.07 -24.29 9.31
CA ARG A 220 18.70 -23.92 9.66
C ARG A 220 17.74 -24.66 8.76
N ARG A 221 16.47 -24.79 9.19
CA ARG A 221 15.41 -25.33 8.37
C ARG A 221 15.19 -24.41 7.17
N LYS A 222 14.89 -24.99 6.01
CA LYS A 222 14.81 -24.24 4.76
C LYS A 222 13.58 -23.33 4.75
N MET A 223 12.40 -23.92 4.90
CA MET A 223 11.18 -23.17 4.69
C MET A 223 10.81 -22.31 5.90
N THR A 224 11.01 -22.83 7.11
CA THR A 224 10.54 -22.16 8.32
C THR A 224 11.62 -21.25 8.90
N ASP A 225 12.88 -21.44 8.47
CA ASP A 225 14.01 -20.59 8.85
C ASP A 225 14.36 -20.80 10.33
N VAL A 226 13.88 -21.90 10.93
CA VAL A 226 14.16 -22.19 12.33
C VAL A 226 15.53 -22.86 12.42
N GLU A 227 16.36 -22.36 13.35
CA GLU A 227 17.71 -22.86 13.56
C GLU A 227 17.67 -24.32 13.98
N LEU A 228 18.59 -25.11 13.42
CA LEU A 228 18.77 -26.51 13.81
C LEU A 228 19.19 -26.57 15.26
N SER A 229 18.74 -27.62 15.95
CA SER A 229 19.11 -27.90 17.33
C SER A 229 20.62 -28.16 17.41
N ASP A 230 21.23 -27.78 18.52
CA ASP A 230 22.67 -27.85 18.70
C ASP A 230 23.17 -29.29 18.60
N ASP A 231 22.27 -30.25 18.83
CA ASP A 231 22.66 -31.66 18.81
C ASP A 231 22.74 -32.19 17.38
N VAL A 232 22.05 -31.52 16.44
CA VAL A 232 21.95 -32.02 15.07
C VAL A 232 22.70 -31.11 14.09
N LYS A 233 23.13 -29.94 14.58
CA LYS A 233 23.77 -28.94 13.73
C LYS A 233 25.21 -29.34 13.44
N PRO A 234 25.55 -29.70 12.19
CA PRO A 234 26.92 -30.10 11.83
C PRO A 234 27.95 -29.01 12.14
N ALA A 235 29.19 -29.44 12.38
CA ALA A 235 30.26 -28.54 12.78
C ALA A 235 30.74 -27.73 11.59
N ASP A 236 30.51 -28.24 10.37
CA ASP A 236 30.96 -27.58 9.16
C ASP A 236 29.81 -26.84 8.48
N SER A 237 28.70 -26.68 9.22
CA SER A 237 27.57 -25.89 8.76
C SER A 237 27.94 -24.40 8.78
N HIS A 238 27.27 -23.62 7.92
CA HIS A 238 27.53 -22.20 7.79
C HIS A 238 27.30 -21.50 9.13
N VAL A 239 26.21 -21.86 9.82
CA VAL A 239 25.80 -21.19 11.04
C VAL A 239 26.80 -21.47 12.17
N ALA A 240 27.31 -22.71 12.20
CA ALA A 240 28.27 -23.14 13.22
C ALA A 240 29.58 -22.34 13.11
N LEU A 241 30.09 -22.22 11.87
CA LEU A 241 31.40 -21.64 11.63
C LEU A 241 31.37 -20.11 11.73
N THR A 242 30.20 -19.51 11.55
CA THR A 242 30.07 -18.05 11.61
C THR A 242 29.55 -17.61 12.97
N SER A 243 29.38 -18.58 13.89
CA SER A 243 29.12 -18.29 15.29
C SER A 243 30.44 -18.22 16.05
N VAL A 244 30.84 -17.00 16.42
CA VAL A 244 32.15 -16.78 17.02
C VAL A 244 31.96 -16.01 18.33
N THR A 245 32.40 -16.61 19.43
CA THR A 245 32.39 -15.95 20.73
C THR A 245 33.75 -15.28 20.94
N GLY A 246 33.71 -14.04 21.46
CA GLY A 246 34.93 -13.30 21.78
C GLY A 246 35.61 -13.88 23.01
N PRO A 247 36.85 -13.45 23.34
CA PRO A 247 37.55 -13.94 24.54
C PRO A 247 36.85 -13.61 25.85
N ASP A 248 35.68 -12.96 25.75
CA ASP A 248 34.93 -12.51 26.92
C ASP A 248 33.66 -13.34 27.10
N GLY A 249 33.32 -14.14 26.09
CA GLY A 249 32.21 -15.07 26.18
C GLY A 249 31.04 -14.71 25.25
N SER A 250 30.84 -13.40 25.03
CA SER A 250 29.75 -12.90 24.21
C SER A 250 30.09 -13.05 22.73
N ASP A 251 29.04 -13.08 21.89
CA ASP A 251 29.16 -13.35 20.47
C ASP A 251 29.65 -12.12 19.73
N LEU A 252 30.56 -12.34 18.78
CA LEU A 252 30.90 -11.33 17.79
C LEU A 252 29.78 -11.28 16.75
N GLU A 253 29.44 -10.07 16.30
CA GLU A 253 28.32 -9.88 15.40
C GLU A 253 28.71 -8.92 14.29
N ILE A 254 28.16 -9.16 13.09
CA ILE A 254 28.28 -8.24 11.97
C ILE A 254 26.89 -7.97 11.42
N LEU A 255 26.75 -6.84 10.70
CA LEU A 255 25.51 -6.48 10.05
C LEU A 255 25.63 -6.75 8.55
N ARG A 256 24.75 -7.62 8.04
CA ARG A 256 24.81 -8.10 6.67
C ARG A 256 23.65 -7.53 5.86
N ASP A 257 23.98 -6.97 4.69
CA ASP A 257 22.99 -6.42 3.77
C ASP A 257 23.09 -7.15 2.43
N ASN A 258 23.23 -8.48 2.49
CA ASN A 258 23.38 -9.32 1.32
C ASN A 258 22.17 -9.14 0.40
N MET A 259 22.45 -9.08 -0.91
CA MET A 259 21.40 -9.02 -1.91
C MET A 259 21.62 -10.12 -2.93
N PRO A 260 20.54 -10.81 -3.38
CA PRO A 260 20.61 -11.66 -4.57
C PRO A 260 20.74 -10.79 -5.82
N PHE A 261 21.34 -11.39 -6.85
CA PHE A 261 21.46 -10.79 -8.17
C PHE A 261 21.64 -11.93 -9.16
N GLY A 262 21.53 -11.64 -10.45
CA GLY A 262 21.95 -12.62 -11.43
C GLY A 262 21.44 -12.35 -12.84
N SER A 263 21.78 -13.29 -13.71
CA SER A 263 21.42 -13.29 -15.12
C SER A 263 21.11 -14.74 -15.52
N VAL A 264 19.91 -14.96 -16.05
CA VAL A 264 19.39 -16.31 -16.25
C VAL A 264 20.13 -16.98 -17.41
N GLY A 265 20.32 -16.22 -18.51
CA GLY A 265 20.94 -16.72 -19.72
C GLY A 265 22.39 -17.18 -19.48
N ARG A 266 23.11 -16.44 -18.63
CA ARG A 266 24.53 -16.69 -18.41
C ARG A 266 24.74 -17.67 -17.25
N GLU A 267 23.64 -18.19 -16.69
CA GLU A 267 23.66 -19.09 -15.54
C GLU A 267 24.39 -18.43 -14.38
N GLU A 268 24.12 -17.14 -14.16
CA GLU A 268 24.71 -16.44 -13.03
C GLU A 268 23.66 -16.28 -11.93
N PHE A 269 23.89 -16.99 -10.82
CA PHE A 269 23.05 -16.89 -9.63
C PHE A 269 23.96 -16.53 -8.45
N GLY A 270 23.74 -15.34 -7.90
CA GLY A 270 24.75 -14.76 -7.02
C GLY A 270 24.19 -14.25 -5.69
N THR A 271 25.06 -14.27 -4.67
CA THR A 271 24.85 -13.52 -3.46
C THR A 271 25.91 -12.43 -3.41
N TYR A 272 25.47 -11.17 -3.28
CA TYR A 272 26.41 -10.09 -3.06
C TYR A 272 26.56 -9.89 -1.55
N PHE A 273 27.71 -10.29 -1.02
CA PHE A 273 27.96 -10.19 0.41
C PHE A 273 28.48 -8.81 0.74
N ILE A 274 27.88 -8.19 1.77
CA ILE A 274 28.44 -7.00 2.41
C ILE A 274 28.18 -7.09 3.92
N GLY A 275 29.26 -6.98 4.70
CA GLY A 275 29.16 -7.01 6.15
C GLY A 275 29.80 -5.77 6.78
N TYR A 276 29.07 -5.15 7.72
CA TYR A 276 29.58 -4.02 8.48
C TYR A 276 29.95 -4.49 9.88
N ALA A 277 31.06 -3.93 10.41
CA ALA A 277 31.55 -4.22 11.74
C ALA A 277 32.44 -3.07 12.24
N ARG A 278 32.54 -2.91 13.56
N ARG A 278 32.53 -2.92 13.56
CA ARG A 278 33.28 -1.80 14.14
CA ARG A 278 33.27 -1.85 14.20
C ARG A 278 34.79 -2.05 14.00
C ARG A 278 34.78 -2.05 14.00
N THR A 279 35.17 -3.30 13.74
CA THR A 279 36.55 -3.66 13.43
C THR A 279 36.54 -4.81 12.42
N PRO A 280 37.45 -4.81 11.41
CA PRO A 280 37.53 -5.91 10.44
C PRO A 280 37.91 -7.26 11.03
N GLU A 281 38.53 -7.22 12.22
CA GLU A 281 39.01 -8.41 12.90
C GLU A 281 37.87 -9.41 13.09
N VAL A 282 36.68 -8.90 13.38
CA VAL A 282 35.49 -9.72 13.57
C VAL A 282 35.17 -10.45 12.27
N THR A 283 35.11 -9.68 11.17
CA THR A 283 34.70 -10.21 9.87
C THR A 283 35.76 -11.15 9.33
N GLU A 284 37.03 -10.87 9.64
CA GLU A 284 38.16 -11.63 9.12
C GLU A 284 38.25 -12.98 9.84
N THR A 285 38.03 -12.99 11.15
CA THR A 285 37.99 -14.21 11.94
C THR A 285 36.96 -15.15 11.33
N MET A 286 35.79 -14.59 11.06
CA MET A 286 34.63 -15.31 10.55
C MET A 286 34.98 -15.91 9.20
N LEU A 287 35.73 -15.14 8.40
CA LEU A 287 36.10 -15.50 7.04
C LEU A 287 37.19 -16.58 7.08
N GLU A 288 38.10 -16.47 8.06
CA GLU A 288 39.18 -17.42 8.27
C GLU A 288 38.61 -18.80 8.60
N ARG A 289 37.59 -18.82 9.46
CA ARG A 289 36.94 -20.05 9.88
C ARG A 289 36.29 -20.73 8.67
N MET A 290 35.78 -19.92 7.74
CA MET A 290 35.07 -20.41 6.57
C MET A 290 36.03 -21.03 5.56
N PHE A 291 37.15 -20.34 5.31
CA PHE A 291 38.04 -20.70 4.21
C PHE A 291 39.13 -21.67 4.69
N LEU A 292 39.59 -21.50 5.93
CA LEU A 292 40.71 -22.26 6.46
C LEU A 292 40.21 -23.41 7.34
N GLY A 293 39.22 -23.12 8.20
CA GLY A 293 38.54 -24.15 8.98
C GLY A 293 38.96 -24.12 10.45
N THR A 294 38.33 -25.00 11.23
CA THR A 294 38.70 -25.22 12.63
C THR A 294 39.32 -26.61 12.77
N ALA A 295 39.58 -27.01 14.01
CA ALA A 295 40.13 -28.32 14.31
C ALA A 295 39.12 -29.41 13.99
N SER A 296 37.83 -29.05 13.97
CA SER A 296 36.75 -30.01 13.84
C SER A 296 36.08 -29.96 12.46
N ALA A 297 36.40 -28.92 11.68
CA ALA A 297 35.78 -28.72 10.37
C ALA A 297 36.80 -28.22 9.36
N PRO A 298 36.95 -28.90 8.19
CA PRO A 298 37.92 -28.50 7.17
C PRO A 298 37.67 -27.14 6.52
N HIS A 299 36.38 -26.79 6.33
CA HIS A 299 35.95 -25.54 5.75
C HIS A 299 34.42 -25.46 5.76
N ASP A 300 33.89 -24.30 5.39
CA ASP A 300 32.46 -24.05 5.32
C ASP A 300 31.88 -24.76 4.10
N ARG A 301 30.80 -25.52 4.33
CA ARG A 301 30.16 -26.36 3.32
C ARG A 301 29.46 -25.51 2.25
N ILE A 302 29.13 -24.26 2.61
CA ILE A 302 28.45 -23.34 1.70
C ILE A 302 29.37 -23.03 0.53
N LEU A 303 30.69 -23.07 0.80
CA LEU A 303 31.71 -22.71 -0.18
C LEU A 303 31.85 -23.79 -1.24
N ASP A 304 31.26 -24.97 -1.00
CA ASP A 304 31.26 -26.03 -1.99
C ASP A 304 30.27 -25.73 -3.11
N PHE A 305 29.50 -24.65 -2.94
CA PHE A 305 28.47 -24.27 -3.89
C PHE A 305 28.55 -22.76 -4.15
N SER A 306 29.59 -22.13 -3.61
CA SER A 306 29.75 -20.68 -3.68
C SER A 306 31.21 -20.34 -3.95
N THR A 307 31.44 -19.52 -5.00
CA THR A 307 32.78 -19.08 -5.35
C THR A 307 32.83 -17.55 -5.28
N ALA A 308 33.78 -17.04 -4.51
CA ALA A 308 34.01 -15.61 -4.35
C ALA A 308 34.87 -15.11 -5.52
N VAL A 309 34.39 -14.07 -6.21
CA VAL A 309 35.06 -13.57 -7.39
C VAL A 309 35.56 -12.14 -7.17
N THR A 310 35.12 -11.50 -6.08
CA THR A 310 35.69 -10.24 -5.63
C THR A 310 35.91 -10.30 -4.12
N GLY A 311 36.81 -9.44 -3.63
CA GLY A 311 37.03 -9.25 -2.20
C GLY A 311 37.69 -7.90 -1.95
N SER A 312 37.01 -7.06 -1.15
CA SER A 312 37.51 -5.72 -0.85
C SER A 312 37.08 -5.28 0.54
N LEU A 313 37.91 -4.43 1.16
CA LEU A 313 37.68 -3.88 2.49
C LEU A 313 37.67 -2.36 2.36
N PHE A 314 36.69 -1.72 3.03
CA PHE A 314 36.54 -0.28 2.99
C PHE A 314 36.21 0.24 4.38
N PHE A 315 36.65 1.47 4.67
CA PHE A 315 36.21 2.21 5.84
C PHE A 315 35.13 3.19 5.39
N THR A 316 33.99 3.17 6.09
CA THR A 316 32.90 4.07 5.79
C THR A 316 32.87 5.17 6.85
N PRO A 317 33.44 6.36 6.56
CA PRO A 317 33.56 7.43 7.56
C PRO A 317 32.20 7.92 8.06
N ALA A 318 32.21 8.64 9.19
CA ALA A 318 31.05 9.36 9.65
C ALA A 318 30.66 10.39 8.60
N ALA A 319 29.35 10.70 8.53
CA ALA A 319 28.81 11.57 7.50
C ALA A 319 29.53 12.92 7.49
N ASP A 320 29.80 13.47 8.69
CA ASP A 320 30.34 14.81 8.83
C ASP A 320 31.79 14.86 8.39
N PHE A 321 32.47 13.70 8.39
CA PHE A 321 33.82 13.61 7.88
C PHE A 321 33.81 13.94 6.38
N LEU A 322 32.81 13.40 5.66
CA LEU A 322 32.68 13.55 4.22
C LEU A 322 32.41 15.00 3.85
N GLU A 323 31.50 15.65 4.58
CA GLU A 323 31.03 16.98 4.19
C GLU A 323 32.06 18.04 4.58
N ASP A 324 32.88 17.76 5.60
N ASP A 324 32.87 17.75 5.61
CA ASP A 324 33.91 18.67 6.05
CA ASP A 324 33.92 18.65 6.06
C ASP A 324 35.17 18.51 5.20
C ASP A 324 35.18 18.44 5.21
N LEU A 325 34.99 18.25 3.90
CA LEU A 325 36.07 18.16 2.95
C LEU A 325 36.09 19.43 2.10
N SER A 326 35.54 20.51 2.68
CA SER A 326 35.42 21.81 2.02
C SER A 326 36.79 22.47 1.88
N GLU B 20 13.85 17.57 30.57
CA GLU B 20 13.73 18.20 29.23
C GLU B 20 12.29 18.08 28.74
N PRO B 21 11.65 19.20 28.32
CA PRO B 21 10.23 19.19 27.95
C PRO B 21 9.91 18.60 26.56
N GLU B 22 8.65 18.20 26.38
CA GLU B 22 8.15 17.64 25.14
C GLU B 22 7.84 18.77 24.17
N PRO B 23 8.47 18.79 22.97
CA PRO B 23 8.08 19.74 21.92
C PRO B 23 6.79 19.29 21.23
N GLN B 24 6.15 20.22 20.52
CA GLN B 24 5.11 19.87 19.57
C GLN B 24 5.77 19.22 18.35
N MET B 25 4.95 18.72 17.42
CA MET B 25 5.45 17.99 16.26
C MET B 25 6.06 18.93 15.23
N VAL B 26 6.93 19.84 15.69
CA VAL B 26 7.53 20.85 14.83
C VAL B 26 8.66 20.25 14.00
N LEU B 27 9.11 19.04 14.37
CA LEU B 27 10.20 18.37 13.69
C LEU B 27 9.67 17.33 12.72
N SER B 28 8.35 17.19 12.65
CA SER B 28 7.70 16.15 11.85
C SER B 28 7.90 16.40 10.35
N PRO B 29 7.96 15.32 9.53
CA PRO B 29 8.18 15.44 8.09
C PRO B 29 6.98 16.05 7.37
N LEU B 30 7.17 16.27 6.07
CA LEU B 30 6.12 16.77 5.18
C LEU B 30 5.11 15.64 4.96
N THR B 31 3.83 16.00 4.89
CA THR B 31 2.76 15.05 4.62
C THR B 31 2.08 15.44 3.33
N SER B 32 1.15 14.59 2.86
CA SER B 32 0.52 14.79 1.56
C SER B 32 -0.70 15.71 1.67
N ALA B 33 -1.16 15.96 2.90
CA ALA B 33 -2.30 16.81 3.15
C ALA B 33 -2.02 17.73 4.34
N ALA B 34 -2.58 18.95 4.27
CA ALA B 34 -2.40 19.94 5.33
C ALA B 34 -3.56 20.95 5.33
N ILE B 35 -3.94 21.37 6.54
CA ILE B 35 -4.80 22.53 6.71
C ILE B 35 -4.07 23.57 7.56
N PHE B 36 -3.93 24.78 7.00
CA PHE B 36 -3.41 25.92 7.73
C PHE B 36 -4.58 26.81 8.12
N LEU B 37 -4.65 27.15 9.41
CA LEU B 37 -5.77 27.90 9.96
C LEU B 37 -5.22 29.02 10.85
N VAL B 38 -5.56 30.27 10.49
CA VAL B 38 -5.11 31.46 11.20
C VAL B 38 -6.35 32.24 11.64
N VAL B 39 -6.42 32.56 12.95
CA VAL B 39 -7.57 33.28 13.50
C VAL B 39 -7.09 34.41 14.39
N THR B 40 -7.95 35.42 14.57
CA THR B 40 -7.78 36.44 15.60
C THR B 40 -8.76 36.17 16.74
N ILE B 41 -8.32 36.45 17.97
CA ILE B 41 -9.12 36.25 19.16
C ILE B 41 -10.02 37.47 19.35
N ASP B 42 -11.33 37.23 19.40
CA ASP B 42 -12.31 38.29 19.63
C ASP B 42 -12.12 38.86 21.03
N SER B 43 -12.54 40.12 21.18
CA SER B 43 -12.57 40.78 22.47
C SER B 43 -13.43 39.96 23.43
N GLY B 44 -12.84 39.55 24.55
CA GLY B 44 -13.53 38.81 25.59
C GLY B 44 -13.61 37.31 25.28
N GLY B 45 -12.75 36.84 24.37
CA GLY B 45 -12.75 35.44 23.96
C GLY B 45 -11.57 34.67 24.53
N GLU B 46 -10.86 35.29 25.48
CA GLU B 46 -9.61 34.78 26.03
C GLU B 46 -9.83 33.46 26.76
N ASP B 47 -10.90 33.38 27.56
CA ASP B 47 -11.14 32.25 28.43
C ASP B 47 -11.47 31.00 27.60
N THR B 48 -12.22 31.19 26.52
CA THR B 48 -12.59 30.11 25.63
C THR B 48 -11.34 29.57 24.94
N VAL B 49 -10.41 30.48 24.61
CA VAL B 49 -9.17 30.14 23.92
C VAL B 49 -8.28 29.30 24.86
N ARG B 50 -8.10 29.79 26.09
N ARG B 50 -8.11 29.79 26.09
CA ARG B 50 -7.29 29.10 27.10
CA ARG B 50 -7.32 29.13 27.13
C ARG B 50 -7.77 27.66 27.28
C ARG B 50 -7.78 27.68 27.31
N ASP B 51 -9.09 27.47 27.31
CA ASP B 51 -9.69 26.16 27.52
C ASP B 51 -9.37 25.22 26.36
N LEU B 52 -9.41 25.76 25.13
CA LEU B 52 -9.10 24.97 23.95
C LEU B 52 -7.62 24.55 23.97
N LEU B 53 -6.74 25.52 24.23
CA LEU B 53 -5.30 25.30 24.18
C LEU B 53 -4.91 24.12 25.08
N SER B 54 -5.65 23.97 26.19
CA SER B 54 -5.34 22.95 27.17
C SER B 54 -5.88 21.58 26.75
N ASP B 55 -6.77 21.57 25.75
CA ASP B 55 -7.45 20.35 25.32
C ASP B 55 -7.04 19.96 23.90
N VAL B 56 -6.11 20.71 23.31
CA VAL B 56 -5.82 20.60 21.89
C VAL B 56 -5.14 19.25 21.58
N ALA B 57 -4.29 18.78 22.50
CA ALA B 57 -3.59 17.51 22.35
C ALA B 57 -4.57 16.33 22.43
N SER B 58 -5.61 16.49 23.27
CA SER B 58 -6.65 15.49 23.43
C SER B 58 -7.44 15.35 22.13
N LEU B 59 -7.79 16.50 21.53
CA LEU B 59 -8.51 16.56 20.27
C LEU B 59 -7.72 15.89 19.16
N GLU B 60 -6.39 16.10 19.17
N GLU B 60 -6.40 16.09 19.17
CA GLU B 60 -5.46 15.53 18.22
CA GLU B 60 -5.51 15.51 18.17
C GLU B 60 -5.48 14.01 18.32
C GLU B 60 -5.50 13.99 18.30
N ARG B 61 -5.44 13.50 19.54
CA ARG B 61 -5.41 12.06 19.81
C ARG B 61 -6.79 11.44 19.58
N ALA B 62 -7.84 12.23 19.85
CA ALA B 62 -9.21 11.79 19.69
C ALA B 62 -9.48 11.42 18.22
N VAL B 63 -9.04 12.30 17.32
CA VAL B 63 -9.25 12.12 15.89
C VAL B 63 -8.19 11.16 15.36
N GLY B 64 -6.94 11.38 15.77
CA GLY B 64 -5.77 10.76 15.16
C GLY B 64 -5.74 9.24 15.35
N PHE B 65 -6.22 8.77 16.50
CA PHE B 65 -6.07 7.36 16.87
C PHE B 65 -6.90 6.47 15.94
N ARG B 66 -7.92 7.06 15.30
CA ARG B 66 -8.82 6.34 14.42
C ARG B 66 -8.08 5.84 13.18
N ALA B 67 -6.97 6.50 12.83
CA ALA B 67 -6.24 6.20 11.61
C ALA B 67 -4.81 5.76 11.93
N GLN B 68 -4.63 5.11 13.08
CA GLN B 68 -3.37 4.47 13.42
C GLN B 68 -3.18 3.29 12.46
N PRO B 69 -1.97 3.05 11.90
CA PRO B 69 -0.82 3.95 12.08
C PRO B 69 -0.35 4.78 10.88
N ASP B 70 -1.20 4.90 9.86
N ASP B 70 -1.21 4.91 9.87
CA ASP B 70 -0.81 5.53 8.61
CA ASP B 70 -0.86 5.51 8.60
C ASP B 70 -1.39 6.94 8.48
C ASP B 70 -1.43 6.91 8.48
N GLY B 71 -2.13 7.37 9.52
CA GLY B 71 -2.80 8.66 9.52
C GLY B 71 -1.82 9.83 9.59
N ARG B 72 -0.87 9.74 10.53
CA ARG B 72 0.19 10.71 10.74
C ARG B 72 -0.41 12.09 11.02
N LEU B 73 -1.51 12.12 11.78
CA LEU B 73 -2.16 13.36 12.14
C LEU B 73 -1.33 14.08 13.20
N SER B 74 -1.06 15.37 12.96
CA SER B 74 -0.42 16.23 13.95
C SER B 74 -0.99 17.64 13.85
N CYS B 75 -0.93 18.35 14.98
CA CYS B 75 -1.35 19.74 15.04
C CYS B 75 -0.29 20.54 15.79
N VAL B 76 0.21 21.60 15.14
CA VAL B 76 1.08 22.55 15.80
C VAL B 76 0.29 23.84 16.02
N THR B 77 0.30 24.31 17.28
CA THR B 77 -0.43 25.49 17.70
C THR B 77 0.55 26.63 17.94
N GLY B 78 0.32 27.76 17.27
CA GLY B 78 1.13 28.95 17.41
C GLY B 78 0.33 30.10 17.98
N ILE B 79 1.00 30.96 18.75
CA ILE B 79 0.38 32.11 19.39
C ILE B 79 1.16 33.36 19.00
N GLY B 80 0.42 34.39 18.57
CA GLY B 80 1.00 35.65 18.12
C GLY B 80 1.51 36.50 19.29
N SER B 81 2.22 37.58 18.94
CA SER B 81 2.86 38.45 19.91
C SER B 81 1.83 39.16 20.79
N GLU B 82 0.89 39.87 20.13
CA GLU B 82 -0.11 40.67 20.81
C GLU B 82 -1.05 39.76 21.61
N ALA B 83 -1.35 38.59 21.03
CA ALA B 83 -2.25 37.62 21.64
C ALA B 83 -1.63 37.04 22.91
N TRP B 84 -0.29 36.93 22.92
CA TRP B 84 0.40 36.36 24.06
C TRP B 84 0.13 37.19 25.32
N ASP B 85 0.16 38.52 25.16
CA ASP B 85 -0.03 39.45 26.27
C ASP B 85 -1.46 39.37 26.79
N ARG B 86 -2.40 39.07 25.90
CA ARG B 86 -3.82 39.02 26.24
C ARG B 86 -4.14 37.72 26.97
N LEU B 87 -3.37 36.66 26.68
CA LEU B 87 -3.71 35.31 27.14
C LEU B 87 -2.99 34.99 28.45
N PHE B 88 -1.71 35.36 28.56
CA PHE B 88 -0.89 34.91 29.66
C PHE B 88 -0.27 36.11 30.38
N SER B 89 -0.01 35.92 31.67
CA SER B 89 0.74 36.87 32.47
C SER B 89 2.13 36.28 32.78
N GLY B 90 3.10 37.16 32.99
CA GLY B 90 4.45 36.74 33.36
C GLY B 90 5.39 36.77 32.16
N ALA B 91 6.22 35.74 32.05
CA ALA B 91 7.35 35.69 31.12
C ALA B 91 6.85 35.56 29.69
N ARG B 92 7.58 36.22 28.78
CA ARG B 92 7.35 36.13 27.35
C ARG B 92 8.54 35.42 26.71
N PRO B 93 8.34 34.67 25.60
CA PRO B 93 9.46 34.18 24.79
C PRO B 93 10.27 35.38 24.29
N ALA B 94 11.60 35.23 24.30
CA ALA B 94 12.53 36.34 24.10
C ALA B 94 12.37 36.97 22.71
N GLY B 95 12.10 36.14 21.70
CA GLY B 95 12.12 36.58 20.31
C GLY B 95 10.73 36.83 19.73
N LEU B 96 9.70 36.83 20.58
CA LEU B 96 8.34 37.00 20.12
C LEU B 96 8.04 38.49 19.92
N HIS B 97 7.67 38.84 18.68
CA HIS B 97 7.23 40.18 18.31
C HIS B 97 6.34 40.06 17.09
N PRO B 98 5.55 41.10 16.71
CA PRO B 98 4.73 41.03 15.50
C PRO B 98 5.62 40.92 14.26
N PHE B 99 5.05 40.38 13.17
CA PHE B 99 5.76 40.23 11.92
C PHE B 99 6.21 41.60 11.42
N ARG B 100 7.47 41.70 11.01
N ARG B 100 7.47 41.68 11.00
CA ARG B 100 8.04 42.97 10.56
CA ARG B 100 8.08 42.90 10.51
C ARG B 100 7.81 43.13 9.07
C ARG B 100 7.75 43.06 9.03
N GLU B 101 7.02 44.14 8.70
CA GLU B 101 6.73 44.47 7.32
C GLU B 101 8.02 44.93 6.65
N LEU B 102 8.26 44.39 5.44
CA LEU B 102 9.45 44.73 4.68
C LEU B 102 9.05 45.41 3.39
N ASP B 103 9.33 46.72 3.31
CA ASP B 103 8.97 47.53 2.15
C ASP B 103 10.23 47.76 1.32
N GLY B 104 10.55 46.81 0.45
CA GLY B 104 11.71 46.90 -0.43
C GLY B 104 11.45 47.83 -1.62
N PRO B 105 12.48 48.11 -2.45
CA PRO B 105 12.32 48.98 -3.62
C PRO B 105 11.27 48.53 -4.63
N VAL B 106 11.13 47.21 -4.81
CA VAL B 106 10.25 46.65 -5.82
C VAL B 106 9.18 45.78 -5.14
N HIS B 107 9.62 44.87 -4.27
CA HIS B 107 8.71 43.91 -3.65
C HIS B 107 8.52 44.22 -2.17
N ARG B 108 7.42 43.69 -1.62
CA ARG B 108 6.95 44.06 -0.30
C ARG B 108 6.38 42.83 0.42
N ALA B 109 6.83 42.61 1.66
CA ALA B 109 6.30 41.56 2.51
C ALA B 109 5.33 42.17 3.51
N VAL B 110 4.03 41.95 3.30
CA VAL B 110 2.98 42.55 4.11
C VAL B 110 2.87 41.82 5.45
N ALA B 111 2.44 42.56 6.48
CA ALA B 111 2.06 41.98 7.75
C ALA B 111 0.54 41.98 7.86
N THR B 112 -0.03 40.79 8.14
CA THR B 112 -1.48 40.65 8.27
C THR B 112 -1.81 40.11 9.65
N PRO B 113 -3.01 40.41 10.20
CA PRO B 113 -3.39 39.97 11.54
C PRO B 113 -3.48 38.46 11.68
N GLY B 114 -3.01 37.97 12.83
CA GLY B 114 -3.11 36.57 13.21
C GLY B 114 -2.73 36.40 14.67
N ASP B 115 -3.62 35.75 15.45
CA ASP B 115 -3.39 35.55 16.87
C ASP B 115 -3.03 34.10 17.16
N LEU B 116 -3.73 33.17 16.49
CA LEU B 116 -3.51 31.74 16.68
C LEU B 116 -3.28 31.10 15.31
N LEU B 117 -2.29 30.21 15.27
CA LEU B 117 -2.01 29.38 14.11
C LEU B 117 -2.26 27.92 14.46
N PHE B 118 -3.05 27.24 13.61
CA PHE B 118 -3.19 25.79 13.67
C PHE B 118 -2.63 25.20 12.38
N HIS B 119 -1.45 24.57 12.50
CA HIS B 119 -0.81 23.88 11.40
C HIS B 119 -1.14 22.39 11.54
N ILE B 120 -2.09 21.92 10.71
CA ILE B 120 -2.62 20.56 10.82
C ILE B 120 -2.16 19.75 9.61
N ARG B 121 -1.54 18.60 9.87
CA ARG B 121 -1.03 17.72 8.83
C ARG B 121 -1.52 16.30 9.06
N ALA B 122 -1.64 15.55 7.95
CA ALA B 122 -1.92 14.13 7.95
C ALA B 122 -1.66 13.60 6.54
N SER B 123 -1.81 12.27 6.37
CA SER B 123 -1.65 11.64 5.06
C SER B 123 -2.95 11.72 4.27
N ARG B 124 -4.02 12.16 4.94
CA ARG B 124 -5.37 12.26 4.40
C ARG B 124 -5.98 13.58 4.83
N LEU B 125 -6.70 14.23 3.91
CA LEU B 125 -7.30 15.53 4.19
C LEU B 125 -8.39 15.38 5.26
N ASP B 126 -9.07 14.23 5.26
CA ASP B 126 -10.24 14.00 6.09
C ASP B 126 -9.88 14.16 7.57
N LEU B 127 -8.73 13.61 7.96
CA LEU B 127 -8.24 13.68 9.34
C LEU B 127 -8.02 15.14 9.74
N CYS B 128 -7.39 15.91 8.83
CA CYS B 128 -7.13 17.31 9.04
C CYS B 128 -8.43 18.08 9.24
N PHE B 129 -9.40 17.81 8.36
CA PHE B 129 -10.67 18.51 8.35
C PHE B 129 -11.46 18.20 9.61
N ALA B 130 -11.42 16.92 10.03
CA ALA B 130 -12.09 16.47 11.23
C ALA B 130 -11.57 17.24 12.45
N LEU B 131 -10.25 17.37 12.55
CA LEU B 131 -9.62 18.02 13.69
C LEU B 131 -9.95 19.52 13.69
N ALA B 132 -9.82 20.14 12.52
CA ALA B 132 -10.09 21.56 12.34
C ALA B 132 -11.52 21.88 12.75
N THR B 133 -12.44 20.96 12.44
CA THR B 133 -13.85 21.06 12.80
C THR B 133 -14.00 21.12 14.32
N GLU B 134 -13.31 20.21 15.03
CA GLU B 134 -13.40 20.11 16.48
C GLU B 134 -12.84 21.37 17.14
N ILE B 135 -11.68 21.83 16.63
CA ILE B 135 -11.01 23.01 17.16
C ILE B 135 -11.94 24.21 17.05
N MET B 136 -12.45 24.46 15.84
CA MET B 136 -13.26 25.65 15.55
C MET B 136 -14.62 25.55 16.22
N GLY B 137 -15.13 24.32 16.38
CA GLY B 137 -16.39 24.08 17.08
C GLY B 137 -16.33 24.59 18.51
N ARG B 138 -15.13 24.50 19.12
CA ARG B 138 -14.88 24.96 20.48
C ARG B 138 -14.65 26.47 20.47
N LEU B 139 -14.09 27.00 19.39
CA LEU B 139 -13.67 28.39 19.31
C LEU B 139 -14.77 29.27 18.73
N ARG B 140 -15.88 28.65 18.33
CA ARG B 140 -16.98 29.33 17.68
C ARG B 140 -17.46 30.47 18.57
N GLY B 141 -17.43 31.70 18.04
CA GLY B 141 -17.92 32.87 18.73
C GLY B 141 -16.85 33.54 19.60
N ALA B 142 -15.63 33.00 19.58
CA ALA B 142 -14.54 33.56 20.37
C ALA B 142 -13.39 33.98 19.47
N VAL B 143 -13.47 33.61 18.18
CA VAL B 143 -12.42 33.90 17.21
C VAL B 143 -13.07 34.32 15.89
N THR B 144 -12.30 35.05 15.08
CA THR B 144 -12.65 35.36 13.70
C THR B 144 -11.58 34.75 12.80
N PRO B 145 -11.96 33.94 11.77
CA PRO B 145 -10.98 33.37 10.84
C PRO B 145 -10.41 34.44 9.93
N GLN B 146 -9.09 34.41 9.73
CA GLN B 146 -8.38 35.34 8.87
C GLN B 146 -7.98 34.63 7.59
N ASP B 147 -7.52 33.38 7.73
CA ASP B 147 -7.04 32.62 6.58
C ASP B 147 -7.27 31.13 6.81
N GLU B 148 -7.65 30.45 5.73
CA GLU B 148 -7.77 28.99 5.72
C GLU B 148 -7.29 28.48 4.36
N VAL B 149 -6.33 27.55 4.41
CA VAL B 149 -5.74 26.98 3.21
C VAL B 149 -5.71 25.46 3.38
N HIS B 150 -6.15 24.76 2.33
CA HIS B 150 -6.04 23.32 2.27
C HIS B 150 -4.91 22.96 1.30
N GLY B 151 -3.84 22.39 1.82
CA GLY B 151 -2.66 22.07 1.05
C GLY B 151 -2.66 20.62 0.58
N PHE B 152 -2.03 20.36 -0.58
CA PHE B 152 -1.94 19.03 -1.12
C PHE B 152 -0.57 18.84 -1.75
N LYS B 153 -0.04 17.60 -1.65
CA LYS B 153 1.19 17.21 -2.31
C LYS B 153 0.99 17.29 -3.82
N TYR B 154 2.02 17.76 -4.53
CA TYR B 154 1.97 17.92 -5.97
C TYR B 154 3.09 17.09 -6.61
N PHE B 155 2.72 15.91 -7.12
CA PHE B 155 3.66 14.99 -7.76
C PHE B 155 4.79 14.63 -6.79
N ASP B 156 6.03 14.67 -7.28
CA ASP B 156 7.19 14.23 -6.52
C ASP B 156 7.72 15.39 -5.66
N GLU B 157 6.92 15.79 -4.67
CA GLU B 157 7.26 16.83 -3.70
C GLU B 157 7.51 18.16 -4.39
N ARG B 158 6.68 18.52 -5.37
CA ARG B 158 6.90 19.72 -6.14
C ARG B 158 5.98 20.84 -5.67
N ASP B 159 6.35 22.07 -6.03
CA ASP B 159 5.52 23.26 -5.82
C ASP B 159 4.87 23.64 -7.14
N MET B 160 4.17 24.78 -7.14
CA MET B 160 3.42 25.24 -8.31
C MET B 160 4.36 25.79 -9.37
N LEU B 161 5.64 25.94 -9.01
CA LEU B 161 6.63 26.42 -9.96
C LEU B 161 7.24 25.23 -10.70
N GLY B 162 6.98 24.01 -10.19
CA GLY B 162 7.39 22.78 -10.85
C GLY B 162 8.75 22.28 -10.38
N PHE B 163 9.21 22.80 -9.24
CA PHE B 163 10.48 22.43 -8.65
C PHE B 163 10.23 21.67 -7.36
N VAL B 164 11.06 20.64 -7.12
CA VAL B 164 11.04 19.91 -5.86
C VAL B 164 11.32 20.91 -4.74
N ASP B 165 10.50 20.86 -3.69
CA ASP B 165 10.47 21.90 -2.67
C ASP B 165 10.62 21.28 -1.29
N GLY B 166 11.77 21.55 -0.65
CA GLY B 166 12.02 21.15 0.73
C GLY B 166 13.28 20.29 0.86
N THR B 167 14.05 20.22 -0.23
CA THR B 167 15.17 19.29 -0.35
C THR B 167 16.18 19.49 0.78
N GLU B 168 16.52 20.76 1.07
CA GLU B 168 17.66 21.05 1.92
C GLU B 168 17.26 21.22 3.39
N ASN B 169 16.02 20.85 3.72
CA ASN B 169 15.55 20.84 5.10
C ASN B 169 16.51 20.03 5.98
N PRO B 170 16.89 20.55 7.17
CA PRO B 170 17.73 19.79 8.10
C PRO B 170 16.99 18.57 8.65
N THR B 171 17.75 17.52 8.96
CA THR B 171 17.20 16.30 9.53
C THR B 171 17.99 15.95 10.79
N GLY B 172 17.42 15.06 11.61
CA GLY B 172 18.07 14.53 12.79
C GLY B 172 18.42 15.63 13.79
N ALA B 173 19.61 15.52 14.37
CA ALA B 173 20.10 16.43 15.40
C ALA B 173 20.27 17.84 14.85
N ALA B 174 20.53 17.93 13.54
CA ALA B 174 20.69 19.21 12.86
C ALA B 174 19.37 19.99 12.91
N ALA B 175 18.27 19.28 12.61
CA ALA B 175 16.93 19.86 12.65
C ALA B 175 16.60 20.33 14.07
N ARG B 176 16.95 19.50 15.06
N ARG B 176 16.97 19.52 15.06
CA ARG B 176 16.69 19.78 16.46
CA ARG B 176 16.69 19.78 16.47
C ARG B 176 17.43 21.05 16.90
C ARG B 176 17.47 21.00 16.95
N ARG B 177 18.69 21.18 16.45
CA ARG B 177 19.53 22.30 16.82
C ARG B 177 19.05 23.60 16.20
N ALA B 178 18.39 23.50 15.03
CA ALA B 178 18.01 24.68 14.25
C ALA B 178 16.59 25.15 14.60
N VAL B 179 15.78 24.27 15.20
CA VAL B 179 14.35 24.50 15.30
C VAL B 179 13.93 24.78 16.74
N LEU B 180 14.50 24.02 17.69
CA LEU B 180 14.00 24.01 19.06
C LEU B 180 14.75 25.03 19.91
N VAL B 181 13.97 25.86 20.62
CA VAL B 181 14.50 26.77 21.62
C VAL B 181 15.23 25.94 22.67
N GLY B 182 16.44 26.39 23.05
CA GLY B 182 17.26 25.68 24.01
C GLY B 182 17.51 26.49 25.27
N ALA B 183 18.77 26.52 25.71
CA ALA B 183 19.16 27.09 26.99
C ALA B 183 19.22 28.61 26.93
N GLU B 184 19.18 29.17 25.71
CA GLU B 184 19.28 30.60 25.51
C GLU B 184 18.02 31.31 26.03
N ASP B 185 16.95 30.54 26.20
CA ASP B 185 15.69 31.03 26.74
C ASP B 185 14.99 29.87 27.46
N PRO B 186 15.52 29.43 28.63
CA PRO B 186 15.20 28.11 29.18
C PRO B 186 13.76 27.93 29.66
N ALA B 187 13.05 29.05 29.89
CA ALA B 187 11.66 29.04 30.31
C ALA B 187 10.77 28.51 29.19
N PHE B 188 11.27 28.56 27.95
CA PHE B 188 10.47 28.18 26.79
C PHE B 188 11.20 27.15 25.94
N ALA B 189 12.14 26.42 26.56
CA ALA B 189 12.83 25.32 25.90
C ALA B 189 11.81 24.35 25.32
N GLY B 190 12.09 23.89 24.10
CA GLY B 190 11.22 22.93 23.42
C GLY B 190 10.22 23.63 22.50
N GLY B 191 10.13 24.97 22.63
CA GLY B 191 9.29 25.78 21.77
C GLY B 191 9.98 26.07 20.43
N SER B 192 9.26 26.75 19.53
CA SER B 192 9.80 27.17 18.26
C SER B 192 9.05 28.40 17.75
N TYR B 193 9.62 29.05 16.72
CA TYR B 193 9.02 30.21 16.09
C TYR B 193 8.64 29.86 14.66
N ALA B 194 7.39 30.19 14.30
CA ALA B 194 6.85 29.91 12.97
C ALA B 194 6.57 31.23 12.24
N VAL B 195 7.02 31.31 10.99
CA VAL B 195 6.69 32.41 10.11
C VAL B 195 5.85 31.84 8.96
N VAL B 196 4.70 32.46 8.72
CA VAL B 196 3.80 32.02 7.67
C VAL B 196 3.65 33.14 6.64
N GLN B 197 3.68 32.76 5.35
CA GLN B 197 3.41 33.67 4.26
C GLN B 197 2.65 32.93 3.17
N LYS B 198 1.49 33.45 2.79
CA LYS B 198 0.74 32.93 1.66
C LYS B 198 1.21 33.65 0.39
N TYR B 199 1.75 32.87 -0.55
CA TYR B 199 2.26 33.39 -1.81
C TYR B 199 1.36 32.94 -2.95
N LEU B 200 1.02 33.88 -3.84
CA LEU B 200 0.33 33.59 -5.08
C LEU B 200 1.31 33.77 -6.25
N HIS B 201 1.26 32.86 -7.22
CA HIS B 201 2.23 32.86 -8.30
C HIS B 201 1.61 33.41 -9.58
N ASP B 202 2.43 34.14 -10.35
CA ASP B 202 2.10 34.53 -11.71
C ASP B 202 2.61 33.44 -12.64
N ILE B 203 1.79 32.39 -12.82
CA ILE B 203 2.16 31.20 -13.57
C ILE B 203 2.36 31.55 -15.05
N ASP B 204 1.49 32.42 -15.57
CA ASP B 204 1.55 32.88 -16.96
C ASP B 204 2.96 33.38 -17.29
N ALA B 205 3.48 34.30 -16.46
CA ALA B 205 4.77 34.91 -16.69
C ALA B 205 5.88 33.87 -16.56
N TRP B 206 5.74 32.99 -15.56
CA TRP B 206 6.72 31.97 -15.22
C TRP B 206 6.82 30.92 -16.33
N GLU B 207 5.68 30.59 -16.94
N GLU B 207 5.68 30.55 -16.91
CA GLU B 207 5.62 29.58 -17.99
CA GLU B 207 5.60 29.59 -18.01
C GLU B 207 6.09 30.19 -19.31
C GLU B 207 6.26 30.16 -19.26
N GLY B 208 6.45 31.48 -19.28
CA GLY B 208 6.98 32.19 -20.43
C GLY B 208 8.51 32.15 -20.49
N LEU B 209 9.13 31.73 -19.38
CA LEU B 209 10.56 31.52 -19.31
C LEU B 209 10.87 30.11 -19.83
N SER B 210 12.10 29.94 -20.34
CA SER B 210 12.62 28.61 -20.64
C SER B 210 12.96 27.92 -19.32
N VAL B 211 13.08 26.59 -19.36
CA VAL B 211 13.41 25.79 -18.18
C VAL B 211 14.73 26.27 -17.60
N GLU B 212 15.67 26.61 -18.49
CA GLU B 212 17.02 26.99 -18.10
C GLU B 212 16.99 28.36 -17.39
N ALA B 213 16.10 29.25 -17.84
CA ALA B 213 15.90 30.52 -17.18
C ALA B 213 15.32 30.32 -15.78
N GLN B 214 14.38 29.37 -15.67
CA GLN B 214 13.72 29.03 -14.41
C GLN B 214 14.73 28.47 -13.42
N GLU B 215 15.65 27.65 -13.93
CA GLU B 215 16.71 27.05 -13.11
C GLU B 215 17.61 28.13 -12.51
N ARG B 216 17.89 29.18 -13.29
N ARG B 216 17.88 29.18 -13.30
CA ARG B 216 18.76 30.26 -12.85
CA ARG B 216 18.74 30.28 -12.89
C ARG B 216 18.04 31.15 -11.84
C ARG B 216 18.04 31.16 -11.85
N VAL B 217 16.70 31.07 -11.81
CA VAL B 217 15.90 31.81 -10.84
C VAL B 217 15.93 31.06 -9.51
N ILE B 218 15.76 29.73 -9.56
CA ILE B 218 15.70 28.91 -8.36
C ILE B 218 17.13 28.67 -7.86
N GLY B 219 17.99 28.13 -8.74
CA GLY B 219 19.35 27.80 -8.38
C GLY B 219 19.57 26.29 -8.36
N ARG B 220 18.59 25.54 -8.90
CA ARG B 220 18.66 24.09 -8.96
C ARG B 220 18.09 23.64 -10.30
N ARG B 221 18.53 22.46 -10.75
CA ARG B 221 17.97 21.82 -11.95
C ARG B 221 16.52 21.47 -11.67
N LYS B 222 15.69 21.53 -12.71
CA LYS B 222 14.25 21.44 -12.52
C LYS B 222 13.80 19.99 -12.34
N MET B 223 14.17 19.12 -13.29
N MET B 223 14.19 19.13 -13.29
N MET B 223 14.16 19.14 -13.30
CA MET B 223 13.67 17.76 -13.30
CA MET B 223 13.72 17.77 -13.37
CA MET B 223 13.69 17.76 -13.31
C MET B 223 14.40 16.94 -12.22
C MET B 223 14.41 16.90 -12.31
C MET B 223 14.41 16.95 -12.24
N THR B 224 15.72 17.10 -12.15
CA THR B 224 16.57 16.24 -11.32
C THR B 224 16.76 16.79 -9.90
N ASP B 225 16.60 18.11 -9.72
CA ASP B 225 16.68 18.71 -8.39
C ASP B 225 18.12 18.80 -7.91
N VAL B 226 19.08 18.60 -8.82
CA VAL B 226 20.49 18.73 -8.50
C VAL B 226 20.84 20.22 -8.48
N GLU B 227 21.56 20.64 -7.43
CA GLU B 227 21.92 22.03 -7.22
C GLU B 227 22.93 22.47 -8.29
N LEU B 228 22.76 23.70 -8.78
CA LEU B 228 23.70 24.31 -9.72
C LEU B 228 25.03 24.55 -9.02
N SER B 229 26.13 24.34 -9.76
CA SER B 229 27.46 24.59 -9.25
C SER B 229 27.63 26.08 -8.91
N ASP B 230 28.58 26.37 -8.03
CA ASP B 230 28.69 27.67 -7.38
C ASP B 230 29.23 28.73 -8.33
N ASP B 231 29.57 28.34 -9.57
CA ASP B 231 30.12 29.27 -10.53
C ASP B 231 29.10 29.59 -11.62
N VAL B 232 27.94 28.93 -11.57
CA VAL B 232 26.88 29.14 -12.54
C VAL B 232 25.65 29.71 -11.82
N LYS B 233 25.55 29.44 -10.52
CA LYS B 233 24.43 29.85 -9.71
C LYS B 233 24.44 31.37 -9.54
N PRO B 234 23.42 32.10 -10.06
CA PRO B 234 23.35 33.55 -9.94
C PRO B 234 23.23 34.02 -8.48
N ALA B 235 23.74 35.22 -8.21
CA ALA B 235 23.73 35.79 -6.88
C ALA B 235 22.31 36.19 -6.47
N ASP B 236 21.43 36.39 -7.46
CA ASP B 236 20.06 36.80 -7.20
C ASP B 236 19.10 35.61 -7.29
N SER B 237 19.66 34.38 -7.30
CA SER B 237 18.84 33.18 -7.29
C SER B 237 18.33 32.92 -5.87
N HIS B 238 17.21 32.19 -5.78
CA HIS B 238 16.56 31.91 -4.51
C HIS B 238 17.54 31.22 -3.56
N VAL B 239 18.26 30.23 -4.07
CA VAL B 239 19.14 29.38 -3.25
C VAL B 239 20.35 30.18 -2.76
N ALA B 240 20.79 31.18 -3.54
CA ALA B 240 21.91 32.01 -3.16
C ALA B 240 21.55 32.92 -1.99
N LEU B 241 20.38 33.55 -2.07
CA LEU B 241 19.97 34.57 -1.11
C LEU B 241 19.46 33.94 0.19
N THR B 242 19.02 32.68 0.13
CA THR B 242 18.48 32.02 1.31
C THR B 242 19.55 31.13 1.94
N SER B 243 20.74 31.08 1.33
CA SER B 243 21.91 30.48 1.94
C SER B 243 22.62 31.54 2.78
N VAL B 244 22.54 31.37 4.11
CA VAL B 244 23.11 32.33 5.05
C VAL B 244 24.06 31.58 5.99
N THR B 245 25.30 32.08 6.08
CA THR B 245 26.28 31.55 7.00
C THR B 245 26.30 32.40 8.26
N GLY B 246 26.43 31.72 9.42
CA GLY B 246 26.38 32.38 10.71
C GLY B 246 27.78 32.70 11.25
N PRO B 247 27.90 33.11 12.53
CA PRO B 247 29.18 33.57 13.10
C PRO B 247 30.35 32.60 12.91
N ASP B 248 30.09 31.31 13.12
CA ASP B 248 31.13 30.29 13.19
C ASP B 248 31.46 29.74 11.80
N GLY B 249 30.71 30.18 10.78
CA GLY B 249 30.97 29.81 9.41
C GLY B 249 30.05 28.68 8.93
N SER B 250 29.21 28.18 9.83
CA SER B 250 28.23 27.14 9.53
C SER B 250 26.91 27.76 9.07
N ASP B 251 26.15 27.01 8.29
CA ASP B 251 24.92 27.47 7.65
C ASP B 251 23.84 27.71 8.70
N LEU B 252 23.09 28.81 8.51
CA LEU B 252 21.86 29.07 9.24
C LEU B 252 20.72 28.39 8.50
N GLU B 253 19.91 27.60 9.24
CA GLU B 253 18.92 26.74 8.63
C GLU B 253 17.55 26.96 9.27
N ILE B 254 16.50 26.74 8.46
CA ILE B 254 15.12 26.70 8.92
C ILE B 254 14.47 25.41 8.42
N LEU B 255 13.37 25.01 9.06
CA LEU B 255 12.61 23.84 8.62
C LEU B 255 11.34 24.33 7.93
N ARG B 256 11.16 23.93 6.67
CA ARG B 256 10.06 24.39 5.85
C ARG B 256 9.05 23.26 5.65
N ASP B 257 7.76 23.59 5.79
CA ASP B 257 6.69 22.64 5.57
C ASP B 257 5.74 23.17 4.48
N ASN B 258 6.32 23.75 3.42
CA ASN B 258 5.60 24.34 2.31
C ASN B 258 4.60 23.34 1.72
N MET B 259 3.40 23.84 1.42
CA MET B 259 2.39 23.06 0.74
C MET B 259 1.80 23.86 -0.41
N PRO B 260 1.68 23.27 -1.63
CA PRO B 260 0.93 23.89 -2.72
C PRO B 260 -0.56 23.99 -2.37
N PHE B 261 -1.23 24.97 -2.97
CA PHE B 261 -2.68 25.11 -2.89
C PHE B 261 -3.16 25.87 -4.12
N GLY B 262 -4.48 25.95 -4.29
CA GLY B 262 -5.00 26.81 -5.34
C GLY B 262 -6.41 26.45 -5.80
N SER B 263 -6.93 27.32 -6.65
CA SER B 263 -8.24 27.23 -7.28
C SER B 263 -8.06 27.54 -8.77
N VAL B 264 -8.45 26.58 -9.62
CA VAL B 264 -8.16 26.67 -11.05
C VAL B 264 -9.01 27.79 -11.66
N GLY B 265 -10.27 27.87 -11.23
CA GLY B 265 -11.24 28.83 -11.73
C GLY B 265 -10.80 30.28 -11.51
N ARG B 266 -10.24 30.57 -10.33
CA ARG B 266 -9.85 31.93 -9.96
C ARG B 266 -8.40 32.21 -10.34
N GLU B 267 -7.77 31.25 -11.04
CA GLU B 267 -6.37 31.31 -11.45
C GLU B 267 -5.49 31.62 -10.24
N GLU B 268 -5.72 30.89 -9.15
CA GLU B 268 -4.90 30.95 -7.95
C GLU B 268 -4.02 29.71 -7.88
N PHE B 269 -2.72 29.92 -8.07
CA PHE B 269 -1.73 28.87 -7.91
C PHE B 269 -0.74 29.35 -6.84
N GLY B 270 -0.73 28.66 -5.69
CA GLY B 270 -0.10 29.24 -4.52
C GLY B 270 0.91 28.31 -3.84
N THR B 271 1.85 28.93 -3.12
CA THR B 271 2.69 28.25 -2.15
C THR B 271 2.34 28.82 -0.78
N TYR B 272 2.04 27.92 0.17
CA TYR B 272 1.85 28.34 1.54
C TYR B 272 3.17 28.12 2.28
N PHE B 273 3.86 29.23 2.59
CA PHE B 273 5.17 29.15 3.21
C PHE B 273 5.01 29.09 4.73
N ILE B 274 5.61 28.08 5.35
CA ILE B 274 5.77 28.04 6.79
C ILE B 274 7.17 27.54 7.12
N GLY B 275 7.88 28.34 7.92
CA GLY B 275 9.24 28.03 8.33
C GLY B 275 9.37 28.05 9.85
N TYR B 276 9.95 26.98 10.39
CA TYR B 276 10.25 26.88 11.82
C TYR B 276 11.74 27.19 12.04
N ALA B 277 12.01 27.91 13.13
CA ALA B 277 13.36 28.26 13.56
C ALA B 277 13.36 28.51 15.06
N ARG B 278 14.51 28.27 15.70
CA ARG B 278 14.62 28.43 17.14
C ARG B 278 14.61 29.91 17.52
N THR B 279 14.96 30.77 16.55
CA THR B 279 14.89 32.21 16.70
C THR B 279 14.39 32.82 15.40
N PRO B 280 13.49 33.83 15.46
CA PRO B 280 12.94 34.46 14.26
C PRO B 280 14.00 35.17 13.42
N GLU B 281 15.15 35.45 14.05
CA GLU B 281 16.20 36.28 13.47
C GLU B 281 16.76 35.64 12.21
N VAL B 282 16.77 34.30 12.17
CA VAL B 282 17.28 33.54 11.03
C VAL B 282 16.34 33.75 9.84
N THR B 283 15.04 33.51 10.06
CA THR B 283 14.04 33.60 9.02
C THR B 283 13.97 35.04 8.50
N GLU B 284 14.15 35.99 9.41
CA GLU B 284 14.04 37.41 9.11
C GLU B 284 15.22 37.88 8.27
N THR B 285 16.42 37.33 8.54
CA THR B 285 17.60 37.64 7.75
C THR B 285 17.34 37.21 6.30
N MET B 286 16.80 35.99 6.14
CA MET B 286 16.50 35.45 4.83
C MET B 286 15.48 36.33 4.12
N LEU B 287 14.48 36.80 4.87
CA LEU B 287 13.43 37.63 4.31
C LEU B 287 14.00 38.96 3.86
N GLU B 288 14.89 39.54 4.69
CA GLU B 288 15.51 40.83 4.40
C GLU B 288 16.31 40.74 3.10
N ARG B 289 17.11 39.69 2.99
CA ARG B 289 17.94 39.46 1.81
C ARG B 289 17.04 39.31 0.58
N MET B 290 15.92 38.61 0.74
CA MET B 290 15.01 38.33 -0.35
C MET B 290 14.34 39.61 -0.83
N PHE B 291 13.85 40.42 0.12
CA PHE B 291 12.96 41.54 -0.18
C PHE B 291 13.74 42.84 -0.36
N LEU B 292 14.71 43.10 0.53
CA LEU B 292 15.45 44.35 0.47
C LEU B 292 16.59 44.21 -0.53
N GLY B 293 17.18 43.01 -0.61
CA GLY B 293 18.32 42.76 -1.47
C GLY B 293 19.64 42.91 -0.72
N THR B 294 20.74 42.57 -1.40
CA THR B 294 22.08 42.79 -0.89
C THR B 294 22.81 43.73 -1.85
N ALA B 295 24.13 43.84 -1.69
CA ALA B 295 24.96 44.58 -2.62
C ALA B 295 25.09 43.81 -3.94
N SER B 296 25.02 42.48 -3.86
CA SER B 296 25.26 41.60 -4.98
C SER B 296 23.98 41.32 -5.76
N ALA B 297 22.83 41.50 -5.09
CA ALA B 297 21.54 41.06 -5.63
C ALA B 297 20.47 42.11 -5.34
N PRO B 298 19.82 42.68 -6.39
CA PRO B 298 18.74 43.64 -6.19
C PRO B 298 17.63 43.12 -5.28
N HIS B 299 17.18 41.89 -5.58
CA HIS B 299 16.21 41.15 -4.80
C HIS B 299 16.18 39.71 -5.29
N ASP B 300 15.38 38.88 -4.62
CA ASP B 300 15.21 37.48 -4.99
C ASP B 300 14.31 37.39 -6.21
N ARG B 301 14.80 36.73 -7.25
CA ARG B 301 14.12 36.64 -8.54
C ARG B 301 12.81 35.86 -8.41
N ILE B 302 12.67 35.05 -7.34
CA ILE B 302 11.46 34.27 -7.13
C ILE B 302 10.29 35.20 -6.84
N LEU B 303 10.58 36.42 -6.37
CA LEU B 303 9.56 37.39 -6.01
C LEU B 303 8.97 38.04 -7.26
N ASP B 304 9.67 37.92 -8.39
CA ASP B 304 9.18 38.45 -9.66
C ASP B 304 8.01 37.61 -10.18
N PHE B 305 7.74 36.48 -9.51
CA PHE B 305 6.69 35.57 -9.94
C PHE B 305 5.83 35.16 -8.75
N SER B 306 6.06 35.81 -7.60
CA SER B 306 5.39 35.44 -6.36
C SER B 306 5.10 36.69 -5.54
N THR B 307 3.83 36.84 -5.13
N THR B 307 3.82 36.88 -5.16
CA THR B 307 3.38 37.95 -4.30
CA THR B 307 3.43 37.98 -4.29
C THR B 307 2.88 37.40 -2.97
C THR B 307 2.89 37.40 -2.97
N ALA B 308 3.43 37.91 -1.86
CA ALA B 308 2.98 37.53 -0.52
C ALA B 308 1.74 38.35 -0.16
N VAL B 309 0.71 37.66 0.34
CA VAL B 309 -0.56 38.32 0.62
C VAL B 309 -0.87 38.23 2.12
N THR B 310 -0.20 37.33 2.83
CA THR B 310 -0.26 37.29 4.28
C THR B 310 1.16 37.25 4.84
N GLY B 311 1.28 37.50 6.15
CA GLY B 311 2.55 37.51 6.83
C GLY B 311 2.35 37.61 8.33
N SER B 312 2.59 36.49 9.03
CA SER B 312 2.41 36.43 10.47
C SER B 312 3.54 35.63 11.11
N LEU B 313 3.79 35.92 12.39
CA LEU B 313 4.82 35.25 13.18
C LEU B 313 4.17 34.71 14.46
N PHE B 314 4.52 33.47 14.81
CA PHE B 314 3.89 32.82 15.96
C PHE B 314 4.97 32.15 16.80
N PHE B 315 4.70 32.02 18.10
CA PHE B 315 5.49 31.14 18.94
C PHE B 315 4.73 29.84 19.13
N THR B 316 5.41 28.71 18.91
CA THR B 316 4.81 27.40 19.10
C THR B 316 5.41 26.78 20.35
N PRO B 317 4.76 26.96 21.53
CA PRO B 317 5.35 26.52 22.80
C PRO B 317 5.45 25.00 22.88
N ALA B 318 6.28 24.52 23.81
CA ALA B 318 6.39 23.11 24.12
C ALA B 318 5.01 22.56 24.49
N ALA B 319 4.79 21.28 24.19
CA ALA B 319 3.50 20.64 24.33
C ALA B 319 2.98 20.73 25.77
N ASP B 320 3.90 20.60 26.74
CA ASP B 320 3.52 20.56 28.15
C ASP B 320 3.18 21.97 28.66
N PHE B 321 3.56 22.99 27.90
CA PHE B 321 3.15 24.35 28.24
C PHE B 321 1.65 24.48 28.03
N LEU B 322 1.14 23.95 26.91
CA LEU B 322 -0.27 24.03 26.56
C LEU B 322 -1.12 23.26 27.56
N GLU B 323 -0.55 22.18 28.11
CA GLU B 323 -1.29 21.22 28.92
C GLU B 323 -1.59 21.82 30.29
N ASP B 324 -0.62 22.58 30.83
CA ASP B 324 -0.72 23.21 32.13
C ASP B 324 -1.42 24.56 31.98
N LEU B 325 -2.71 24.53 31.63
CA LEU B 325 -3.42 25.73 31.26
C LEU B 325 -4.93 25.53 31.47
N GLU C 20 -30.78 -12.37 -18.96
CA GLU C 20 -29.38 -12.68 -18.57
C GLU C 20 -29.29 -12.61 -17.03
N PRO C 21 -29.22 -13.77 -16.34
CA PRO C 21 -29.20 -13.79 -14.87
C PRO C 21 -27.84 -13.49 -14.24
N GLU C 22 -27.87 -12.84 -13.08
CA GLU C 22 -26.67 -12.48 -12.35
C GLU C 22 -26.37 -13.53 -11.29
N PRO C 23 -25.17 -14.18 -11.34
CA PRO C 23 -24.75 -15.12 -10.29
C PRO C 23 -24.25 -14.38 -9.05
N GLN C 24 -24.15 -15.14 -7.94
CA GLN C 24 -23.42 -14.69 -6.77
C GLN C 24 -21.93 -14.68 -7.09
N MET C 25 -21.10 -14.31 -6.11
CA MET C 25 -19.67 -14.13 -6.32
C MET C 25 -18.93 -15.46 -6.23
N VAL C 26 -19.45 -16.48 -6.96
CA VAL C 26 -18.88 -17.81 -6.92
C VAL C 26 -17.59 -17.87 -7.75
N LEU C 27 -17.38 -16.87 -8.62
CA LEU C 27 -16.23 -16.85 -9.50
C LEU C 27 -15.12 -15.97 -8.92
N SER C 28 -15.45 -15.21 -7.87
CA SER C 28 -14.52 -14.31 -7.19
C SER C 28 -13.23 -15.03 -6.79
N PRO C 29 -12.06 -14.34 -6.87
CA PRO C 29 -10.80 -14.92 -6.43
C PRO C 29 -10.70 -15.07 -4.91
N LEU C 30 -9.66 -15.78 -4.46
CA LEU C 30 -9.38 -16.04 -3.07
C LEU C 30 -9.00 -14.74 -2.37
N THR C 31 -9.37 -14.61 -1.09
CA THR C 31 -9.06 -13.43 -0.30
C THR C 31 -8.20 -13.84 0.90
N SER C 32 -7.75 -12.85 1.67
CA SER C 32 -6.83 -13.13 2.78
C SER C 32 -7.58 -13.50 4.06
N ALA C 33 -8.89 -13.23 4.10
CA ALA C 33 -9.71 -13.61 5.24
C ALA C 33 -11.02 -14.22 4.75
N ALA C 34 -11.63 -15.07 5.60
CA ALA C 34 -12.89 -15.73 5.28
C ALA C 34 -13.57 -16.23 6.56
N ILE C 35 -14.91 -16.25 6.52
CA ILE C 35 -15.71 -16.92 7.53
C ILE C 35 -16.66 -17.88 6.83
N PHE C 36 -16.71 -19.12 7.34
CA PHE C 36 -17.67 -20.11 6.88
C PHE C 36 -18.67 -20.37 8.00
N LEU C 37 -19.95 -20.17 7.70
CA LEU C 37 -21.04 -20.43 8.63
C LEU C 37 -21.93 -21.54 8.07
N VAL C 38 -22.12 -22.59 8.87
CA VAL C 38 -23.07 -23.63 8.53
C VAL C 38 -24.09 -23.73 9.66
N VAL C 39 -25.37 -23.58 9.30
CA VAL C 39 -26.45 -23.61 10.28
C VAL C 39 -27.56 -24.53 9.76
N THR C 40 -28.35 -25.05 10.71
CA THR C 40 -29.60 -25.74 10.39
C THR C 40 -30.78 -24.87 10.84
N ILE C 41 -31.90 -25.00 10.13
CA ILE C 41 -33.09 -24.21 10.38
C ILE C 41 -33.95 -24.94 11.40
N ASP C 42 -34.24 -24.24 12.51
CA ASP C 42 -35.05 -24.78 13.60
C ASP C 42 -36.50 -24.93 13.14
N SER C 43 -37.33 -25.51 14.01
CA SER C 43 -38.77 -25.63 13.78
C SER C 43 -39.39 -24.24 13.63
N GLY C 44 -40.12 -24.06 12.53
CA GLY C 44 -40.89 -22.85 12.28
C GLY C 44 -40.02 -21.65 11.93
N GLY C 45 -38.77 -21.91 11.51
CA GLY C 45 -37.80 -20.86 11.25
C GLY C 45 -37.80 -20.41 9.79
N GLU C 46 -38.68 -21.01 8.98
CA GLU C 46 -38.69 -20.83 7.53
C GLU C 46 -38.88 -19.36 7.17
N ASP C 47 -39.89 -18.71 7.79
CA ASP C 47 -40.27 -17.35 7.47
C ASP C 47 -39.11 -16.40 7.71
N THR C 48 -38.48 -16.52 8.89
CA THR C 48 -37.36 -15.69 9.29
C THR C 48 -36.22 -15.85 8.27
N VAL C 49 -35.99 -17.09 7.84
CA VAL C 49 -34.92 -17.42 6.91
C VAL C 49 -35.20 -16.82 5.53
N ARG C 50 -36.46 -16.90 5.08
N ARG C 50 -36.48 -16.86 5.13
CA ARG C 50 -36.84 -16.47 3.75
CA ARG C 50 -36.92 -16.48 3.80
C ARG C 50 -36.55 -14.99 3.55
C ARG C 50 -36.62 -15.01 3.55
N ASP C 51 -36.94 -14.16 4.53
CA ASP C 51 -36.80 -12.72 4.39
C ASP C 51 -35.39 -12.26 4.80
N LEU C 52 -34.60 -13.18 5.36
CA LEU C 52 -33.17 -12.93 5.48
C LEU C 52 -32.54 -13.05 4.09
N LEU C 53 -32.91 -14.12 3.38
CA LEU C 53 -32.36 -14.43 2.07
C LEU C 53 -32.59 -13.27 1.11
N SER C 54 -33.72 -12.59 1.28
CA SER C 54 -34.08 -11.47 0.43
C SER C 54 -33.26 -10.22 0.78
N ASP C 55 -32.65 -10.21 1.97
CA ASP C 55 -31.95 -9.05 2.48
C ASP C 55 -30.43 -9.28 2.50
N VAL C 56 -29.99 -10.47 2.09
CA VAL C 56 -28.61 -10.87 2.28
C VAL C 56 -27.70 -9.97 1.45
N ALA C 57 -28.07 -9.73 0.19
CA ALA C 57 -27.31 -8.88 -0.72
C ALA C 57 -27.30 -7.44 -0.21
N SER C 58 -28.44 -7.02 0.36
CA SER C 58 -28.60 -5.71 0.95
C SER C 58 -27.67 -5.53 2.15
N LEU C 59 -27.59 -6.54 3.01
CA LEU C 59 -26.71 -6.53 4.17
C LEU C 59 -25.25 -6.52 3.74
N GLU C 60 -24.97 -7.15 2.59
CA GLU C 60 -23.63 -7.28 2.04
C GLU C 60 -23.10 -5.90 1.65
N ARG C 61 -23.94 -5.10 0.97
CA ARG C 61 -23.55 -3.77 0.52
C ARG C 61 -23.47 -2.82 1.72
N ALA C 62 -24.31 -3.05 2.73
CA ALA C 62 -24.39 -2.18 3.89
C ALA C 62 -23.05 -2.13 4.61
N VAL C 63 -22.37 -3.27 4.68
CA VAL C 63 -21.09 -3.39 5.36
C VAL C 63 -19.96 -3.12 4.36
N GLY C 64 -20.10 -3.69 3.15
CA GLY C 64 -19.05 -3.68 2.15
C GLY C 64 -18.66 -2.27 1.70
N PHE C 65 -19.66 -1.38 1.58
CA PHE C 65 -19.44 -0.07 0.98
C PHE C 65 -18.57 0.80 1.88
N ARG C 66 -18.46 0.42 3.16
CA ARG C 66 -17.67 1.14 4.14
C ARG C 66 -16.18 1.00 3.83
N ALA C 67 -15.81 -0.03 3.05
CA ALA C 67 -14.41 -0.34 2.80
C ALA C 67 -14.09 -0.37 1.31
N GLN C 68 -14.69 0.56 0.55
CA GLN C 68 -14.29 0.83 -0.82
C GLN C 68 -12.86 1.36 -0.84
N PRO C 69 -12.01 0.95 -1.82
CA PRO C 69 -12.33 -0.12 -2.76
C PRO C 69 -11.61 -1.44 -2.51
N ASP C 70 -10.88 -1.52 -1.39
CA ASP C 70 -9.94 -2.60 -1.15
C ASP C 70 -10.55 -3.68 -0.25
N GLY C 71 -11.82 -3.51 0.11
CA GLY C 71 -12.51 -4.41 1.02
C GLY C 71 -12.71 -5.80 0.43
N ARG C 72 -13.25 -5.84 -0.80
CA ARG C 72 -13.47 -7.06 -1.56
C ARG C 72 -14.38 -8.01 -0.77
N LEU C 73 -15.33 -7.43 -0.03
CA LEU C 73 -16.28 -8.19 0.76
C LEU C 73 -17.30 -8.85 -0.17
N SER C 74 -17.59 -10.12 0.09
CA SER C 74 -18.63 -10.86 -0.61
C SER C 74 -19.22 -11.91 0.32
N CYS C 75 -20.50 -12.24 0.07
CA CYS C 75 -21.15 -13.35 0.74
C CYS C 75 -21.84 -14.22 -0.31
N VAL C 76 -21.52 -15.52 -0.29
CA VAL C 76 -22.21 -16.50 -1.10
C VAL C 76 -23.08 -17.35 -0.16
N THR C 77 -24.38 -17.42 -0.47
CA THR C 77 -25.34 -18.16 0.34
C THR C 77 -25.71 -19.46 -0.38
N GLY C 78 -25.65 -20.56 0.38
CA GLY C 78 -26.02 -21.88 -0.13
C GLY C 78 -27.20 -22.47 0.66
N ILE C 79 -27.98 -23.30 -0.02
CA ILE C 79 -29.15 -23.93 0.57
C ILE C 79 -29.09 -25.43 0.29
N GLY C 80 -29.27 -26.23 1.35
CA GLY C 80 -29.21 -27.68 1.28
C GLY C 80 -30.47 -28.29 0.68
N SER C 81 -30.40 -29.60 0.41
CA SER C 81 -31.45 -30.36 -0.24
C SER C 81 -32.73 -30.37 0.59
N GLU C 82 -32.61 -30.82 1.84
CA GLU C 82 -33.72 -30.89 2.77
C GLU C 82 -34.33 -29.51 2.99
N ALA C 83 -33.44 -28.51 3.17
CA ALA C 83 -33.82 -27.14 3.48
C ALA C 83 -34.64 -26.55 2.34
N TRP C 84 -34.24 -26.87 1.10
CA TRP C 84 -34.86 -26.31 -0.10
C TRP C 84 -36.36 -26.54 -0.11
N ASP C 85 -36.77 -27.77 0.25
CA ASP C 85 -38.15 -28.21 0.16
C ASP C 85 -39.00 -27.50 1.22
N ARG C 86 -38.37 -27.13 2.33
CA ARG C 86 -39.04 -26.46 3.43
C ARG C 86 -39.28 -24.99 3.09
N LEU C 87 -38.43 -24.43 2.21
CA LEU C 87 -38.42 -23.00 1.97
C LEU C 87 -39.21 -22.64 0.72
N PHE C 88 -39.13 -23.49 -0.31
CA PHE C 88 -39.63 -23.11 -1.62
C PHE C 88 -40.59 -24.16 -2.17
N SER C 89 -41.73 -23.70 -2.65
CA SER C 89 -42.61 -24.47 -3.52
C SER C 89 -42.15 -24.27 -4.96
N GLY C 90 -42.28 -25.31 -5.78
CA GLY C 90 -41.89 -25.22 -7.17
C GLY C 90 -40.69 -26.11 -7.48
N ALA C 91 -39.99 -25.76 -8.56
CA ALA C 91 -38.95 -26.59 -9.14
C ALA C 91 -37.76 -26.70 -8.18
N ARG C 92 -37.01 -27.80 -8.33
CA ARG C 92 -35.78 -28.02 -7.61
C ARG C 92 -34.61 -27.99 -8.59
N PRO C 93 -33.41 -27.51 -8.17
CA PRO C 93 -32.19 -27.71 -8.95
C PRO C 93 -32.00 -29.20 -9.22
N ALA C 94 -31.62 -29.52 -10.45
CA ALA C 94 -31.62 -30.89 -10.95
C ALA C 94 -30.65 -31.77 -10.16
N GLY C 95 -29.59 -31.17 -9.61
CA GLY C 95 -28.51 -31.93 -8.99
C GLY C 95 -28.48 -31.84 -7.47
N LEU C 96 -29.52 -31.23 -6.88
CA LEU C 96 -29.50 -30.99 -5.44
C LEU C 96 -29.92 -32.25 -4.69
N HIS C 97 -29.03 -32.72 -3.79
CA HIS C 97 -29.30 -33.86 -2.93
C HIS C 97 -28.41 -33.76 -1.69
N PRO C 98 -28.69 -34.56 -0.63
CA PRO C 98 -27.80 -34.61 0.54
C PRO C 98 -26.42 -35.14 0.18
N PHE C 99 -25.40 -34.65 0.90
CA PHE C 99 -24.03 -35.10 0.71
C PHE C 99 -23.97 -36.62 0.93
N ARG C 100 -23.33 -37.32 -0.01
CA ARG C 100 -23.27 -38.77 0.04
C ARG C 100 -22.04 -39.18 0.85
N GLU C 101 -22.29 -39.81 2.01
CA GLU C 101 -21.22 -40.34 2.83
C GLU C 101 -20.49 -41.42 2.05
N LEU C 102 -19.15 -41.41 2.14
CA LEU C 102 -18.33 -42.41 1.48
C LEU C 102 -17.50 -43.13 2.55
N ASP C 103 -17.84 -44.41 2.78
CA ASP C 103 -17.12 -45.23 3.74
C ASP C 103 -16.12 -46.11 2.99
N GLY C 104 -14.90 -45.59 2.83
CA GLY C 104 -13.83 -46.33 2.17
C GLY C 104 -13.27 -47.41 3.09
N PRO C 105 -12.43 -48.34 2.56
CA PRO C 105 -11.81 -49.37 3.39
C PRO C 105 -10.95 -48.83 4.53
N VAL C 106 -10.44 -47.60 4.37
CA VAL C 106 -9.56 -46.99 5.35
C VAL C 106 -10.12 -45.63 5.80
N HIS C 107 -10.48 -44.79 4.82
CA HIS C 107 -10.87 -43.41 5.09
C HIS C 107 -12.34 -43.21 4.73
N ARG C 108 -13.04 -42.41 5.55
CA ARG C 108 -14.44 -42.12 5.32
C ARG C 108 -14.68 -40.63 5.16
N ALA C 109 -15.48 -40.28 4.15
CA ALA C 109 -15.98 -38.93 3.96
C ALA C 109 -17.35 -38.82 4.63
N VAL C 110 -17.35 -38.28 5.86
CA VAL C 110 -18.55 -38.20 6.67
C VAL C 110 -19.52 -37.19 6.08
N ALA C 111 -20.80 -37.33 6.44
CA ALA C 111 -21.83 -36.35 6.17
C ALA C 111 -22.31 -35.78 7.51
N THR C 112 -22.51 -34.47 7.55
CA THR C 112 -22.98 -33.79 8.75
C THR C 112 -24.13 -32.86 8.39
N PRO C 113 -25.00 -32.48 9.36
CA PRO C 113 -26.13 -31.61 9.08
C PRO C 113 -25.72 -30.18 8.70
N GLY C 114 -26.54 -29.55 7.86
CA GLY C 114 -26.33 -28.20 7.37
C GLY C 114 -27.40 -27.81 6.36
N ASP C 115 -28.16 -26.76 6.68
CA ASP C 115 -29.27 -26.32 5.86
C ASP C 115 -28.87 -25.11 5.03
N LEU C 116 -28.09 -24.21 5.65
CA LEU C 116 -27.66 -22.97 5.03
C LEU C 116 -26.14 -22.84 5.13
N LEU C 117 -25.52 -22.36 4.04
CA LEU C 117 -24.11 -22.00 4.05
C LEU C 117 -23.98 -20.51 3.79
N PHE C 118 -23.15 -19.85 4.61
CA PHE C 118 -22.71 -18.50 4.32
C PHE C 118 -21.19 -18.53 4.15
N HIS C 119 -20.74 -18.31 2.91
CA HIS C 119 -19.33 -18.21 2.58
C HIS C 119 -18.98 -16.73 2.43
N ILE C 120 -18.32 -16.18 3.45
CA ILE C 120 -18.01 -14.76 3.51
C ILE C 120 -16.51 -14.56 3.36
N ARG C 121 -16.13 -13.68 2.42
CA ARG C 121 -14.73 -13.38 2.12
C ARG C 121 -14.53 -11.87 2.06
N ALA C 122 -13.31 -11.44 2.43
CA ALA C 122 -12.88 -10.05 2.35
C ALA C 122 -11.37 -10.00 2.54
N SER C 123 -10.78 -8.82 2.31
CA SER C 123 -9.35 -8.64 2.48
C SER C 123 -9.00 -8.46 3.96
N ARG C 124 -10.02 -8.26 4.81
CA ARG C 124 -9.86 -8.12 6.24
C ARG C 124 -10.98 -8.85 6.97
N LEU C 125 -10.68 -9.33 8.18
CA LEU C 125 -11.58 -10.19 8.94
C LEU C 125 -12.74 -9.39 9.53
N ASP C 126 -12.48 -8.11 9.87
CA ASP C 126 -13.48 -7.27 10.51
C ASP C 126 -14.74 -7.20 9.65
N LEU C 127 -14.56 -7.02 8.34
CA LEU C 127 -15.66 -6.95 7.40
C LEU C 127 -16.44 -8.26 7.42
N CYS C 128 -15.73 -9.38 7.40
CA CYS C 128 -16.34 -10.70 7.43
C CYS C 128 -17.17 -10.84 8.71
N PHE C 129 -16.57 -10.45 9.84
CA PHE C 129 -17.18 -10.65 11.14
C PHE C 129 -18.41 -9.76 11.27
N ALA C 130 -18.30 -8.51 10.78
CA ALA C 130 -19.39 -7.55 10.87
C ALA C 130 -20.60 -8.06 10.09
N LEU C 131 -20.36 -8.63 8.90
CA LEU C 131 -21.43 -9.13 8.05
C LEU C 131 -22.07 -10.35 8.72
N ALA C 132 -21.23 -11.27 9.21
CA ALA C 132 -21.67 -12.46 9.91
C ALA C 132 -22.56 -12.10 11.11
N THR C 133 -22.21 -11.00 11.80
CA THR C 133 -22.93 -10.54 12.98
C THR C 133 -24.35 -10.11 12.59
N GLU C 134 -24.45 -9.41 11.46
CA GLU C 134 -25.71 -8.91 10.95
C GLU C 134 -26.59 -10.09 10.50
N ILE C 135 -25.98 -11.05 9.80
CA ILE C 135 -26.68 -12.21 9.29
C ILE C 135 -27.28 -12.99 10.46
N MET C 136 -26.43 -13.31 11.45
CA MET C 136 -26.83 -14.17 12.55
C MET C 136 -27.75 -13.42 13.51
N GLY C 137 -27.64 -12.08 13.54
CA GLY C 137 -28.53 -11.24 14.33
C GLY C 137 -29.98 -11.37 13.86
N ARG C 138 -30.15 -11.44 12.53
CA ARG C 138 -31.45 -11.56 11.90
C ARG C 138 -31.99 -12.98 12.05
N LEU C 139 -31.10 -13.94 12.34
CA LEU C 139 -31.47 -15.35 12.36
C LEU C 139 -31.62 -15.88 13.79
N ARG C 140 -31.36 -15.02 14.79
CA ARG C 140 -31.38 -15.46 16.18
C ARG C 140 -32.72 -16.10 16.52
N GLY C 141 -32.65 -17.33 17.04
CA GLY C 141 -33.83 -18.05 17.50
C GLY C 141 -34.50 -18.84 16.39
N ALA C 142 -33.95 -18.78 15.17
CA ALA C 142 -34.54 -19.45 14.03
C ALA C 142 -33.63 -20.55 13.50
N VAL C 143 -32.34 -20.48 13.89
CA VAL C 143 -31.33 -21.40 13.36
C VAL C 143 -30.50 -21.94 14.52
N THR C 144 -29.84 -23.08 14.26
CA THR C 144 -28.85 -23.64 15.18
C THR C 144 -27.51 -23.71 14.45
N PRO C 145 -26.43 -23.15 15.04
CA PRO C 145 -25.10 -23.18 14.41
C PRO C 145 -24.50 -24.59 14.45
N GLN C 146 -24.00 -25.03 13.29
CA GLN C 146 -23.32 -26.32 13.20
C GLN C 146 -21.82 -26.10 13.16
N ASP C 147 -21.37 -25.15 12.33
CA ASP C 147 -19.94 -24.94 12.13
C ASP C 147 -19.65 -23.47 11.87
N GLU C 148 -18.54 -23.00 12.44
CA GLU C 148 -18.03 -21.67 12.19
C GLU C 148 -16.50 -21.73 12.14
N VAL C 149 -15.92 -21.23 11.05
CA VAL C 149 -14.49 -21.28 10.82
C VAL C 149 -14.02 -19.90 10.36
N HIS C 150 -12.93 -19.42 10.98
CA HIS C 150 -12.28 -18.19 10.57
C HIS C 150 -10.97 -18.54 9.86
N GLY C 151 -11.00 -18.46 8.53
CA GLY C 151 -9.85 -18.78 7.69
C GLY C 151 -8.93 -17.57 7.53
N PHE C 152 -7.63 -17.84 7.39
CA PHE C 152 -6.64 -16.80 7.18
C PHE C 152 -5.65 -17.26 6.12
N LYS C 153 -5.22 -16.32 5.28
CA LYS C 153 -4.15 -16.55 4.31
C LYS C 153 -2.88 -16.91 5.07
N TYR C 154 -2.10 -17.85 4.51
CA TYR C 154 -0.92 -18.37 5.17
C TYR C 154 0.27 -18.27 4.21
N PHE C 155 1.07 -17.21 4.42
CA PHE C 155 2.23 -16.89 3.59
C PHE C 155 1.79 -16.77 2.13
N ASP C 156 2.59 -17.33 1.22
CA ASP C 156 2.39 -17.18 -0.21
C ASP C 156 1.37 -18.21 -0.70
N GLU C 157 0.14 -18.10 -0.17
CA GLU C 157 -1.03 -18.86 -0.59
C GLU C 157 -0.87 -20.33 -0.23
N ARG C 158 -0.27 -20.60 0.94
CA ARG C 158 0.01 -21.98 1.34
C ARG C 158 -1.12 -22.51 2.21
N ASP C 159 -1.17 -23.84 2.33
CA ASP C 159 -2.06 -24.53 3.24
C ASP C 159 -1.24 -25.01 4.45
N MET C 160 -1.91 -25.69 5.38
CA MET C 160 -1.28 -26.11 6.62
C MET C 160 -0.24 -27.21 6.38
N LEU C 161 -0.23 -27.75 5.15
CA LEU C 161 0.73 -28.79 4.78
C LEU C 161 2.00 -28.15 4.20
N GLY C 162 1.97 -26.84 3.99
CA GLY C 162 3.14 -26.09 3.54
C GLY C 162 3.23 -26.00 2.01
N PHE C 163 2.12 -26.32 1.33
CA PHE C 163 2.09 -26.29 -0.12
C PHE C 163 1.18 -25.15 -0.59
N VAL C 164 1.56 -24.52 -1.71
CA VAL C 164 0.75 -23.52 -2.38
C VAL C 164 -0.54 -24.22 -2.84
N ASP C 165 -1.69 -23.58 -2.56
CA ASP C 165 -2.98 -24.26 -2.67
C ASP C 165 -3.95 -23.39 -3.49
N GLY C 166 -4.30 -23.88 -4.68
CA GLY C 166 -5.30 -23.23 -5.52
C GLY C 166 -4.76 -22.90 -6.91
N THR C 167 -3.52 -23.31 -7.17
CA THR C 167 -2.76 -22.98 -8.37
C THR C 167 -3.58 -23.25 -9.63
N GLU C 168 -4.22 -24.42 -9.68
CA GLU C 168 -4.80 -24.94 -10.92
C GLU C 168 -6.30 -24.61 -11.01
N ASN C 169 -6.79 -23.72 -10.14
CA ASN C 169 -8.15 -23.22 -10.27
C ASN C 169 -8.34 -22.67 -11.69
N PRO C 170 -9.46 -22.98 -12.37
CA PRO C 170 -9.75 -22.39 -13.67
C PRO C 170 -9.98 -20.89 -13.55
N THR C 171 -9.69 -20.15 -14.63
CA THR C 171 -9.88 -18.70 -14.67
C THR C 171 -10.72 -18.34 -15.89
N GLY C 172 -11.39 -17.18 -15.81
CA GLY C 172 -12.09 -16.58 -16.93
C GLY C 172 -13.20 -17.47 -17.46
N ALA C 173 -13.18 -17.71 -18.79
CA ALA C 173 -14.24 -18.41 -19.49
C ALA C 173 -14.28 -19.88 -19.06
N ALA C 174 -13.11 -20.46 -18.83
CA ALA C 174 -12.97 -21.84 -18.40
C ALA C 174 -13.65 -22.05 -17.05
N ALA C 175 -13.49 -21.07 -16.16
CA ALA C 175 -14.08 -21.11 -14.82
C ALA C 175 -15.59 -20.95 -14.91
N ARG C 176 -16.03 -20.05 -15.80
CA ARG C 176 -17.44 -19.75 -15.98
C ARG C 176 -18.20 -21.00 -16.42
N ARG C 177 -17.57 -21.79 -17.31
CA ARG C 177 -18.23 -22.96 -17.88
C ARG C 177 -18.16 -24.13 -16.91
N ALA C 178 -17.20 -24.10 -15.99
CA ALA C 178 -16.99 -25.19 -15.04
C ALA C 178 -17.89 -25.03 -13.81
N VAL C 179 -18.30 -23.79 -13.52
CA VAL C 179 -18.86 -23.46 -12.22
C VAL C 179 -20.36 -23.13 -12.32
N LEU C 180 -20.77 -22.45 -13.41
CA LEU C 180 -22.11 -21.90 -13.50
C LEU C 180 -23.07 -22.86 -14.21
N VAL C 181 -24.26 -23.02 -13.61
CA VAL C 181 -25.36 -23.77 -14.21
C VAL C 181 -25.82 -23.02 -15.46
N GLY C 182 -26.01 -23.76 -16.56
CA GLY C 182 -26.42 -23.18 -17.82
C GLY C 182 -27.73 -23.78 -18.34
N ALA C 183 -27.73 -24.16 -19.62
CA ALA C 183 -28.93 -24.56 -20.35
C ALA C 183 -29.36 -25.97 -19.96
N GLU C 184 -28.53 -26.68 -19.19
CA GLU C 184 -28.84 -28.04 -18.76
C GLU C 184 -29.96 -28.01 -17.71
N ASP C 185 -30.16 -26.85 -17.08
CA ASP C 185 -31.18 -26.66 -16.06
C ASP C 185 -31.61 -25.19 -16.11
N PRO C 186 -32.29 -24.76 -17.20
CA PRO C 186 -32.46 -23.33 -17.50
C PRO C 186 -33.06 -22.45 -16.40
N ALA C 187 -33.88 -23.05 -15.53
CA ALA C 187 -34.60 -22.32 -14.50
C ALA C 187 -33.65 -21.87 -13.39
N PHE C 188 -32.55 -22.61 -13.21
CA PHE C 188 -31.62 -22.33 -12.13
C PHE C 188 -30.26 -21.89 -12.68
N ALA C 189 -30.27 -21.40 -13.93
CA ALA C 189 -29.09 -20.92 -14.61
C ALA C 189 -28.49 -19.74 -13.84
N GLY C 190 -27.16 -19.77 -13.67
CA GLY C 190 -26.44 -18.78 -12.90
C GLY C 190 -26.10 -19.29 -11.50
N GLY C 191 -26.67 -20.44 -11.14
CA GLY C 191 -26.43 -21.07 -9.85
C GLY C 191 -25.16 -21.94 -9.88
N SER C 192 -24.85 -22.52 -8.72
CA SER C 192 -23.71 -23.41 -8.59
C SER C 192 -23.93 -24.37 -7.41
N TYR C 193 -23.05 -25.37 -7.30
CA TYR C 193 -23.11 -26.33 -6.21
C TYR C 193 -21.82 -26.25 -5.39
N ALA C 194 -21.98 -26.05 -4.08
CA ALA C 194 -20.87 -26.01 -3.14
C ALA C 194 -20.83 -27.29 -2.33
N VAL C 195 -19.63 -27.87 -2.25
CA VAL C 195 -19.35 -28.96 -1.32
C VAL C 195 -18.36 -28.42 -0.29
N VAL C 196 -18.66 -28.62 0.99
CA VAL C 196 -17.78 -28.21 2.06
C VAL C 196 -17.35 -29.44 2.86
N GLN C 197 -16.08 -29.45 3.26
CA GLN C 197 -15.53 -30.45 4.17
C GLN C 197 -14.48 -29.80 5.05
N LYS C 198 -14.64 -29.96 6.37
CA LYS C 198 -13.64 -29.49 7.31
C LYS C 198 -12.64 -30.62 7.54
N TYR C 199 -11.36 -30.37 7.18
CA TYR C 199 -10.30 -31.34 7.32
C TYR C 199 -9.33 -30.91 8.41
N LEU C 200 -9.00 -31.85 9.30
CA LEU C 200 -7.96 -31.64 10.30
C LEU C 200 -6.73 -32.45 9.89
N HIS C 201 -5.54 -31.85 10.09
CA HIS C 201 -4.31 -32.46 9.62
C HIS C 201 -3.52 -33.03 10.79
N ASP C 202 -2.81 -34.14 10.51
CA ASP C 202 -1.85 -34.70 11.44
C ASP C 202 -0.47 -34.18 11.07
N ILE C 203 -0.08 -33.05 11.69
CA ILE C 203 1.14 -32.34 11.34
C ILE C 203 2.36 -33.14 11.80
N ASP C 204 2.23 -33.82 12.94
CA ASP C 204 3.31 -34.64 13.50
C ASP C 204 3.73 -35.72 12.50
N ALA C 205 2.74 -36.37 11.88
CA ALA C 205 3.01 -37.44 10.92
C ALA C 205 3.56 -36.87 9.61
N TRP C 206 3.00 -35.73 9.21
CA TRP C 206 3.38 -35.04 7.98
C TRP C 206 4.81 -34.53 8.09
N GLU C 207 5.17 -34.02 9.27
CA GLU C 207 6.47 -33.42 9.51
C GLU C 207 7.52 -34.52 9.61
N GLY C 208 7.05 -35.77 9.78
CA GLY C 208 7.91 -36.93 9.84
C GLY C 208 8.43 -37.32 8.46
N LEU C 209 7.70 -36.91 7.42
CA LEU C 209 8.11 -37.12 6.03
C LEU C 209 9.17 -36.09 5.65
N SER C 210 10.01 -36.47 4.68
CA SER C 210 10.92 -35.54 4.03
C SER C 210 10.15 -34.72 3.01
N VAL C 211 10.70 -33.56 2.64
CA VAL C 211 10.11 -32.68 1.65
C VAL C 211 9.86 -33.48 0.37
N GLU C 212 10.82 -34.35 0.01
CA GLU C 212 10.77 -35.12 -1.22
C GLU C 212 9.59 -36.09 -1.16
N ALA C 213 9.41 -36.75 -0.01
CA ALA C 213 8.28 -37.65 0.23
C ALA C 213 6.96 -36.88 0.19
N GLN C 214 6.95 -35.68 0.78
CA GLN C 214 5.77 -34.83 0.79
C GLN C 214 5.37 -34.44 -0.63
N GLU C 215 6.38 -34.19 -1.48
CA GLU C 215 6.16 -33.79 -2.86
C GLU C 215 5.49 -34.92 -3.63
N ARG C 216 5.83 -36.17 -3.27
CA ARG C 216 5.33 -37.35 -3.97
C ARG C 216 3.89 -37.63 -3.55
N VAL C 217 3.49 -37.08 -2.40
CA VAL C 217 2.14 -37.21 -1.89
C VAL C 217 1.23 -36.25 -2.67
N ILE C 218 1.69 -35.00 -2.83
CA ILE C 218 0.92 -33.93 -3.44
C ILE C 218 0.96 -34.09 -4.96
N GLY C 219 2.18 -34.12 -5.51
CA GLY C 219 2.39 -34.19 -6.95
C GLY C 219 3.01 -32.91 -7.49
N ARG C 220 3.49 -32.05 -6.58
CA ARG C 220 4.10 -30.78 -6.94
C ARG C 220 5.28 -30.51 -6.01
N ARG C 221 6.20 -29.65 -6.47
CA ARG C 221 7.35 -29.23 -5.68
C ARG C 221 6.87 -28.29 -4.57
N LYS C 222 7.48 -28.42 -3.38
CA LYS C 222 6.97 -27.74 -2.20
C LYS C 222 7.20 -26.24 -2.30
N MET C 223 8.45 -25.83 -2.49
CA MET C 223 8.81 -24.42 -2.42
C MET C 223 8.36 -23.68 -3.67
N THR C 224 8.62 -24.26 -4.86
CA THR C 224 8.46 -23.54 -6.11
C THR C 224 7.07 -23.77 -6.72
N ASP C 225 6.37 -24.82 -6.26
CA ASP C 225 5.00 -25.10 -6.67
C ASP C 225 4.94 -25.55 -8.13
N VAL C 226 6.09 -25.97 -8.69
CA VAL C 226 6.14 -26.51 -10.03
C VAL C 226 5.63 -27.94 -9.99
N GLU C 227 4.78 -28.30 -10.97
CA GLU C 227 4.18 -29.62 -11.05
C GLU C 227 5.28 -30.64 -11.34
N LEU C 228 5.19 -31.80 -10.68
CA LEU C 228 6.10 -32.90 -10.97
C LEU C 228 5.88 -33.36 -12.40
N SER C 229 6.97 -33.79 -13.04
CA SER C 229 6.93 -34.39 -14.36
C SER C 229 6.07 -35.65 -14.34
N ASP C 230 5.48 -36.00 -15.49
CA ASP C 230 4.64 -37.18 -15.62
C ASP C 230 5.46 -38.43 -15.35
N ASP C 231 6.78 -38.33 -15.53
CA ASP C 231 7.74 -39.39 -15.30
C ASP C 231 7.80 -39.75 -13.81
N VAL C 232 7.69 -38.73 -12.95
CA VAL C 232 8.00 -38.89 -11.53
C VAL C 232 6.73 -38.90 -10.68
N LYS C 233 5.62 -38.42 -11.25
CA LYS C 233 4.39 -38.20 -10.51
C LYS C 233 3.70 -39.53 -10.20
N PRO C 234 3.59 -39.93 -8.90
CA PRO C 234 2.92 -41.17 -8.52
C PRO C 234 1.42 -41.12 -8.77
N ALA C 235 0.85 -42.29 -9.10
CA ALA C 235 -0.56 -42.41 -9.44
C ALA C 235 -1.44 -42.20 -8.22
N ASP C 236 -0.85 -42.34 -7.02
CA ASP C 236 -1.57 -42.15 -5.77
C ASP C 236 -1.34 -40.74 -5.21
N SER C 237 -0.71 -39.87 -6.01
CA SER C 237 -0.53 -38.49 -5.61
C SER C 237 -1.85 -37.73 -5.75
N HIS C 238 -2.02 -36.70 -4.91
CA HIS C 238 -3.25 -35.92 -4.85
C HIS C 238 -3.59 -35.36 -6.23
N VAL C 239 -2.58 -34.79 -6.90
CA VAL C 239 -2.78 -34.14 -8.19
C VAL C 239 -3.26 -35.15 -9.22
N ALA C 240 -2.72 -36.38 -9.16
CA ALA C 240 -3.06 -37.44 -10.09
C ALA C 240 -4.51 -37.88 -9.91
N LEU C 241 -4.92 -38.14 -8.67
CA LEU C 241 -6.27 -38.59 -8.35
C LEU C 241 -7.31 -37.55 -8.77
N THR C 242 -7.03 -36.27 -8.52
CA THR C 242 -8.02 -35.22 -8.70
C THR C 242 -8.00 -34.69 -10.13
N SER C 243 -7.11 -35.24 -10.97
CA SER C 243 -7.15 -35.01 -12.41
C SER C 243 -8.15 -35.97 -13.03
N VAL C 244 -9.27 -35.43 -13.51
CA VAL C 244 -10.38 -36.24 -13.99
C VAL C 244 -10.72 -35.81 -15.42
N THR C 245 -10.78 -36.80 -16.31
CA THR C 245 -11.15 -36.57 -17.70
C THR C 245 -12.54 -37.17 -17.94
N GLY C 246 -13.40 -36.39 -18.59
CA GLY C 246 -14.75 -36.82 -18.92
C GLY C 246 -14.75 -37.75 -20.14
N PRO C 247 -15.91 -38.35 -20.50
CA PRO C 247 -16.01 -39.17 -21.71
C PRO C 247 -15.70 -38.34 -22.96
N ASP C 248 -15.96 -37.02 -22.84
CA ASP C 248 -15.64 -36.01 -23.85
C ASP C 248 -14.14 -36.07 -24.16
N GLY C 249 -13.32 -36.07 -23.10
CA GLY C 249 -11.88 -35.97 -23.24
C GLY C 249 -11.40 -34.62 -22.71
N SER C 250 -12.36 -33.79 -22.29
CA SER C 250 -12.10 -32.49 -21.68
C SER C 250 -11.83 -32.68 -20.19
N ASP C 251 -10.99 -31.78 -19.64
CA ASP C 251 -10.71 -31.73 -18.22
C ASP C 251 -11.96 -31.30 -17.47
N LEU C 252 -12.34 -32.08 -16.45
CA LEU C 252 -13.41 -31.71 -15.54
C LEU C 252 -12.80 -30.97 -14.35
N GLU C 253 -13.28 -29.75 -14.12
CA GLU C 253 -12.67 -28.83 -13.18
C GLU C 253 -13.70 -28.35 -12.16
N ILE C 254 -13.18 -28.02 -10.96
CA ILE C 254 -13.94 -27.33 -9.93
C ILE C 254 -13.16 -26.09 -9.52
N LEU C 255 -13.84 -25.15 -8.85
CA LEU C 255 -13.22 -23.96 -8.33
C LEU C 255 -13.15 -24.07 -6.82
N ARG C 256 -11.93 -24.09 -6.28
CA ARG C 256 -11.68 -24.28 -4.86
C ARG C 256 -11.34 -22.93 -4.22
N ASP C 257 -11.89 -22.71 -3.01
CA ASP C 257 -11.63 -21.50 -2.25
C ASP C 257 -11.15 -21.87 -0.84
N ASN C 258 -10.27 -22.87 -0.77
CA ASN C 258 -9.80 -23.45 0.49
C ASN C 258 -9.12 -22.40 1.35
N MET C 259 -9.33 -22.50 2.67
CA MET C 259 -8.68 -21.60 3.61
C MET C 259 -8.07 -22.41 4.76
N PRO C 260 -6.84 -22.05 5.21
CA PRO C 260 -6.30 -22.59 6.46
C PRO C 260 -7.04 -22.02 7.66
N PHE C 261 -7.12 -22.83 8.72
CA PHE C 261 -7.61 -22.38 10.01
C PHE C 261 -6.89 -23.20 11.07
N GLY C 262 -7.10 -22.83 12.35
CA GLY C 262 -6.59 -23.68 13.41
C GLY C 262 -6.52 -22.99 14.76
N SER C 263 -6.13 -23.80 15.76
CA SER C 263 -5.96 -23.40 17.13
C SER C 263 -4.73 -24.11 17.68
N VAL C 264 -3.74 -23.32 18.09
CA VAL C 264 -2.41 -23.84 18.42
C VAL C 264 -2.49 -24.69 19.67
N GLY C 265 -3.26 -24.24 20.66
CA GLY C 265 -3.39 -24.90 21.95
C GLY C 265 -4.10 -26.25 21.85
N ARG C 266 -5.13 -26.34 20.99
CA ARG C 266 -5.91 -27.55 20.83
C ARG C 266 -5.30 -28.43 19.74
N GLU C 267 -4.14 -28.01 19.23
CA GLU C 267 -3.36 -28.77 18.27
C GLU C 267 -4.20 -29.04 17.00
N GLU C 268 -4.96 -28.01 16.58
CA GLU C 268 -5.79 -28.09 15.39
C GLU C 268 -5.12 -27.32 14.26
N PHE C 269 -4.81 -28.04 13.17
CA PHE C 269 -4.28 -27.41 11.97
C PHE C 269 -5.14 -27.92 10.81
N GLY C 270 -5.91 -27.00 10.21
CA GLY C 270 -6.99 -27.42 9.34
C GLY C 270 -6.95 -26.79 7.95
N THR C 271 -7.56 -27.53 7.01
CA THR C 271 -7.96 -27.01 5.71
C THR C 271 -9.48 -27.03 5.66
N TYR C 272 -10.09 -25.86 5.43
CA TYR C 272 -11.52 -25.82 5.19
C TYR C 272 -11.75 -25.84 3.69
N PHE C 273 -12.15 -27.01 3.18
CA PHE C 273 -12.35 -27.21 1.76
C PHE C 273 -13.73 -26.69 1.34
N ILE C 274 -13.76 -25.95 0.23
CA ILE C 274 -14.99 -25.62 -0.46
C ILE C 274 -14.73 -25.65 -1.97
N GLY C 275 -15.60 -26.35 -2.69
CA GLY C 275 -15.48 -26.52 -4.13
C GLY C 275 -16.79 -26.19 -4.83
N TYR C 276 -16.71 -25.34 -5.86
CA TYR C 276 -17.86 -24.96 -6.66
C TYR C 276 -17.77 -25.63 -8.04
N ALA C 277 -18.92 -26.12 -8.53
CA ALA C 277 -19.03 -26.73 -9.84
C ALA C 277 -20.49 -26.63 -10.31
N ARG C 278 -20.71 -26.74 -11.63
N ARG C 278 -20.68 -26.75 -11.63
CA ARG C 278 -22.05 -26.60 -12.18
CA ARG C 278 -21.98 -26.64 -12.26
C ARG C 278 -22.88 -27.84 -11.88
C ARG C 278 -22.86 -27.84 -11.89
N THR C 279 -22.22 -28.98 -11.62
CA THR C 279 -22.91 -30.20 -11.23
C THR C 279 -22.14 -30.85 -10.09
N PRO C 280 -22.82 -31.37 -9.04
CA PRO C 280 -22.14 -32.05 -7.93
C PRO C 280 -21.40 -33.32 -8.35
N GLU C 281 -21.81 -33.89 -9.49
CA GLU C 281 -21.22 -35.10 -10.03
C GLU C 281 -19.70 -34.96 -10.15
N VAL C 282 -19.24 -33.82 -10.68
CA VAL C 282 -17.83 -33.55 -10.90
C VAL C 282 -17.07 -33.70 -9.58
N THR C 283 -17.54 -32.98 -8.55
CA THR C 283 -16.90 -32.98 -7.25
C THR C 283 -16.97 -34.37 -6.64
N GLU C 284 -18.13 -35.03 -6.80
CA GLU C 284 -18.37 -36.34 -6.20
C GLU C 284 -17.46 -37.40 -6.83
N THR C 285 -17.17 -37.25 -8.12
CA THR C 285 -16.29 -38.17 -8.84
C THR C 285 -14.89 -38.07 -8.26
N MET C 286 -14.43 -36.84 -8.00
CA MET C 286 -13.12 -36.59 -7.43
C MET C 286 -13.04 -37.15 -6.02
N LEU C 287 -14.13 -36.98 -5.25
CA LEU C 287 -14.21 -37.48 -3.88
C LEU C 287 -14.10 -39.01 -3.85
N GLU C 288 -14.78 -39.67 -4.81
CA GLU C 288 -14.77 -41.12 -4.91
C GLU C 288 -13.36 -41.63 -5.20
N ARG C 289 -12.67 -40.95 -6.13
CA ARG C 289 -11.33 -41.34 -6.53
C ARG C 289 -10.39 -41.22 -5.33
N MET C 290 -10.62 -40.20 -4.49
CA MET C 290 -9.76 -39.92 -3.35
C MET C 290 -10.00 -40.96 -2.25
N PHE C 291 -11.27 -41.25 -1.98
CA PHE C 291 -11.67 -42.02 -0.81
C PHE C 291 -11.78 -43.50 -1.13
N LEU C 292 -12.28 -43.84 -2.33
CA LEU C 292 -12.52 -45.23 -2.70
C LEU C 292 -11.33 -45.78 -3.51
N GLY C 293 -10.69 -44.90 -4.29
CA GLY C 293 -9.50 -45.28 -5.04
C GLY C 293 -9.84 -45.65 -6.48
N THR C 294 -8.79 -46.03 -7.23
CA THR C 294 -8.90 -46.42 -8.63
C THR C 294 -8.18 -47.76 -8.81
N ALA C 295 -7.93 -48.12 -10.07
CA ALA C 295 -7.21 -49.34 -10.43
C ALA C 295 -5.76 -49.25 -9.94
N SER C 296 -5.20 -48.03 -9.96
CA SER C 296 -3.79 -47.81 -9.71
C SER C 296 -3.53 -47.45 -8.24
N ALA C 297 -4.52 -46.84 -7.59
CA ALA C 297 -4.34 -46.31 -6.25
C ALA C 297 -5.42 -46.82 -5.30
N PRO C 298 -5.06 -47.30 -4.09
CA PRO C 298 -6.04 -47.67 -3.08
C PRO C 298 -6.83 -46.46 -2.57
N HIS C 299 -6.12 -45.32 -2.42
CA HIS C 299 -6.73 -44.06 -2.03
C HIS C 299 -5.71 -42.93 -2.20
N ASP C 300 -6.19 -41.68 -2.08
CA ASP C 300 -5.35 -40.50 -2.06
C ASP C 300 -4.47 -40.51 -0.82
N ARG C 301 -3.17 -40.26 -0.99
N ARG C 301 -3.17 -40.28 -1.00
CA ARG C 301 -2.20 -40.37 0.08
CA ARG C 301 -2.17 -40.34 0.05
C ARG C 301 -2.29 -39.17 1.02
C ARG C 301 -2.33 -39.19 1.04
N ILE C 302 -3.03 -38.12 0.61
CA ILE C 302 -3.20 -36.93 1.42
C ILE C 302 -4.12 -37.22 2.61
N LEU C 303 -5.02 -38.20 2.42
CA LEU C 303 -6.00 -38.58 3.43
C LEU C 303 -5.32 -39.33 4.57
N ASP C 304 -4.06 -39.74 4.35
CA ASP C 304 -3.27 -40.37 5.39
C ASP C 304 -2.80 -39.32 6.39
N PHE C 305 -3.07 -38.05 6.09
CA PHE C 305 -2.62 -36.94 6.91
C PHE C 305 -3.75 -35.93 7.08
N SER C 306 -4.95 -36.30 6.62
CA SER C 306 -6.10 -35.40 6.61
C SER C 306 -7.36 -36.18 6.98
N THR C 307 -8.17 -35.62 7.88
CA THR C 307 -9.39 -36.25 8.34
C THR C 307 -10.56 -35.29 8.17
N ALA C 308 -11.54 -35.69 7.36
CA ALA C 308 -12.78 -34.94 7.22
C ALA C 308 -13.62 -35.11 8.48
N VAL C 309 -14.15 -34.00 9.01
CA VAL C 309 -14.98 -34.03 10.20
C VAL C 309 -16.37 -33.47 9.90
N THR C 310 -16.51 -32.77 8.76
CA THR C 310 -17.81 -32.32 8.28
C THR C 310 -17.92 -32.64 6.79
N GLY C 311 -19.17 -32.68 6.30
CA GLY C 311 -19.45 -32.87 4.88
C GLY C 311 -20.88 -32.45 4.56
N SER C 312 -21.02 -31.45 3.68
CA SER C 312 -22.34 -30.96 3.29
C SER C 312 -22.32 -30.49 1.85
N LEU C 313 -23.50 -30.47 1.23
CA LEU C 313 -23.68 -30.03 -0.14
C LEU C 313 -24.79 -28.98 -0.17
N PHE C 314 -24.54 -27.88 -0.89
CA PHE C 314 -25.49 -26.79 -0.98
C PHE C 314 -25.60 -26.33 -2.42
N PHE C 315 -26.78 -25.85 -2.80
CA PHE C 315 -26.96 -25.14 -4.04
C PHE C 315 -26.90 -23.64 -3.74
N THR C 316 -26.05 -22.93 -4.49
CA THR C 316 -25.94 -21.49 -4.34
C THR C 316 -26.64 -20.83 -5.54
N PRO C 317 -27.90 -20.36 -5.36
CA PRO C 317 -28.68 -19.84 -6.48
C PRO C 317 -28.14 -18.53 -7.04
N ALA C 318 -28.65 -18.12 -8.19
CA ALA C 318 -28.38 -16.81 -8.76
C ALA C 318 -28.85 -15.74 -7.78
N ALA C 319 -28.23 -14.56 -7.85
CA ALA C 319 -28.49 -13.48 -6.91
C ALA C 319 -29.94 -13.03 -6.98
N ASP C 320 -30.50 -13.01 -8.20
CA ASP C 320 -31.83 -12.48 -8.43
C ASP C 320 -32.91 -13.44 -7.92
N PHE C 321 -32.57 -14.73 -7.81
CA PHE C 321 -33.48 -15.71 -7.23
C PHE C 321 -33.76 -15.35 -5.78
N LEU C 322 -32.70 -14.99 -5.05
CA LEU C 322 -32.79 -14.67 -3.63
C LEU C 322 -33.55 -13.37 -3.43
N GLU C 323 -33.45 -12.46 -4.41
CA GLU C 323 -33.96 -11.10 -4.27
C GLU C 323 -35.47 -11.08 -4.52
N ASP C 324 -36.01 -12.16 -5.10
CA ASP C 324 -37.42 -12.28 -5.42
C ASP C 324 -38.12 -13.14 -4.37
N LEU C 325 -38.03 -12.72 -3.10
CA LEU C 325 -38.64 -13.44 -2.00
C LEU C 325 -39.27 -12.44 -1.02
N GLU D 20 -20.60 -1.38 -29.34
CA GLU D 20 -20.15 -0.60 -30.52
C GLU D 20 -19.64 0.78 -30.07
N PRO D 21 -20.46 1.63 -29.40
CA PRO D 21 -20.00 2.95 -28.98
C PRO D 21 -19.27 2.91 -27.63
N GLU D 22 -18.30 3.82 -27.47
CA GLU D 22 -17.43 3.82 -26.30
C GLU D 22 -17.89 4.92 -25.34
N PRO D 23 -18.38 4.57 -24.13
CA PRO D 23 -18.82 5.57 -23.17
C PRO D 23 -17.65 6.25 -22.44
N GLN D 24 -17.96 7.40 -21.81
CA GLN D 24 -17.05 8.02 -20.86
C GLN D 24 -17.09 7.23 -19.57
N MET D 25 -16.23 7.58 -18.62
CA MET D 25 -16.06 6.82 -17.38
C MET D 25 -17.22 7.10 -16.42
N VAL D 26 -18.45 7.00 -16.92
CA VAL D 26 -19.64 7.34 -16.13
C VAL D 26 -19.99 6.18 -15.20
N LEU D 27 -19.39 5.00 -15.45
CA LEU D 27 -19.65 3.81 -14.65
C LEU D 27 -18.53 3.58 -13.63
N SER D 28 -17.42 4.31 -13.79
N SER D 28 -17.42 4.31 -13.79
CA SER D 28 -16.25 4.15 -12.94
CA SER D 28 -16.25 4.19 -12.93
C SER D 28 -16.61 4.47 -11.48
C SER D 28 -16.63 4.46 -11.48
N PRO D 29 -15.99 3.77 -10.49
CA PRO D 29 -16.36 3.93 -9.09
C PRO D 29 -15.89 5.23 -8.43
N LEU D 30 -16.36 5.43 -7.20
CA LEU D 30 -16.03 6.58 -6.37
C LEU D 30 -14.54 6.57 -6.05
N THR D 31 -13.95 7.77 -5.95
CA THR D 31 -12.53 7.92 -5.63
C THR D 31 -12.40 8.76 -4.37
N SER D 32 -11.15 8.94 -3.91
CA SER D 32 -10.89 9.68 -2.68
C SER D 32 -10.76 11.17 -2.95
N ALA D 33 -10.43 11.54 -4.19
CA ALA D 33 -10.31 12.94 -4.57
C ALA D 33 -11.12 13.22 -5.83
N ALA D 34 -11.71 14.43 -5.89
CA ALA D 34 -12.51 14.85 -7.02
C ALA D 34 -12.45 16.36 -7.18
N ILE D 35 -12.57 16.81 -8.43
CA ILE D 35 -12.78 18.21 -8.75
C ILE D 35 -14.00 18.32 -9.66
N PHE D 36 -14.94 19.17 -9.25
CA PHE D 36 -16.11 19.48 -10.05
C PHE D 36 -15.95 20.90 -10.58
N LEU D 37 -15.98 21.03 -11.90
CA LEU D 37 -15.82 22.32 -12.55
C LEU D 37 -17.04 22.58 -13.44
N VAL D 38 -17.68 23.73 -13.22
CA VAL D 38 -18.84 24.14 -14.01
C VAL D 38 -18.57 25.54 -14.55
N VAL D 39 -18.60 25.67 -15.89
CA VAL D 39 -18.35 26.95 -16.55
C VAL D 39 -19.49 27.25 -17.52
N THR D 40 -19.62 28.53 -17.87
CA THR D 40 -20.48 28.95 -18.97
C THR D 40 -19.59 29.40 -20.14
N ILE D 41 -20.14 29.32 -21.35
CA ILE D 41 -19.42 29.68 -22.56
C ILE D 41 -19.77 31.13 -22.91
N ASP D 42 -18.73 31.96 -23.06
CA ASP D 42 -18.89 33.35 -23.46
C ASP D 42 -19.26 33.42 -24.93
N SER D 43 -19.90 34.53 -25.33
CA SER D 43 -20.20 34.81 -26.72
C SER D 43 -18.91 34.83 -27.53
N GLY D 44 -18.86 33.98 -28.56
CA GLY D 44 -17.70 33.88 -29.43
C GLY D 44 -16.66 32.90 -28.91
N GLY D 45 -17.05 32.09 -27.92
CA GLY D 45 -16.16 31.14 -27.29
C GLY D 45 -16.35 29.72 -27.84
N GLU D 46 -17.26 29.57 -28.81
CA GLU D 46 -17.69 28.28 -29.31
C GLU D 46 -16.52 27.53 -29.95
N ASP D 47 -15.79 28.20 -30.83
CA ASP D 47 -14.66 27.62 -31.55
C ASP D 47 -13.69 26.95 -30.59
N THR D 48 -13.31 27.70 -29.54
CA THR D 48 -12.32 27.26 -28.56
C THR D 48 -12.85 26.05 -27.80
N VAL D 49 -14.15 26.08 -27.46
CA VAL D 49 -14.77 25.05 -26.66
C VAL D 49 -14.79 23.73 -27.44
N ARG D 50 -15.18 23.80 -28.73
CA ARG D 50 -15.22 22.62 -29.58
C ARG D 50 -13.80 22.05 -29.73
N ASP D 51 -12.82 22.97 -29.90
CA ASP D 51 -11.44 22.61 -30.10
C ASP D 51 -10.93 21.81 -28.88
N LEU D 52 -11.33 22.23 -27.68
CA LEU D 52 -10.95 21.56 -26.44
C LEU D 52 -11.61 20.18 -26.37
N LEU D 53 -12.93 20.15 -26.61
CA LEU D 53 -13.74 18.95 -26.45
C LEU D 53 -13.14 17.77 -27.21
N SER D 54 -12.44 18.06 -28.31
CA SER D 54 -11.88 17.00 -29.15
C SER D 54 -10.51 16.55 -28.63
N ASP D 55 -9.94 17.33 -27.69
CA ASP D 55 -8.62 17.08 -27.15
C ASP D 55 -8.68 16.65 -25.69
N VAL D 56 -9.90 16.62 -25.11
CA VAL D 56 -10.05 16.44 -23.68
C VAL D 56 -9.54 15.07 -23.27
N ALA D 57 -9.79 14.05 -24.11
CA ALA D 57 -9.42 12.69 -23.80
C ALA D 57 -7.90 12.51 -23.85
N SER D 58 -7.25 13.26 -24.75
CA SER D 58 -5.80 13.15 -24.90
C SER D 58 -5.08 13.88 -23.77
N LEU D 59 -5.71 14.96 -23.26
CA LEU D 59 -5.24 15.68 -22.09
C LEU D 59 -5.34 14.79 -20.85
N GLU D 60 -6.42 13.99 -20.79
N GLU D 60 -6.39 13.96 -20.82
CA GLU D 60 -6.65 13.08 -19.69
CA GLU D 60 -6.70 13.05 -19.73
C GLU D 60 -5.54 12.03 -19.64
C GLU D 60 -5.64 11.96 -19.65
N ARG D 61 -5.11 11.55 -20.81
CA ARG D 61 -4.09 10.52 -20.90
C ARG D 61 -2.71 11.10 -20.60
N ALA D 62 -2.49 12.34 -21.04
CA ALA D 62 -1.21 13.02 -20.86
C ALA D 62 -0.86 13.12 -19.37
N VAL D 63 -1.86 13.51 -18.56
CA VAL D 63 -1.70 13.64 -17.12
C VAL D 63 -1.76 12.25 -16.48
N GLY D 64 -2.73 11.44 -16.92
CA GLY D 64 -3.13 10.22 -16.26
C GLY D 64 -2.06 9.12 -16.34
N PHE D 65 -1.36 9.05 -17.47
CA PHE D 65 -0.45 7.94 -17.73
C PHE D 65 0.74 8.02 -16.77
N ARG D 66 1.01 9.23 -16.26
CA ARG D 66 2.15 9.48 -15.38
C ARG D 66 2.00 8.68 -14.08
N ALA D 67 0.76 8.47 -13.64
CA ALA D 67 0.51 7.95 -12.31
C ALA D 67 -0.12 6.56 -12.35
N GLN D 68 0.01 5.87 -13.48
CA GLN D 68 -0.47 4.50 -13.56
C GLN D 68 0.48 3.60 -12.76
N PRO D 69 -0.02 2.55 -12.07
CA PRO D 69 -1.41 2.11 -12.23
C PRO D 69 -2.49 2.52 -11.22
N ASP D 70 -2.10 3.28 -10.20
N ASP D 70 -2.09 3.29 -10.21
CA ASP D 70 -2.98 3.57 -9.08
CA ASP D 70 -2.94 3.57 -9.07
C ASP D 70 -3.47 5.01 -9.12
C ASP D 70 -3.54 4.98 -9.15
N GLY D 71 -3.28 5.68 -10.27
CA GLY D 71 -3.72 7.05 -10.45
C GLY D 71 -5.25 7.17 -10.49
N ARG D 72 -5.87 6.35 -11.34
CA ARG D 72 -7.31 6.25 -11.53
C ARG D 72 -7.89 7.60 -11.96
N LEU D 73 -7.13 8.35 -12.76
CA LEU D 73 -7.59 9.63 -13.26
C LEU D 73 -8.62 9.42 -14.35
N SER D 74 -9.76 10.12 -14.22
CA SER D 74 -10.77 10.15 -15.26
C SER D 74 -11.44 11.53 -15.31
N CYS D 75 -11.90 11.91 -16.49
CA CYS D 75 -12.65 13.14 -16.68
C CYS D 75 -13.93 12.84 -17.45
N VAL D 76 -15.08 13.12 -16.82
CA VAL D 76 -16.36 13.04 -17.50
C VAL D 76 -16.79 14.46 -17.86
N THR D 77 -17.03 14.68 -19.16
CA THR D 77 -17.37 15.97 -19.71
C THR D 77 -18.86 15.99 -20.04
N GLY D 78 -19.56 17.00 -19.52
CA GLY D 78 -20.99 17.17 -19.74
C GLY D 78 -21.30 18.50 -20.42
N ILE D 79 -22.37 18.49 -21.24
CA ILE D 79 -22.81 19.65 -21.99
C ILE D 79 -24.28 19.89 -21.68
N GLY D 80 -24.64 21.16 -21.43
CA GLY D 80 -25.99 21.55 -21.08
C GLY D 80 -26.86 21.80 -22.32
N SER D 81 -28.16 21.98 -22.09
CA SER D 81 -29.17 22.09 -23.13
C SER D 81 -28.90 23.32 -24.02
N GLU D 82 -28.78 24.49 -23.37
CA GLU D 82 -28.59 25.75 -24.07
C GLU D 82 -27.27 25.70 -24.84
N ALA D 83 -26.22 25.21 -24.17
CA ALA D 83 -24.88 25.12 -24.75
C ALA D 83 -24.90 24.24 -25.99
N TRP D 84 -25.66 23.15 -25.95
CA TRP D 84 -25.71 22.19 -27.03
C TRP D 84 -26.14 22.86 -28.33
N ASP D 85 -27.17 23.72 -28.25
CA ASP D 85 -27.73 24.40 -29.42
C ASP D 85 -26.73 25.42 -29.99
N ARG D 86 -25.91 26.00 -29.11
CA ARG D 86 -24.93 27.00 -29.49
C ARG D 86 -23.72 26.33 -30.14
N LEU D 87 -23.56 25.03 -29.89
CA LEU D 87 -22.30 24.35 -30.10
C LEU D 87 -22.38 23.42 -31.30
N PHE D 88 -23.51 22.72 -31.44
CA PHE D 88 -23.67 21.76 -32.51
C PHE D 88 -25.01 22.00 -33.22
N SER D 89 -24.94 22.01 -34.56
CA SER D 89 -26.13 21.87 -35.39
C SER D 89 -26.29 20.40 -35.78
N GLY D 90 -27.51 19.88 -35.58
CA GLY D 90 -27.78 18.46 -35.72
C GLY D 90 -28.70 17.98 -34.61
N ALA D 91 -28.94 16.67 -34.57
CA ALA D 91 -29.88 16.07 -33.65
C ALA D 91 -29.50 16.40 -32.20
N ARG D 92 -30.52 16.60 -31.37
CA ARG D 92 -30.35 16.81 -29.94
C ARG D 92 -30.68 15.52 -29.20
N PRO D 93 -29.96 15.21 -28.10
CA PRO D 93 -30.36 14.11 -27.21
C PRO D 93 -31.81 14.32 -26.78
N ALA D 94 -32.57 13.22 -26.77
CA ALA D 94 -34.02 13.26 -26.60
C ALA D 94 -34.40 13.86 -25.24
N GLY D 95 -33.62 13.54 -24.20
CA GLY D 95 -33.94 13.94 -22.84
C GLY D 95 -33.23 15.23 -22.42
N LEU D 96 -32.54 15.87 -23.35
CA LEU D 96 -31.75 17.06 -23.04
C LEU D 96 -32.66 18.28 -22.96
N HIS D 97 -32.74 18.85 -21.74
CA HIS D 97 -33.45 20.08 -21.46
C HIS D 97 -32.77 20.76 -20.26
N PRO D 98 -32.95 22.09 -20.06
CA PRO D 98 -32.38 22.76 -18.89
C PRO D 98 -33.00 22.26 -17.59
N PHE D 99 -32.23 22.34 -16.50
CA PHE D 99 -32.67 21.89 -15.18
C PHE D 99 -33.99 22.57 -14.85
N ARG D 100 -34.97 21.74 -14.44
N ARG D 100 -34.98 21.75 -14.45
CA ARG D 100 -36.30 22.22 -14.07
CA ARG D 100 -36.29 22.22 -14.06
C ARG D 100 -36.29 22.60 -12.60
C ARG D 100 -36.27 22.61 -12.59
N GLU D 101 -36.45 23.91 -12.33
CA GLU D 101 -36.51 24.44 -10.98
C GLU D 101 -37.76 23.93 -10.28
N LEU D 102 -37.64 23.61 -8.98
CA LEU D 102 -38.76 23.13 -8.20
C LEU D 102 -39.03 24.10 -7.06
N ASP D 103 -40.21 24.75 -7.11
CA ASP D 103 -40.66 25.65 -6.06
C ASP D 103 -41.66 24.93 -5.18
N GLY D 104 -41.15 24.33 -4.09
CA GLY D 104 -41.99 23.65 -3.12
C GLY D 104 -42.52 24.62 -2.08
N PRO D 105 -43.51 24.21 -1.24
CA PRO D 105 -44.03 25.06 -0.17
C PRO D 105 -42.99 25.54 0.84
N VAL D 106 -41.94 24.74 1.05
CA VAL D 106 -40.95 25.04 2.08
C VAL D 106 -39.57 25.15 1.45
N HIS D 107 -39.19 24.13 0.67
CA HIS D 107 -37.83 24.00 0.17
C HIS D 107 -37.82 24.19 -1.34
N ARG D 108 -36.70 24.72 -1.86
CA ARG D 108 -36.63 25.14 -3.26
C ARG D 108 -35.36 24.59 -3.90
N ALA D 109 -35.53 23.97 -5.07
CA ALA D 109 -34.40 23.47 -5.86
C ALA D 109 -34.10 24.46 -6.98
N VAL D 110 -33.08 25.29 -6.75
CA VAL D 110 -32.74 26.40 -7.63
C VAL D 110 -32.09 25.89 -8.91
N ALA D 111 -32.21 26.67 -9.98
CA ALA D 111 -31.55 26.38 -11.25
C ALA D 111 -30.52 27.47 -11.52
N THR D 112 -29.25 27.06 -11.68
CA THR D 112 -28.16 27.99 -11.85
C THR D 112 -27.51 27.76 -13.21
N PRO D 113 -26.78 28.77 -13.77
CA PRO D 113 -26.12 28.62 -15.08
C PRO D 113 -25.01 27.59 -15.09
N GLY D 114 -24.83 26.93 -16.24
CA GLY D 114 -23.79 25.93 -16.43
C GLY D 114 -23.88 25.31 -17.82
N ASP D 115 -22.81 25.49 -18.60
CA ASP D 115 -22.76 25.05 -20.00
C ASP D 115 -21.89 23.81 -20.14
N LEU D 116 -20.77 23.78 -19.40
CA LEU D 116 -19.85 22.66 -19.44
C LEU D 116 -19.68 22.11 -18.02
N LEU D 117 -19.67 20.78 -17.91
CA LEU D 117 -19.35 20.09 -16.66
C LEU D 117 -18.08 19.29 -16.86
N PHE D 118 -17.12 19.46 -15.94
CA PHE D 118 -15.95 18.60 -15.86
C PHE D 118 -15.94 17.90 -14.50
N HIS D 119 -16.24 16.60 -14.52
CA HIS D 119 -16.21 15.75 -13.35
C HIS D 119 -14.90 14.98 -13.33
N ILE D 120 -13.91 15.52 -12.61
CA ILE D 120 -12.56 14.96 -12.57
C ILE D 120 -12.40 14.17 -11.28
N ARG D 121 -11.94 12.91 -11.42
CA ARG D 121 -11.70 12.03 -10.30
C ARG D 121 -10.31 11.41 -10.44
N ALA D 122 -9.69 11.14 -9.28
CA ALA D 122 -8.45 10.39 -9.16
C ALA D 122 -8.29 9.96 -7.71
N SER D 123 -7.25 9.15 -7.44
CA SER D 123 -6.95 8.70 -6.10
C SER D 123 -6.14 9.76 -5.35
N ARG D 124 -5.78 10.83 -6.08
CA ARG D 124 -4.95 11.92 -5.57
C ARG D 124 -5.43 13.23 -6.19
N LEU D 125 -5.39 14.30 -5.40
CA LEU D 125 -5.91 15.59 -5.79
C LEU D 125 -5.01 16.24 -6.84
N ASP D 126 -3.71 15.96 -6.77
CA ASP D 126 -2.73 16.59 -7.67
C ASP D 126 -3.08 16.28 -9.12
N LEU D 127 -3.42 15.01 -9.40
CA LEU D 127 -3.79 14.57 -10.73
C LEU D 127 -5.02 15.33 -11.20
N CYS D 128 -5.99 15.51 -10.30
CA CYS D 128 -7.21 16.24 -10.59
C CYS D 128 -6.88 17.70 -10.91
N PHE D 129 -5.97 18.28 -10.11
CA PHE D 129 -5.63 19.69 -10.21
C PHE D 129 -4.88 19.95 -11.52
N ALA D 130 -3.94 19.05 -11.84
CA ALA D 130 -3.12 19.17 -13.04
C ALA D 130 -4.00 19.16 -14.29
N LEU D 131 -4.95 18.21 -14.33
CA LEU D 131 -5.83 18.07 -15.48
C LEU D 131 -6.71 19.30 -15.61
N ALA D 132 -7.26 19.74 -14.47
CA ALA D 132 -8.13 20.91 -14.41
C ALA D 132 -7.39 22.16 -14.92
N THR D 133 -6.07 22.22 -14.64
CA THR D 133 -5.24 23.34 -15.05
C THR D 133 -5.09 23.34 -16.58
N GLU D 134 -4.89 22.15 -17.16
CA GLU D 134 -4.66 22.01 -18.59
C GLU D 134 -5.92 22.37 -19.37
N ILE D 135 -7.07 21.97 -18.82
CA ILE D 135 -8.37 22.23 -19.43
C ILE D 135 -8.64 23.73 -19.42
N MET D 136 -8.47 24.36 -18.24
CA MET D 136 -8.78 25.78 -18.08
C MET D 136 -7.79 26.64 -18.86
N GLY D 137 -6.54 26.18 -18.93
CA GLY D 137 -5.51 26.86 -19.72
C GLY D 137 -5.94 27.03 -21.16
N ARG D 138 -6.66 26.02 -21.68
CA ARG D 138 -7.11 26.00 -23.06
C ARG D 138 -8.38 26.84 -23.22
N LEU D 139 -9.13 27.06 -22.13
CA LEU D 139 -10.43 27.70 -22.18
C LEU D 139 -10.37 29.15 -21.72
N ARG D 140 -9.16 29.67 -21.49
CA ARG D 140 -8.92 30.90 -20.75
C ARG D 140 -9.94 32.00 -21.09
N GLY D 141 -9.90 32.50 -22.33
CA GLY D 141 -10.67 33.69 -22.67
C GLY D 141 -12.01 33.35 -23.36
N ALA D 142 -12.54 32.16 -23.08
CA ALA D 142 -13.70 31.67 -23.79
C ALA D 142 -14.79 31.22 -22.82
N VAL D 143 -14.42 31.04 -21.54
CA VAL D 143 -15.36 30.53 -20.55
C VAL D 143 -15.32 31.41 -19.30
N THR D 144 -16.43 31.40 -18.56
CA THR D 144 -16.49 32.04 -17.25
C THR D 144 -16.78 30.96 -16.21
N PRO D 145 -15.92 30.80 -15.18
CA PRO D 145 -16.15 29.81 -14.13
C PRO D 145 -17.36 30.16 -13.27
N GLN D 146 -18.20 29.15 -13.02
CA GLN D 146 -19.43 29.33 -12.25
C GLN D 146 -19.29 28.63 -10.89
N ASP D 147 -18.65 27.46 -10.89
CA ASP D 147 -18.51 26.69 -9.67
C ASP D 147 -17.25 25.83 -9.75
N GLU D 148 -16.57 25.70 -8.61
CA GLU D 148 -15.40 24.83 -8.48
C GLU D 148 -15.38 24.25 -7.07
N VAL D 149 -15.44 22.91 -6.99
CA VAL D 149 -15.48 22.20 -5.73
C VAL D 149 -14.35 21.18 -5.70
N HIS D 150 -13.62 21.14 -4.60
CA HIS D 150 -12.61 20.13 -4.34
C HIS D 150 -13.16 19.13 -3.33
N GLY D 151 -13.49 17.93 -3.82
CA GLY D 151 -14.13 16.90 -3.00
C GLY D 151 -13.10 15.94 -2.41
N PHE D 152 -13.38 15.45 -1.19
CA PHE D 152 -12.48 14.55 -0.50
C PHE D 152 -13.28 13.47 0.21
N LYS D 153 -12.73 12.24 0.19
CA LYS D 153 -13.28 11.11 0.91
C LYS D 153 -13.24 11.41 2.41
N TYR D 154 -14.36 11.16 3.08
CA TYR D 154 -14.48 11.42 4.51
C TYR D 154 -14.65 10.07 5.23
N PHE D 155 -13.57 9.62 5.88
CA PHE D 155 -13.51 8.36 6.61
C PHE D 155 -14.00 7.21 5.72
N ASP D 156 -14.92 6.40 6.27
CA ASP D 156 -15.39 5.19 5.64
C ASP D 156 -16.57 5.50 4.72
N GLU D 157 -16.30 6.32 3.69
CA GLU D 157 -17.27 6.71 2.67
C GLU D 157 -18.45 7.46 3.30
N ARG D 158 -18.14 8.36 4.24
CA ARG D 158 -19.17 9.13 4.92
C ARG D 158 -19.41 10.45 4.17
N ASP D 159 -20.59 11.03 4.39
CA ASP D 159 -20.90 12.39 3.99
C ASP D 159 -20.79 13.28 5.23
N MET D 160 -21.10 14.57 5.06
CA MET D 160 -20.94 15.55 6.13
C MET D 160 -22.01 15.39 7.20
N LEU D 161 -23.02 14.55 6.94
CA LEU D 161 -24.07 14.28 7.91
C LEU D 161 -23.67 13.10 8.79
N GLY D 162 -22.60 12.39 8.38
CA GLY D 162 -22.00 11.34 9.18
C GLY D 162 -22.49 9.95 8.80
N PHE D 163 -23.13 9.86 7.62
CA PHE D 163 -23.73 8.62 7.14
C PHE D 163 -22.99 8.14 5.89
N VAL D 164 -22.87 6.82 5.75
CA VAL D 164 -22.28 6.20 4.58
C VAL D 164 -23.15 6.56 3.37
N ASP D 165 -22.49 6.97 2.27
CA ASP D 165 -23.17 7.61 1.17
C ASP D 165 -22.74 6.95 -0.15
N GLY D 166 -23.70 6.29 -0.80
CA GLY D 166 -23.49 5.66 -2.10
C GLY D 166 -23.79 4.16 -2.05
N THR D 167 -24.21 3.68 -0.88
CA THR D 167 -24.36 2.26 -0.57
C THR D 167 -25.17 1.54 -1.65
N GLU D 168 -26.31 2.13 -2.03
CA GLU D 168 -27.30 1.43 -2.84
C GLU D 168 -27.10 1.69 -4.32
N ASN D 169 -25.92 2.21 -4.69
CA ASN D 169 -25.57 2.39 -6.10
C ASN D 169 -25.62 1.06 -6.83
N PRO D 170 -26.19 1.00 -8.05
CA PRO D 170 -26.17 -0.22 -8.87
C PRO D 170 -24.73 -0.52 -9.31
N THR D 171 -24.46 -1.80 -9.57
CA THR D 171 -23.17 -2.23 -10.08
C THR D 171 -23.39 -3.17 -11.26
N GLY D 172 -22.32 -3.38 -12.05
CA GLY D 172 -22.32 -4.35 -13.13
C GLY D 172 -23.34 -4.02 -14.20
N ALA D 173 -24.14 -5.03 -14.57
CA ALA D 173 -25.08 -4.93 -15.67
C ALA D 173 -26.24 -4.00 -15.31
N ALA D 174 -26.61 -3.99 -14.01
CA ALA D 174 -27.69 -3.16 -13.52
C ALA D 174 -27.31 -1.69 -13.67
N ALA D 175 -26.06 -1.35 -13.31
CA ALA D 175 -25.51 -0.02 -13.47
C ALA D 175 -25.57 0.39 -14.94
N ARG D 176 -25.23 -0.57 -15.81
CA ARG D 176 -25.12 -0.35 -17.24
C ARG D 176 -26.48 0.01 -17.85
N ARG D 177 -27.53 -0.68 -17.39
CA ARG D 177 -28.88 -0.47 -17.92
C ARG D 177 -29.44 0.86 -17.43
N ALA D 178 -29.09 1.24 -16.20
CA ALA D 178 -29.70 2.38 -15.53
C ALA D 178 -29.08 3.70 -15.97
N VAL D 179 -27.86 3.63 -16.52
CA VAL D 179 -27.04 4.83 -16.68
C VAL D 179 -26.82 5.15 -18.16
N LEU D 180 -26.54 4.14 -18.97
CA LEU D 180 -26.17 4.35 -20.36
C LEU D 180 -27.42 4.47 -21.24
N VAL D 181 -27.45 5.53 -22.06
CA VAL D 181 -28.43 5.68 -23.11
C VAL D 181 -28.22 4.54 -24.11
N GLY D 182 -29.31 3.86 -24.49
CA GLY D 182 -29.24 2.71 -25.36
C GLY D 182 -29.99 2.94 -26.68
N ALA D 183 -30.88 1.99 -27.00
CA ALA D 183 -31.56 1.93 -28.28
C ALA D 183 -32.67 2.97 -28.38
N GLU D 184 -33.12 3.47 -27.22
CA GLU D 184 -34.21 4.43 -27.16
C GLU D 184 -33.80 5.74 -27.86
N ASP D 185 -32.49 5.99 -27.90
CA ASP D 185 -31.95 7.18 -28.55
C ASP D 185 -30.66 6.80 -29.26
N PRO D 186 -30.74 6.04 -30.39
CA PRO D 186 -29.58 5.35 -30.95
C PRO D 186 -28.34 6.18 -31.27
N ALA D 187 -28.56 7.41 -31.74
CA ALA D 187 -27.47 8.27 -32.18
C ALA D 187 -26.66 8.77 -30.98
N PHE D 188 -27.21 8.60 -29.78
CA PHE D 188 -26.54 9.04 -28.56
C PHE D 188 -26.33 7.85 -27.63
N ALA D 189 -26.25 6.65 -28.22
CA ALA D 189 -25.96 5.43 -27.47
C ALA D 189 -24.59 5.56 -26.82
N GLY D 190 -24.50 5.19 -25.54
CA GLY D 190 -23.26 5.25 -24.78
C GLY D 190 -23.21 6.51 -23.91
N GLY D 191 -24.17 7.41 -24.13
CA GLY D 191 -24.26 8.66 -23.37
C GLY D 191 -24.95 8.46 -22.03
N SER D 192 -25.02 9.54 -21.25
CA SER D 192 -25.70 9.55 -19.96
C SER D 192 -26.09 10.99 -19.61
N TYR D 193 -26.98 11.14 -18.62
CA TYR D 193 -27.42 12.44 -18.16
C TYR D 193 -26.93 12.63 -16.73
N ALA D 194 -26.30 13.78 -16.48
CA ALA D 194 -25.80 14.11 -15.15
C ALA D 194 -26.56 15.31 -14.60
N VAL D 195 -27.08 15.15 -13.38
CA VAL D 195 -27.69 16.24 -12.64
C VAL D 195 -26.78 16.55 -11.45
N VAL D 196 -26.42 17.83 -11.31
CA VAL D 196 -25.54 18.27 -10.23
C VAL D 196 -26.32 19.23 -9.32
N GLN D 197 -26.05 19.13 -8.02
CA GLN D 197 -26.55 20.06 -7.02
C GLN D 197 -25.53 20.16 -5.89
N LYS D 198 -25.06 21.39 -5.63
CA LYS D 198 -24.22 21.64 -4.47
C LYS D 198 -25.12 21.96 -3.28
N TYR D 199 -25.02 21.14 -2.23
CA TYR D 199 -25.81 21.31 -1.01
C TYR D 199 -24.90 21.80 0.11
N LEU D 200 -25.40 22.78 0.88
CA LEU D 200 -24.77 23.19 2.12
C LEU D 200 -25.63 22.73 3.29
N HIS D 201 -24.99 22.17 4.32
CA HIS D 201 -25.70 21.58 5.44
C HIS D 201 -25.67 22.52 6.65
N ASP D 202 -26.77 22.53 7.39
CA ASP D 202 -26.81 23.16 8.69
C ASP D 202 -26.40 22.12 9.73
N ILE D 203 -25.10 22.10 10.04
CA ILE D 203 -24.53 21.11 10.95
C ILE D 203 -25.03 21.38 12.37
N ASP D 204 -25.25 22.66 12.71
CA ASP D 204 -25.72 23.05 14.03
C ASP D 204 -27.06 22.41 14.34
N ALA D 205 -28.00 22.51 13.38
CA ALA D 205 -29.33 21.94 13.54
C ALA D 205 -29.24 20.42 13.56
N TRP D 206 -28.32 19.87 12.75
CA TRP D 206 -28.18 18.44 12.58
C TRP D 206 -27.66 17.77 13.85
N GLU D 207 -26.61 18.35 14.44
CA GLU D 207 -25.98 17.77 15.63
C GLU D 207 -26.82 18.07 16.86
N GLY D 208 -27.95 18.75 16.65
CA GLY D 208 -28.94 18.99 17.69
C GLY D 208 -29.88 17.79 17.84
N LEU D 209 -30.05 17.04 16.75
CA LEU D 209 -30.81 15.81 16.75
C LEU D 209 -30.00 14.70 17.41
N SER D 210 -30.71 13.76 18.05
CA SER D 210 -30.10 12.52 18.52
C SER D 210 -29.82 11.63 17.31
N VAL D 211 -28.98 10.60 17.51
CA VAL D 211 -28.60 9.69 16.45
C VAL D 211 -29.83 8.98 15.90
N GLU D 212 -30.73 8.56 16.82
N GLU D 212 -30.72 8.56 16.81
CA GLU D 212 -31.95 7.87 16.44
CA GLU D 212 -31.95 7.87 16.46
C GLU D 212 -32.81 8.75 15.55
C GLU D 212 -32.81 8.75 15.55
N ALA D 213 -32.91 10.04 15.92
CA ALA D 213 -33.68 11.02 15.16
C ALA D 213 -33.04 11.25 13.79
N GLN D 214 -31.70 11.22 13.75
CA GLN D 214 -30.95 11.35 12.52
C GLN D 214 -31.18 10.14 11.61
N GLU D 215 -31.29 8.95 12.23
CA GLU D 215 -31.50 7.71 11.52
C GLU D 215 -32.87 7.72 10.83
N ARG D 216 -33.87 8.31 11.52
CA ARG D 216 -35.23 8.36 11.01
C ARG D 216 -35.30 9.34 9.82
N VAL D 217 -34.44 10.35 9.84
CA VAL D 217 -34.34 11.32 8.75
C VAL D 217 -33.79 10.64 7.50
N ILE D 218 -32.75 9.82 7.69
CA ILE D 218 -32.07 9.16 6.58
C ILE D 218 -32.84 7.91 6.16
N GLY D 219 -33.03 6.99 7.11
CA GLY D 219 -33.71 5.73 6.86
C GLY D 219 -32.77 4.53 7.01
N ARG D 220 -31.57 4.79 7.55
CA ARG D 220 -30.55 3.78 7.76
C ARG D 220 -29.86 4.04 9.10
N ARG D 221 -29.37 2.96 9.73
CA ARG D 221 -28.59 3.06 10.96
C ARG D 221 -27.30 3.83 10.67
N LYS D 222 -26.82 4.60 11.65
CA LYS D 222 -25.76 5.56 11.40
C LYS D 222 -24.40 4.86 11.34
N MET D 223 -24.04 4.14 12.42
CA MET D 223 -22.74 3.51 12.53
C MET D 223 -22.56 2.38 11.52
N THR D 224 -23.58 1.54 11.34
CA THR D 224 -23.43 0.27 10.65
C THR D 224 -23.93 0.32 9.21
N ASP D 225 -24.77 1.33 8.88
CA ASP D 225 -25.25 1.56 7.53
C ASP D 225 -26.32 0.53 7.14
N VAL D 226 -26.92 -0.11 8.16
CA VAL D 226 -27.95 -1.11 7.92
C VAL D 226 -29.29 -0.40 7.76
N GLU D 227 -29.99 -0.73 6.67
CA GLU D 227 -31.28 -0.14 6.35
C GLU D 227 -32.28 -0.49 7.44
N LEU D 228 -33.10 0.51 7.82
CA LEU D 228 -34.17 0.34 8.79
C LEU D 228 -35.23 -0.60 8.23
N SER D 229 -35.92 -1.30 9.14
CA SER D 229 -37.07 -2.13 8.80
C SER D 229 -38.14 -1.27 8.14
N ASP D 230 -38.88 -1.87 7.19
CA ASP D 230 -39.84 -1.16 6.37
C ASP D 230 -40.95 -0.54 7.22
N ASP D 231 -41.19 -1.10 8.41
CA ASP D 231 -42.25 -0.63 9.29
C ASP D 231 -41.64 0.09 10.50
N VAL D 232 -40.44 0.63 10.31
CA VAL D 232 -39.81 1.53 11.26
C VAL D 232 -39.40 2.79 10.49
N LYS D 233 -39.25 2.61 9.18
CA LYS D 233 -38.78 3.64 8.26
C LYS D 233 -39.92 4.61 7.96
N PRO D 234 -39.78 5.90 8.33
CA PRO D 234 -40.81 6.91 8.05
C PRO D 234 -40.99 7.14 6.56
N ALA D 235 -42.18 7.63 6.19
CA ALA D 235 -42.54 7.84 4.79
C ALA D 235 -41.85 9.09 4.24
N ASP D 236 -41.31 9.92 5.14
CA ASP D 236 -40.67 11.17 4.76
C ASP D 236 -39.15 11.07 4.89
N SER D 237 -38.66 9.85 5.15
CA SER D 237 -37.23 9.61 5.22
C SER D 237 -36.64 9.66 3.80
N HIS D 238 -35.34 10.00 3.72
CA HIS D 238 -34.65 10.20 2.45
C HIS D 238 -34.75 8.95 1.59
N VAL D 239 -34.55 7.78 2.22
CA VAL D 239 -34.47 6.51 1.51
C VAL D 239 -35.84 6.13 0.96
N ALA D 240 -36.90 6.43 1.73
CA ALA D 240 -38.27 6.14 1.32
C ALA D 240 -38.64 6.93 0.07
N LEU D 241 -38.28 8.22 0.06
CA LEU D 241 -38.71 9.13 -0.99
C LEU D 241 -37.86 8.97 -2.25
N THR D 242 -36.62 8.47 -2.08
CA THR D 242 -35.73 8.27 -3.21
C THR D 242 -35.81 6.84 -3.72
N SER D 243 -36.59 5.99 -3.04
CA SER D 243 -36.95 4.68 -3.55
C SER D 243 -38.12 4.81 -4.51
N VAL D 244 -37.83 4.66 -5.80
CA VAL D 244 -38.81 4.88 -6.85
C VAL D 244 -39.04 3.57 -7.60
N THR D 245 -40.32 3.24 -7.80
CA THR D 245 -40.72 2.06 -8.55
C THR D 245 -41.57 2.52 -9.74
N GLY D 246 -41.15 2.11 -10.94
CA GLY D 246 -41.76 2.57 -12.19
C GLY D 246 -43.00 1.77 -12.55
N PRO D 247 -43.63 2.04 -13.73
CA PRO D 247 -44.82 1.32 -14.17
C PRO D 247 -44.58 -0.18 -14.37
N ASP D 248 -43.32 -0.53 -14.62
CA ASP D 248 -42.88 -1.91 -14.80
C ASP D 248 -43.11 -2.70 -13.52
N GLY D 249 -42.71 -2.11 -12.39
CA GLY D 249 -42.64 -2.81 -11.11
C GLY D 249 -41.17 -2.97 -10.69
N SER D 250 -40.27 -2.57 -11.58
CA SER D 250 -38.83 -2.58 -11.32
C SER D 250 -38.44 -1.29 -10.60
N ASP D 251 -37.28 -1.33 -9.95
CA ASP D 251 -36.73 -0.17 -9.26
C ASP D 251 -36.01 0.72 -10.27
N LEU D 252 -36.29 2.02 -10.19
CA LEU D 252 -35.57 3.03 -10.95
C LEU D 252 -34.34 3.45 -10.14
N GLU D 253 -33.16 3.35 -10.78
CA GLU D 253 -31.90 3.59 -10.10
C GLU D 253 -31.10 4.68 -10.82
N ILE D 254 -30.34 5.44 -10.03
CA ILE D 254 -29.33 6.35 -10.55
C ILE D 254 -27.98 5.96 -9.94
N LEU D 255 -26.89 6.46 -10.55
CA LEU D 255 -25.55 6.24 -10.04
C LEU D 255 -25.02 7.56 -9.48
N ARG D 256 -24.70 7.54 -8.17
CA ARG D 256 -24.31 8.74 -7.45
C ARG D 256 -22.82 8.73 -7.14
N ASP D 257 -22.17 9.89 -7.31
CA ASP D 257 -20.77 10.07 -7.03
C ASP D 257 -20.58 11.25 -6.09
N ASN D 258 -21.46 11.35 -5.08
CA ASN D 258 -21.41 12.38 -4.06
C ASN D 258 -20.02 12.44 -3.42
N MET D 259 -19.53 13.67 -3.23
CA MET D 259 -18.28 13.92 -2.52
C MET D 259 -18.52 15.00 -1.47
N PRO D 260 -17.98 14.83 -0.24
CA PRO D 260 -17.92 15.92 0.74
C PRO D 260 -16.98 17.04 0.29
N PHE D 261 -17.21 18.24 0.82
CA PHE D 261 -16.34 19.39 0.65
C PHE D 261 -16.64 20.38 1.76
N GLY D 262 -15.76 21.37 1.95
CA GLY D 262 -16.12 22.50 2.77
C GLY D 262 -14.95 23.31 3.30
N SER D 263 -15.29 24.38 4.03
N SER D 263 -15.29 24.38 4.03
CA SER D 263 -14.35 25.27 4.69
CA SER D 263 -14.33 25.25 4.69
C SER D 263 -14.77 25.42 6.15
C SER D 263 -14.76 25.43 6.14
N VAL D 264 -13.83 25.15 7.06
CA VAL D 264 -14.11 25.15 8.49
C VAL D 264 -14.37 26.57 8.97
N GLY D 265 -13.57 27.52 8.50
CA GLY D 265 -13.64 28.91 8.91
C GLY D 265 -14.95 29.56 8.48
N ARG D 266 -15.46 29.16 7.31
CA ARG D 266 -16.66 29.74 6.73
C ARG D 266 -17.90 28.92 7.08
N GLU D 267 -17.74 27.96 8.01
CA GLU D 267 -18.83 27.10 8.43
C GLU D 267 -19.51 26.46 7.21
N GLU D 268 -18.69 26.06 6.24
CA GLU D 268 -19.20 25.39 5.05
C GLU D 268 -18.93 23.89 5.16
N PHE D 269 -20.02 23.13 5.29
CA PHE D 269 -19.98 21.67 5.27
C PHE D 269 -20.98 21.22 4.22
N GLY D 270 -20.47 20.63 3.14
CA GLY D 270 -21.29 20.44 1.95
C GLY D 270 -21.27 19.01 1.42
N THR D 271 -22.33 18.67 0.67
CA THR D 271 -22.38 17.48 -0.16
C THR D 271 -22.51 17.96 -1.60
N TYR D 272 -21.56 17.57 -2.45
CA TYR D 272 -21.70 17.85 -3.87
C TYR D 272 -22.42 16.67 -4.52
N PHE D 273 -23.66 16.91 -4.94
CA PHE D 273 -24.48 15.87 -5.51
C PHE D 273 -24.22 15.78 -7.01
N ILE D 274 -23.95 14.56 -7.49
CA ILE D 274 -23.96 14.27 -8.91
C ILE D 274 -24.58 12.88 -9.11
N GLY D 275 -25.68 12.85 -9.88
CA GLY D 275 -26.36 11.62 -10.23
C GLY D 275 -26.37 11.42 -11.74
N TYR D 276 -26.03 10.20 -12.17
CA TYR D 276 -26.06 9.79 -13.57
C TYR D 276 -27.23 8.85 -13.79
N ALA D 277 -27.90 9.00 -14.95
CA ALA D 277 -29.02 8.16 -15.35
C ALA D 277 -29.19 8.22 -16.87
N ARG D 278 -29.80 7.16 -17.45
CA ARG D 278 -29.97 7.05 -18.89
C ARG D 278 -31.02 8.04 -19.39
N THR D 279 -31.87 8.51 -18.47
CA THR D 279 -32.86 9.53 -18.77
C THR D 279 -33.01 10.42 -17.54
N PRO D 280 -33.10 11.77 -17.71
CA PRO D 280 -33.31 12.68 -16.59
C PRO D 280 -34.63 12.48 -15.83
N GLU D 281 -35.59 11.82 -16.48
CA GLU D 281 -36.92 11.60 -15.92
C GLU D 281 -36.82 10.87 -14.58
N VAL D 282 -35.80 10.01 -14.44
CA VAL D 282 -35.59 9.22 -13.23
C VAL D 282 -35.18 10.14 -12.09
N THR D 283 -34.14 10.96 -12.33
CA THR D 283 -33.57 11.84 -11.32
C THR D 283 -34.60 12.88 -10.91
N GLU D 284 -35.35 13.36 -11.90
CA GLU D 284 -36.33 14.42 -11.69
C GLU D 284 -37.50 13.91 -10.83
N THR D 285 -37.94 12.68 -11.09
CA THR D 285 -38.99 12.05 -10.31
C THR D 285 -38.59 12.03 -8.83
N MET D 286 -37.36 11.59 -8.56
CA MET D 286 -36.81 11.53 -7.21
C MET D 286 -36.72 12.93 -6.63
N LEU D 287 -36.40 13.90 -7.50
CA LEU D 287 -36.18 15.28 -7.08
C LEU D 287 -37.52 15.93 -6.74
N GLU D 288 -38.55 15.59 -7.52
CA GLU D 288 -39.91 16.08 -7.32
C GLU D 288 -40.47 15.56 -6.01
N ARG D 289 -40.13 14.31 -5.67
CA ARG D 289 -40.64 13.65 -4.47
C ARG D 289 -40.00 14.27 -3.22
N MET D 290 -38.74 14.70 -3.34
CA MET D 290 -38.01 15.27 -2.21
C MET D 290 -38.50 16.68 -1.91
N PHE D 291 -38.76 17.47 -2.96
CA PHE D 291 -39.02 18.89 -2.81
C PHE D 291 -40.52 19.17 -2.72
N LEU D 292 -41.33 18.41 -3.47
CA LEU D 292 -42.76 18.64 -3.55
C LEU D 292 -43.50 17.66 -2.63
N GLY D 293 -42.95 16.46 -2.47
CA GLY D 293 -43.49 15.47 -1.55
C GLY D 293 -44.43 14.50 -2.26
N THR D 294 -45.00 13.57 -1.48
CA THR D 294 -45.99 12.63 -1.98
C THR D 294 -47.30 12.85 -1.23
N ALA D 295 -48.24 11.91 -1.39
CA ALA D 295 -49.47 11.89 -0.63
C ALA D 295 -49.14 11.65 0.85
N SER D 296 -48.10 10.85 1.08
CA SER D 296 -47.75 10.33 2.38
C SER D 296 -46.82 11.29 3.13
N ALA D 297 -46.02 12.06 2.38
CA ALA D 297 -44.92 12.83 2.93
C ALA D 297 -44.93 14.27 2.40
N PRO D 298 -44.77 15.29 3.28
CA PRO D 298 -44.73 16.69 2.84
C PRO D 298 -43.51 17.01 1.99
N HIS D 299 -42.33 16.64 2.49
CA HIS D 299 -41.06 16.78 1.79
C HIS D 299 -40.03 15.89 2.46
N ASP D 300 -38.84 15.82 1.84
CA ASP D 300 -37.75 15.00 2.36
C ASP D 300 -37.13 15.70 3.56
N ARG D 301 -37.08 14.99 4.69
CA ARG D 301 -36.62 15.52 5.96
C ARG D 301 -35.15 15.95 5.88
N ILE D 302 -34.42 15.42 4.87
CA ILE D 302 -33.01 15.72 4.71
C ILE D 302 -32.85 17.19 4.29
N LEU D 303 -33.88 17.73 3.64
CA LEU D 303 -33.85 19.10 3.13
C LEU D 303 -33.98 20.11 4.27
N ASP D 304 -34.35 19.63 5.47
CA ASP D 304 -34.48 20.47 6.64
C ASP D 304 -33.09 20.86 7.17
N PHE D 305 -32.06 20.21 6.63
CA PHE D 305 -30.69 20.45 7.07
C PHE D 305 -29.77 20.62 5.86
N SER D 306 -30.37 20.78 4.68
CA SER D 306 -29.63 20.83 3.42
C SER D 306 -30.25 21.87 2.49
N THR D 307 -29.42 22.77 1.96
CA THR D 307 -29.86 23.78 1.02
C THR D 307 -29.09 23.65 -0.29
N ALA D 308 -29.82 23.45 -1.39
CA ALA D 308 -29.24 23.44 -2.72
C ALA D 308 -28.97 24.87 -3.17
N VAL D 309 -27.72 25.14 -3.57
CA VAL D 309 -27.30 26.48 -3.97
C VAL D 309 -26.95 26.49 -5.46
N THR D 310 -26.83 25.29 -6.06
CA THR D 310 -26.72 25.17 -7.50
C THR D 310 -27.67 24.08 -7.99
N GLY D 311 -27.87 24.04 -9.32
CA GLY D 311 -28.71 23.05 -9.95
C GLY D 311 -28.56 23.11 -11.47
N SER D 312 -27.98 22.04 -12.04
CA SER D 312 -27.73 21.99 -13.47
C SER D 312 -27.88 20.56 -13.97
N LEU D 313 -28.22 20.44 -15.26
CA LEU D 313 -28.35 19.16 -15.94
C LEU D 313 -27.46 19.16 -17.17
N PHE D 314 -26.78 18.04 -17.40
CA PHE D 314 -25.83 17.91 -18.50
C PHE D 314 -26.05 16.58 -19.21
N PHE D 315 -25.76 16.57 -20.51
CA PHE D 315 -25.62 15.33 -21.25
C PHE D 315 -24.13 15.05 -21.42
N THR D 316 -23.72 13.85 -20.99
CA THR D 316 -22.35 13.40 -21.14
C THR D 316 -22.27 12.44 -22.31
N PRO D 317 -21.80 12.90 -23.50
CA PRO D 317 -21.83 12.07 -24.70
C PRO D 317 -20.85 10.90 -24.63
N ALA D 318 -21.06 9.91 -25.51
CA ALA D 318 -20.09 8.85 -25.73
C ALA D 318 -18.75 9.47 -26.09
N ALA D 319 -17.66 8.77 -25.76
CA ALA D 319 -16.31 9.30 -25.89
C ALA D 319 -15.99 9.62 -27.35
N ASP D 320 -16.48 8.77 -28.28
CA ASP D 320 -16.13 8.90 -29.68
C ASP D 320 -16.89 10.06 -30.32
N PHE D 321 -17.93 10.55 -29.65
CA PHE D 321 -18.63 11.75 -30.08
C PHE D 321 -17.74 12.98 -29.87
N LEU D 322 -17.09 13.05 -28.70
CA LEU D 322 -16.20 14.15 -28.37
C LEU D 322 -15.02 14.16 -29.33
N GLU D 323 -14.49 12.97 -29.63
CA GLU D 323 -13.24 12.81 -30.37
C GLU D 323 -13.41 13.24 -31.82
N ASP D 324 -14.62 13.02 -32.38
CA ASP D 324 -14.85 13.20 -33.80
C ASP D 324 -15.17 14.67 -34.11
N LEU D 325 -15.43 15.47 -33.07
CA LEU D 325 -15.74 16.88 -33.23
C LEU D 325 -14.66 17.55 -34.06
N SER D 326 -13.40 17.21 -33.77
CA SER D 326 -12.23 17.58 -34.54
C SER D 326 -12.20 19.10 -34.78
N GLU E 20 -13.48 -17.07 -29.78
CA GLU E 20 -13.37 -18.28 -28.92
C GLU E 20 -11.90 -18.63 -28.67
N PRO E 21 -10.97 -18.38 -29.62
CA PRO E 21 -9.53 -18.56 -29.33
C PRO E 21 -9.06 -17.54 -28.30
N GLU E 22 -8.35 -18.05 -27.28
CA GLU E 22 -7.89 -17.24 -26.17
C GLU E 22 -6.50 -16.68 -26.49
N PRO E 23 -6.32 -15.34 -26.46
CA PRO E 23 -4.99 -14.75 -26.67
C PRO E 23 -4.08 -14.81 -25.45
N GLN E 24 -2.78 -14.58 -25.67
CA GLN E 24 -1.84 -14.38 -24.58
C GLN E 24 -2.04 -12.99 -24.01
N MET E 25 -1.30 -12.65 -22.94
CA MET E 25 -1.49 -11.43 -22.20
C MET E 25 -0.87 -10.25 -22.96
N VAL E 26 -1.21 -10.15 -24.24
CA VAL E 26 -0.61 -9.20 -25.16
C VAL E 26 -1.24 -7.82 -24.97
N LEU E 27 -2.40 -7.79 -24.29
CA LEU E 27 -3.16 -6.55 -24.12
C LEU E 27 -2.98 -5.99 -22.71
N SER E 28 -2.27 -6.73 -21.84
CA SER E 28 -2.09 -6.34 -20.46
C SER E 28 -1.22 -5.09 -20.35
N PRO E 29 -1.31 -4.30 -19.26
CA PRO E 29 -0.57 -3.04 -19.15
C PRO E 29 0.91 -3.13 -18.76
N LEU E 30 1.59 -1.98 -18.82
CA LEU E 30 2.94 -1.81 -18.29
C LEU E 30 2.98 -2.25 -16.83
N THR E 31 4.08 -2.91 -16.45
CA THR E 31 4.39 -3.22 -15.07
C THR E 31 5.70 -2.53 -14.71
N SER E 32 6.08 -2.59 -13.42
CA SER E 32 7.25 -1.87 -12.95
C SER E 32 8.53 -2.68 -13.19
N ALA E 33 8.38 -3.99 -13.42
CA ALA E 33 9.51 -4.88 -13.69
C ALA E 33 9.21 -5.74 -14.91
N ALA E 34 10.26 -6.05 -15.67
CA ALA E 34 10.16 -6.91 -16.84
C ALA E 34 11.49 -7.60 -17.13
N ILE E 35 11.41 -8.82 -17.68
CA ILE E 35 12.55 -9.52 -18.23
C ILE E 35 12.26 -9.86 -19.68
N PHE E 36 13.15 -9.40 -20.57
CA PHE E 36 13.10 -9.74 -21.99
C PHE E 36 14.19 -10.77 -22.26
N LEU E 37 13.77 -11.90 -22.84
CA LEU E 37 14.65 -13.02 -23.08
C LEU E 37 14.51 -13.46 -24.54
N VAL E 38 15.64 -13.43 -25.28
CA VAL E 38 15.65 -13.85 -26.67
C VAL E 38 16.70 -14.95 -26.83
N VAL E 39 16.29 -16.07 -27.44
CA VAL E 39 17.17 -17.22 -27.62
C VAL E 39 17.05 -17.73 -29.05
N THR E 40 18.06 -18.49 -29.48
CA THR E 40 17.99 -19.26 -30.71
C THR E 40 17.98 -20.75 -30.35
N ILE E 41 17.33 -21.55 -31.20
CA ILE E 41 17.22 -22.98 -30.97
C ILE E 41 18.43 -23.67 -31.61
N ASP E 42 19.22 -24.36 -30.77
CA ASP E 42 20.32 -25.19 -31.23
C ASP E 42 19.78 -26.33 -32.08
N SER E 43 20.61 -26.82 -33.01
CA SER E 43 20.31 -28.02 -33.78
C SER E 43 19.94 -29.16 -32.83
N GLY E 44 18.74 -29.71 -33.02
CA GLY E 44 18.30 -30.87 -32.27
C GLY E 44 17.43 -30.48 -31.07
N GLY E 45 17.31 -29.17 -30.83
CA GLY E 45 16.60 -28.66 -29.66
C GLY E 45 15.08 -28.61 -29.84
N GLU E 46 14.62 -28.90 -31.06
CA GLU E 46 13.23 -28.68 -31.46
C GLU E 46 12.26 -29.36 -30.51
N ASP E 47 12.55 -30.62 -30.16
CA ASP E 47 11.66 -31.42 -29.34
C ASP E 47 11.55 -30.84 -27.93
N THR E 48 12.69 -30.45 -27.37
CA THR E 48 12.76 -29.87 -26.03
C THR E 48 11.99 -28.56 -26.00
N VAL E 49 12.04 -27.82 -27.11
CA VAL E 49 11.41 -26.51 -27.24
C VAL E 49 9.90 -26.67 -27.30
N ARG E 50 9.43 -27.67 -28.08
CA ARG E 50 8.01 -27.93 -28.24
C ARG E 50 7.37 -28.34 -26.91
N ASP E 51 8.09 -29.13 -26.13
N ASP E 51 8.10 -29.14 -26.13
CA ASP E 51 7.62 -29.65 -24.85
CA ASP E 51 7.63 -29.65 -24.85
C ASP E 51 7.44 -28.50 -23.87
C ASP E 51 7.45 -28.51 -23.86
N LEU E 52 8.36 -27.52 -23.91
CA LEU E 52 8.31 -26.37 -23.02
C LEU E 52 7.14 -25.46 -23.39
N LEU E 53 6.92 -25.25 -24.69
CA LEU E 53 5.89 -24.36 -25.19
C LEU E 53 4.53 -24.78 -24.68
N SER E 54 4.37 -26.10 -24.42
CA SER E 54 3.09 -26.63 -23.97
C SER E 54 2.94 -26.49 -22.46
N ASP E 55 4.04 -26.18 -21.76
CA ASP E 55 4.04 -26.08 -20.30
C ASP E 55 4.24 -24.65 -19.83
N VAL E 56 4.39 -23.70 -20.76
CA VAL E 56 4.76 -22.33 -20.42
C VAL E 56 3.64 -21.70 -19.57
N ALA E 57 2.39 -21.90 -20.00
CA ALA E 57 1.23 -21.37 -19.29
C ALA E 57 1.14 -21.98 -17.89
N SER E 58 1.54 -23.25 -17.80
CA SER E 58 1.51 -24.01 -16.55
C SER E 58 2.58 -23.50 -15.59
N LEU E 59 3.75 -23.12 -16.13
CA LEU E 59 4.85 -22.63 -15.32
C LEU E 59 4.52 -21.23 -14.80
N GLU E 60 3.78 -20.47 -15.61
CA GLU E 60 3.40 -19.10 -15.28
C GLU E 60 2.49 -19.12 -14.05
N ARG E 61 1.49 -20.00 -14.06
CA ARG E 61 0.54 -20.12 -12.96
C ARG E 61 1.26 -20.58 -11.70
N ALA E 62 2.22 -21.51 -11.86
CA ALA E 62 2.90 -22.13 -10.74
C ALA E 62 3.67 -21.09 -9.93
N VAL E 63 4.37 -20.20 -10.64
CA VAL E 63 5.15 -19.15 -10.03
C VAL E 63 4.21 -18.01 -9.61
N GLY E 64 3.27 -17.67 -10.50
CA GLY E 64 2.46 -16.47 -10.38
C GLY E 64 1.47 -16.53 -9.23
N PHE E 65 0.97 -17.74 -8.91
CA PHE E 65 -0.11 -17.89 -7.95
C PHE E 65 0.35 -17.53 -6.54
N ARG E 66 1.67 -17.65 -6.31
CA ARG E 66 2.27 -17.39 -5.01
C ARG E 66 2.12 -15.92 -4.62
N ALA E 67 1.94 -15.04 -5.60
CA ALA E 67 1.97 -13.61 -5.35
C ALA E 67 0.65 -12.94 -5.72
N GLN E 68 -0.45 -13.70 -5.57
N GLN E 68 -0.45 -13.70 -5.58
CA GLN E 68 -1.81 -13.20 -5.77
CA GLN E 68 -1.79 -13.17 -5.80
C GLN E 68 -2.16 -12.27 -4.61
C GLN E 68 -2.16 -12.27 -4.62
N PRO E 69 -2.85 -11.13 -4.84
CA PRO E 69 -3.23 -10.69 -6.19
C PRO E 69 -2.46 -9.51 -6.79
N ASP E 70 -1.32 -9.15 -6.18
N ASP E 70 -1.32 -9.15 -6.18
CA ASP E 70 -0.58 -7.97 -6.54
CA ASP E 70 -0.58 -7.95 -6.56
C ASP E 70 0.60 -8.31 -7.46
C ASP E 70 0.60 -8.31 -7.47
N GLY E 71 0.78 -9.60 -7.73
CA GLY E 71 1.92 -10.11 -8.49
C GLY E 71 1.93 -9.62 -9.94
N ARG E 72 0.80 -9.79 -10.63
N ARG E 72 0.79 -9.81 -10.63
CA ARG E 72 0.61 -9.37 -12.01
CA ARG E 72 0.59 -9.40 -12.01
C ARG E 72 1.67 -10.02 -12.90
C ARG E 72 1.66 -10.03 -12.91
N LEU E 73 1.98 -11.30 -12.63
CA LEU E 73 2.95 -12.05 -13.42
C LEU E 73 2.28 -12.52 -14.71
N SER E 74 2.95 -12.23 -15.82
CA SER E 74 2.51 -12.70 -17.12
C SER E 74 3.73 -13.06 -17.97
N CYS E 75 3.53 -13.98 -18.90
CA CYS E 75 4.55 -14.33 -19.88
C CYS E 75 3.88 -14.38 -21.25
N VAL E 76 4.49 -13.68 -22.20
CA VAL E 76 4.09 -13.77 -23.60
C VAL E 76 5.25 -14.41 -24.37
N THR E 77 4.95 -15.52 -25.06
CA THR E 77 5.93 -16.27 -25.83
C THR E 77 5.75 -15.98 -27.31
N GLY E 78 6.85 -15.62 -27.97
CA GLY E 78 6.84 -15.35 -29.40
C GLY E 78 7.79 -16.29 -30.13
N ILE E 79 7.46 -16.59 -31.39
CA ILE E 79 8.24 -17.51 -32.20
C ILE E 79 8.60 -16.80 -33.51
N GLY E 80 9.88 -16.89 -33.89
CA GLY E 80 10.40 -16.26 -35.09
C GLY E 80 10.02 -17.03 -36.36
N SER E 81 10.31 -16.43 -37.51
CA SER E 81 9.94 -16.95 -38.81
C SER E 81 10.64 -18.29 -39.08
N GLU E 82 11.97 -18.30 -38.92
CA GLU E 82 12.77 -19.48 -39.20
C GLU E 82 12.50 -20.57 -38.18
N ALA E 83 12.27 -20.17 -36.92
CA ALA E 83 11.99 -21.09 -35.84
C ALA E 83 10.67 -21.83 -36.10
N TRP E 84 9.69 -21.10 -36.64
CA TRP E 84 8.36 -21.63 -36.91
C TRP E 84 8.44 -22.82 -37.88
N ASP E 85 9.29 -22.67 -38.91
CA ASP E 85 9.41 -23.66 -39.97
C ASP E 85 10.14 -24.90 -39.46
N ARG E 86 10.88 -24.75 -38.36
CA ARG E 86 11.63 -25.84 -37.76
C ARG E 86 10.77 -26.59 -36.75
N LEU E 87 9.75 -25.90 -36.22
CA LEU E 87 8.97 -26.42 -35.11
C LEU E 87 7.69 -27.08 -35.61
N PHE E 88 7.08 -26.49 -36.65
CA PHE E 88 5.74 -26.92 -37.05
C PHE E 88 5.70 -27.20 -38.54
N SER E 89 4.65 -27.91 -38.95
CA SER E 89 4.31 -28.12 -40.35
C SER E 89 2.90 -27.58 -40.61
N GLY E 90 2.54 -27.45 -41.90
CA GLY E 90 1.26 -26.91 -42.29
C GLY E 90 1.33 -25.39 -42.45
N ALA E 91 0.21 -24.72 -42.18
CA ALA E 91 0.03 -23.30 -42.46
C ALA E 91 0.82 -22.45 -41.48
N ARG E 92 1.27 -21.29 -41.97
CA ARG E 92 2.03 -20.30 -41.20
C ARG E 92 1.19 -19.03 -41.10
N PRO E 93 1.40 -18.18 -40.06
CA PRO E 93 0.81 -16.85 -40.02
C PRO E 93 1.16 -16.02 -41.25
N ALA E 94 0.18 -15.29 -41.78
CA ALA E 94 0.25 -14.64 -43.07
C ALA E 94 1.43 -13.67 -43.16
N GLY E 95 1.74 -13.00 -42.06
CA GLY E 95 2.73 -11.92 -42.09
C GLY E 95 4.05 -12.30 -41.44
N LEU E 96 4.24 -13.59 -41.14
CA LEU E 96 5.43 -14.01 -40.40
C LEU E 96 6.61 -14.12 -41.35
N HIS E 97 7.58 -13.21 -41.17
CA HIS E 97 8.83 -13.20 -41.91
C HIS E 97 9.96 -12.75 -40.97
N PRO E 98 11.25 -12.96 -41.32
CA PRO E 98 12.35 -12.40 -40.53
C PRO E 98 12.30 -10.88 -40.53
N PHE E 99 12.88 -10.27 -39.48
CA PHE E 99 12.92 -8.82 -39.37
C PHE E 99 13.64 -8.24 -40.59
N ARG E 100 13.02 -7.23 -41.23
CA ARG E 100 13.57 -6.62 -42.42
C ARG E 100 14.53 -5.49 -42.03
N GLU E 101 15.81 -5.68 -42.38
CA GLU E 101 16.84 -4.69 -42.18
C GLU E 101 16.51 -3.45 -42.99
N LEU E 102 16.71 -2.27 -42.38
CA LEU E 102 16.43 -1.00 -43.03
C LEU E 102 17.73 -0.20 -43.09
N ASP E 103 18.28 -0.08 -44.29
CA ASP E 103 19.55 0.60 -44.49
C ASP E 103 19.27 2.02 -45.00
N GLY E 104 19.12 2.96 -44.05
CA GLY E 104 18.86 4.34 -44.37
C GLY E 104 20.16 5.07 -44.70
N PRO E 105 20.08 6.30 -45.29
CA PRO E 105 21.27 7.11 -45.54
C PRO E 105 22.12 7.38 -44.29
N VAL E 106 21.46 7.68 -43.17
CA VAL E 106 22.15 8.05 -41.95
C VAL E 106 22.06 6.90 -40.92
N HIS E 107 20.83 6.45 -40.64
CA HIS E 107 20.60 5.48 -39.57
C HIS E 107 20.19 4.13 -40.13
N ARG E 108 20.44 3.09 -39.34
CA ARG E 108 20.26 1.71 -39.78
C ARG E 108 19.53 0.92 -38.69
N ALA E 109 18.48 0.20 -39.09
CA ALA E 109 17.80 -0.76 -38.24
C ALA E 109 18.31 -2.16 -38.58
N VAL E 110 19.09 -2.74 -37.65
CA VAL E 110 19.77 -4.01 -37.89
C VAL E 110 18.84 -5.16 -37.53
N ALA E 111 19.06 -6.29 -38.21
CA ALA E 111 18.40 -7.55 -37.90
C ALA E 111 19.41 -8.48 -37.22
N THR E 112 19.04 -8.96 -36.02
CA THR E 112 19.90 -9.86 -35.26
C THR E 112 19.12 -11.14 -34.96
N PRO E 113 19.80 -12.30 -34.77
CA PRO E 113 19.12 -13.57 -34.56
C PRO E 113 18.29 -13.67 -33.28
N GLY E 114 17.21 -14.45 -33.37
CA GLY E 114 16.33 -14.73 -32.26
C GLY E 114 15.19 -15.65 -32.72
N ASP E 115 15.02 -16.78 -32.02
CA ASP E 115 14.03 -17.78 -32.40
C ASP E 115 12.84 -17.73 -31.46
N LEU E 116 13.10 -17.46 -30.17
CA LEU E 116 12.06 -17.44 -29.15
C LEU E 116 12.16 -16.15 -28.34
N LEU E 117 11.02 -15.47 -28.17
CA LEU E 117 10.91 -14.34 -27.27
C LEU E 117 10.12 -14.78 -26.04
N PHE E 118 10.65 -14.43 -24.87
CA PHE E 118 9.88 -14.51 -23.63
C PHE E 118 9.76 -13.10 -23.06
N HIS E 119 8.54 -12.57 -23.12
CA HIS E 119 8.23 -11.25 -22.56
C HIS E 119 7.59 -11.47 -21.20
N ILE E 120 8.40 -11.25 -20.14
CA ILE E 120 7.98 -11.58 -18.79
C ILE E 120 7.79 -10.27 -18.02
N ARG E 121 6.56 -10.05 -17.52
CA ARG E 121 6.24 -8.84 -16.76
C ARG E 121 5.67 -9.23 -15.40
N ALA E 122 5.95 -8.38 -14.40
CA ALA E 122 5.39 -8.48 -13.07
C ALA E 122 5.58 -7.15 -12.34
N SER E 123 4.96 -7.03 -11.16
CA SER E 123 5.11 -5.84 -10.34
C SER E 123 6.40 -5.92 -9.52
N ARG E 124 7.04 -7.10 -9.56
CA ARG E 124 8.25 -7.40 -8.81
C ARG E 124 9.21 -8.19 -9.69
N LEU E 125 10.51 -7.93 -9.53
CA LEU E 125 11.51 -8.55 -10.39
C LEU E 125 11.69 -10.03 -10.03
N ASP E 126 11.57 -10.34 -8.73
CA ASP E 126 11.79 -11.70 -8.24
C ASP E 126 10.90 -12.69 -8.98
N LEU E 127 9.64 -12.29 -9.20
CA LEU E 127 8.65 -13.10 -9.90
C LEU E 127 9.11 -13.37 -11.34
N CYS E 128 9.59 -12.33 -12.03
CA CYS E 128 10.05 -12.46 -13.40
C CYS E 128 11.25 -13.40 -13.47
N PHE E 129 12.16 -13.23 -12.50
CA PHE E 129 13.42 -13.97 -12.46
C PHE E 129 13.14 -15.44 -12.18
N ALA E 130 12.20 -15.71 -11.27
CA ALA E 130 11.86 -17.08 -10.90
C ALA E 130 11.29 -17.82 -12.10
N LEU E 131 10.39 -17.14 -12.83
CA LEU E 131 9.77 -17.73 -14.00
C LEU E 131 10.84 -17.97 -15.07
N ALA E 132 11.69 -16.96 -15.30
CA ALA E 132 12.78 -17.05 -16.28
C ALA E 132 13.68 -18.24 -15.98
N THR E 133 13.98 -18.45 -14.69
CA THR E 133 14.82 -19.55 -14.23
C THR E 133 14.18 -20.89 -14.61
N GLU E 134 12.86 -21.00 -14.40
CA GLU E 134 12.13 -22.23 -14.63
C GLU E 134 12.08 -22.56 -16.11
N ILE E 135 11.97 -21.53 -16.95
CA ILE E 135 11.89 -21.69 -18.40
C ILE E 135 13.25 -22.12 -18.93
N MET E 136 14.31 -21.39 -18.54
CA MET E 136 15.66 -21.66 -19.01
C MET E 136 16.19 -22.99 -18.46
N GLY E 137 15.69 -23.38 -17.29
CA GLY E 137 16.05 -24.65 -16.69
C GLY E 137 15.66 -25.82 -17.59
N ARG E 138 14.53 -25.67 -18.29
CA ARG E 138 13.97 -26.73 -19.12
C ARG E 138 14.46 -26.61 -20.56
N LEU E 139 15.19 -25.53 -20.86
CA LEU E 139 15.69 -25.28 -22.20
C LEU E 139 17.21 -25.46 -22.25
N ARG E 140 17.81 -25.76 -21.09
CA ARG E 140 19.26 -25.82 -20.97
C ARG E 140 19.79 -26.92 -21.89
N GLY E 141 20.67 -26.54 -22.82
CA GLY E 141 21.31 -27.46 -23.74
C GLY E 141 20.54 -27.62 -25.05
N ALA E 142 19.45 -26.84 -25.20
CA ALA E 142 18.64 -26.88 -26.40
C ALA E 142 18.62 -25.51 -27.09
N VAL E 143 18.98 -24.47 -26.32
CA VAL E 143 18.92 -23.10 -26.82
C VAL E 143 20.20 -22.37 -26.43
N THR E 144 20.54 -21.34 -27.20
CA THR E 144 21.64 -20.42 -26.90
C THR E 144 21.05 -19.04 -26.64
N PRO E 145 21.37 -18.38 -25.52
CA PRO E 145 20.85 -17.03 -25.22
C PRO E 145 21.45 -16.01 -26.18
N GLN E 146 20.62 -15.02 -26.56
CA GLN E 146 21.04 -13.99 -27.49
C GLN E 146 21.00 -12.63 -26.80
N ASP E 147 19.94 -12.39 -26.03
CA ASP E 147 19.75 -11.13 -25.34
C ASP E 147 18.94 -11.37 -24.07
N GLU E 148 19.35 -10.71 -22.99
CA GLU E 148 18.60 -10.71 -21.75
C GLU E 148 18.64 -9.31 -21.16
N VAL E 149 17.45 -8.74 -20.95
CA VAL E 149 17.32 -7.39 -20.45
C VAL E 149 16.36 -7.40 -19.25
N HIS E 150 16.83 -6.82 -18.14
CA HIS E 150 15.99 -6.60 -16.97
C HIS E 150 15.54 -5.16 -16.98
N GLY E 151 14.26 -4.94 -17.31
CA GLY E 151 13.68 -3.62 -17.36
C GLY E 151 13.12 -3.19 -16.00
N PHE E 152 13.15 -1.87 -15.75
CA PHE E 152 12.64 -1.30 -14.52
C PHE E 152 11.97 0.03 -14.85
N LYS E 153 10.88 0.32 -14.11
CA LYS E 153 10.15 1.56 -14.23
C LYS E 153 11.02 2.71 -13.73
N TYR E 154 11.00 3.83 -14.47
CA TYR E 154 11.81 4.98 -14.14
C TYR E 154 10.89 6.15 -13.84
N PHE E 155 10.71 6.43 -12.54
CA PHE E 155 9.87 7.52 -12.06
C PHE E 155 8.47 7.38 -12.65
N ASP E 156 7.90 8.50 -13.14
CA ASP E 156 6.53 8.54 -13.60
C ASP E 156 6.43 8.10 -15.05
N GLU E 157 6.72 6.81 -15.28
CA GLU E 157 6.58 6.16 -16.58
C GLU E 157 7.51 6.80 -17.61
N ARG E 158 8.69 7.24 -17.16
CA ARG E 158 9.64 7.92 -18.03
C ARG E 158 10.58 6.91 -18.67
N ASP E 159 11.05 7.25 -19.88
CA ASP E 159 12.14 6.53 -20.51
C ASP E 159 13.46 7.21 -20.12
N MET E 160 14.57 6.71 -20.68
CA MET E 160 15.89 7.12 -20.26
C MET E 160 16.21 8.50 -20.84
N LEU E 161 15.36 8.99 -21.76
CA LEU E 161 15.48 10.33 -22.32
C LEU E 161 14.74 11.33 -21.43
N GLY E 162 14.04 10.83 -20.41
CA GLY E 162 13.39 11.66 -19.41
C GLY E 162 11.98 12.09 -19.84
N PHE E 163 11.44 11.42 -20.87
CA PHE E 163 10.10 11.67 -21.37
C PHE E 163 9.19 10.52 -20.98
N VAL E 164 7.93 10.86 -20.67
CA VAL E 164 6.89 9.89 -20.37
C VAL E 164 6.64 9.06 -21.63
N ASP E 165 6.58 7.75 -21.45
CA ASP E 165 6.65 6.83 -22.58
C ASP E 165 5.50 5.83 -22.50
N GLY E 166 4.57 5.91 -23.46
CA GLY E 166 3.49 4.95 -23.60
C GLY E 166 2.11 5.60 -23.61
N THR E 167 2.08 6.94 -23.48
CA THR E 167 0.86 7.71 -23.27
C THR E 167 -0.21 7.37 -24.30
N GLU E 168 0.19 7.28 -25.57
CA GLU E 168 -0.78 7.23 -26.67
C GLU E 168 -1.14 5.79 -27.05
N ASN E 169 -0.73 4.82 -26.24
CA ASN E 169 -1.12 3.43 -26.42
C ASN E 169 -2.65 3.32 -26.49
N PRO E 170 -3.19 2.47 -27.39
CA PRO E 170 -4.64 2.22 -27.45
C PRO E 170 -5.10 1.45 -26.21
N THR E 171 -6.37 1.65 -25.83
CA THR E 171 -6.97 0.96 -24.70
C THR E 171 -8.29 0.35 -25.14
N GLY E 172 -8.73 -0.68 -24.39
CA GLY E 172 -10.04 -1.28 -24.58
C GLY E 172 -10.20 -1.91 -25.96
N ALA E 173 -11.25 -1.48 -26.67
CA ALA E 173 -11.68 -2.08 -27.92
C ALA E 173 -10.68 -1.76 -29.04
N ALA E 174 -10.18 -0.52 -29.06
CA ALA E 174 -9.24 -0.06 -30.06
C ALA E 174 -7.94 -0.84 -29.98
N ALA E 175 -7.57 -1.25 -28.76
CA ALA E 175 -6.37 -2.03 -28.52
C ALA E 175 -6.53 -3.44 -29.09
N ARG E 176 -7.71 -4.03 -28.88
CA ARG E 176 -8.05 -5.35 -29.37
C ARG E 176 -8.09 -5.36 -30.90
N ARG E 177 -8.53 -4.24 -31.47
CA ARG E 177 -8.67 -4.06 -32.91
C ARG E 177 -7.29 -3.97 -33.57
N ALA E 178 -6.33 -3.34 -32.86
CA ALA E 178 -5.05 -2.99 -33.43
C ALA E 178 -4.02 -4.10 -33.24
N VAL E 179 -4.28 -5.01 -32.28
CA VAL E 179 -3.24 -5.91 -31.79
C VAL E 179 -3.53 -7.35 -32.21
N LEU E 180 -4.79 -7.76 -32.19
CA LEU E 180 -5.15 -9.17 -32.32
C LEU E 180 -5.49 -9.50 -33.78
N VAL E 181 -4.88 -10.58 -34.28
CA VAL E 181 -5.22 -11.17 -35.57
C VAL E 181 -6.68 -11.62 -35.50
N GLY E 182 -7.44 -11.32 -36.57
CA GLY E 182 -8.84 -11.69 -36.66
C GLY E 182 -9.14 -12.47 -37.94
N ALA E 183 -10.19 -12.04 -38.63
CA ALA E 183 -10.76 -12.75 -39.77
C ALA E 183 -9.86 -12.68 -41.00
N GLU E 184 -8.84 -11.82 -40.97
CA GLU E 184 -7.96 -11.64 -42.12
C GLU E 184 -6.93 -12.77 -42.19
N ASP E 185 -6.77 -13.50 -41.08
CA ASP E 185 -5.95 -14.70 -41.04
C ASP E 185 -6.60 -15.70 -40.07
N PRO E 186 -7.78 -16.26 -40.43
CA PRO E 186 -8.64 -16.96 -39.47
C PRO E 186 -8.04 -18.11 -38.67
N ALA E 187 -7.03 -18.78 -39.23
CA ALA E 187 -6.42 -19.94 -38.58
C ALA E 187 -5.49 -19.51 -37.44
N PHE E 188 -5.22 -18.20 -37.34
CA PHE E 188 -4.29 -17.69 -36.34
C PHE E 188 -4.92 -16.52 -35.59
N ALA E 189 -6.25 -16.48 -35.56
CA ALA E 189 -6.99 -15.46 -34.82
C ALA E 189 -6.59 -15.52 -33.34
N GLY E 190 -6.45 -14.34 -32.72
CA GLY E 190 -6.05 -14.24 -31.33
C GLY E 190 -4.53 -14.14 -31.18
N GLY E 191 -3.81 -14.33 -32.29
CA GLY E 191 -2.36 -14.15 -32.31
C GLY E 191 -1.99 -12.67 -32.44
N SER E 192 -0.68 -12.39 -32.36
CA SER E 192 -0.18 -11.04 -32.52
C SER E 192 1.26 -11.08 -33.04
N TYR E 193 1.74 -9.93 -33.55
CA TYR E 193 3.11 -9.80 -34.00
C TYR E 193 3.85 -8.84 -33.09
N ALA E 194 5.03 -9.29 -32.62
CA ALA E 194 5.86 -8.51 -31.71
C ALA E 194 7.18 -8.17 -32.39
N VAL E 195 7.48 -6.88 -32.50
CA VAL E 195 8.78 -6.42 -32.96
C VAL E 195 9.57 -5.93 -31.74
N VAL E 196 10.79 -6.47 -31.59
CA VAL E 196 11.66 -6.02 -30.53
C VAL E 196 12.88 -5.32 -31.14
N GLN E 197 13.36 -4.28 -30.45
CA GLN E 197 14.59 -3.59 -30.78
C GLN E 197 15.20 -3.03 -29.50
N LYS E 198 16.47 -3.39 -29.26
CA LYS E 198 17.18 -2.87 -28.11
C LYS E 198 17.90 -1.57 -28.53
N TYR E 199 17.51 -0.46 -27.89
CA TYR E 199 18.08 0.85 -28.20
C TYR E 199 19.03 1.28 -27.10
N LEU E 200 20.17 1.86 -27.52
CA LEU E 200 21.07 2.55 -26.62
C LEU E 200 21.04 4.04 -26.94
N HIS E 201 21.03 4.87 -25.89
CA HIS E 201 20.97 6.32 -26.07
C HIS E 201 22.33 6.93 -25.83
N ASP E 202 22.65 7.96 -26.62
CA ASP E 202 23.79 8.82 -26.36
C ASP E 202 23.31 10.00 -25.52
N ILE E 203 23.42 9.83 -24.20
CA ILE E 203 22.90 10.78 -23.22
C ILE E 203 23.69 12.09 -23.30
N ASP E 204 25.02 11.99 -23.52
CA ASP E 204 25.88 13.15 -23.61
C ASP E 204 25.37 14.11 -24.69
N ALA E 205 25.08 13.56 -25.88
CA ALA E 205 24.58 14.36 -26.99
C ALA E 205 23.22 14.94 -26.62
N TRP E 206 22.38 14.12 -25.97
CA TRP E 206 21.01 14.46 -25.63
C TRP E 206 20.96 15.59 -24.61
N GLU E 207 21.91 15.56 -23.65
CA GLU E 207 21.97 16.54 -22.58
C GLU E 207 22.56 17.85 -23.08
N GLY E 208 23.19 17.81 -24.26
CA GLY E 208 23.69 19.01 -24.92
C GLY E 208 22.54 19.89 -25.41
N LEU E 209 21.35 19.29 -25.57
CA LEU E 209 20.16 20.01 -26.02
C LEU E 209 19.48 20.68 -24.84
N SER E 210 18.86 21.84 -25.12
CA SER E 210 17.91 22.45 -24.21
C SER E 210 16.65 21.60 -24.12
N VAL E 211 15.87 21.80 -23.05
CA VAL E 211 14.62 21.10 -22.83
C VAL E 211 13.68 21.36 -24.02
N GLU E 212 13.60 22.62 -24.45
CA GLU E 212 12.75 23.03 -25.55
C GLU E 212 13.15 22.30 -26.83
N ALA E 213 14.47 22.12 -27.04
CA ALA E 213 15.00 21.46 -28.22
C ALA E 213 14.68 19.97 -28.17
N GLN E 214 14.78 19.36 -26.98
CA GLN E 214 14.44 17.97 -26.80
C GLN E 214 12.95 17.78 -27.10
N GLU E 215 12.14 18.76 -26.70
CA GLU E 215 10.70 18.75 -26.90
C GLU E 215 10.38 18.68 -28.39
N ARG E 216 11.12 19.45 -29.20
N ARG E 216 11.13 19.45 -29.19
CA ARG E 216 10.92 19.49 -30.64
CA ARG E 216 10.93 19.50 -30.64
C ARG E 216 11.30 18.16 -31.28
C ARG E 216 11.27 18.15 -31.26
N VAL E 217 12.22 17.43 -30.63
CA VAL E 217 12.64 16.12 -31.10
C VAL E 217 11.51 15.11 -30.89
N ILE E 218 10.90 15.14 -29.69
CA ILE E 218 9.87 14.18 -29.33
C ILE E 218 8.53 14.62 -29.94
N GLY E 219 8.10 15.84 -29.59
CA GLY E 219 6.84 16.39 -30.05
C GLY E 219 5.84 16.54 -28.91
N ARG E 220 6.34 16.41 -27.67
CA ARG E 220 5.52 16.55 -26.46
C ARG E 220 6.31 17.32 -25.41
N ARG E 221 5.59 18.00 -24.51
CA ARG E 221 6.19 18.69 -23.39
C ARG E 221 6.85 17.67 -22.48
N LYS E 222 8.00 18.03 -21.91
CA LYS E 222 8.83 17.07 -21.20
C LYS E 222 8.24 16.71 -19.84
N MET E 223 7.89 17.74 -19.06
N MET E 223 7.89 17.73 -19.04
CA MET E 223 7.47 17.56 -17.68
CA MET E 223 7.45 17.47 -17.68
C MET E 223 6.00 17.13 -17.61
C MET E 223 5.99 17.08 -17.64
N THR E 224 5.14 17.83 -18.35
CA THR E 224 3.69 17.66 -18.25
C THR E 224 3.17 16.60 -19.22
N ASP E 225 3.94 16.28 -20.26
CA ASP E 225 3.61 15.20 -21.19
C ASP E 225 2.46 15.61 -22.10
N VAL E 226 2.18 16.91 -22.17
CA VAL E 226 1.15 17.43 -23.06
C VAL E 226 1.72 17.50 -24.48
N GLU E 227 0.91 17.10 -25.46
CA GLU E 227 1.31 17.08 -26.85
C GLU E 227 1.43 18.51 -27.37
N LEU E 228 2.48 18.76 -28.18
CA LEU E 228 2.65 20.04 -28.85
C LEU E 228 1.55 20.21 -29.88
N SER E 229 1.11 21.45 -30.06
CA SER E 229 0.08 21.79 -31.05
C SER E 229 0.63 21.62 -32.46
N ASP E 230 -0.28 21.44 -33.42
CA ASP E 230 0.05 21.01 -34.77
C ASP E 230 0.89 22.06 -35.51
N ASP E 231 0.88 23.29 -35.03
CA ASP E 231 1.62 24.37 -35.67
C ASP E 231 3.08 24.35 -35.20
N VAL E 232 3.31 23.96 -33.94
CA VAL E 232 4.62 24.03 -33.32
C VAL E 232 5.37 22.72 -33.53
N LYS E 233 4.62 21.61 -33.63
CA LYS E 233 5.19 20.28 -33.74
C LYS E 233 5.91 20.13 -35.08
N PRO E 234 7.24 19.85 -35.07
CA PRO E 234 8.00 19.69 -36.31
C PRO E 234 7.63 18.41 -37.06
N ALA E 235 7.92 18.39 -38.37
CA ALA E 235 7.57 17.29 -39.25
C ALA E 235 8.46 16.08 -39.00
N ASP E 236 9.65 16.33 -38.44
CA ASP E 236 10.63 15.28 -38.20
C ASP E 236 10.62 14.86 -36.73
N SER E 237 9.63 15.33 -35.98
CA SER E 237 9.46 14.91 -34.59
C SER E 237 9.00 13.46 -34.55
N HIS E 238 9.27 12.79 -33.41
CA HIS E 238 8.98 11.38 -33.23
C HIS E 238 7.47 11.11 -33.35
N VAL E 239 6.66 12.03 -32.79
CA VAL E 239 5.21 11.87 -32.75
C VAL E 239 4.62 12.03 -34.14
N ALA E 240 5.17 12.96 -34.92
CA ALA E 240 4.69 13.24 -36.28
C ALA E 240 4.93 12.03 -37.19
N LEU E 241 6.13 11.43 -37.08
CA LEU E 241 6.55 10.37 -37.98
C LEU E 241 5.87 9.04 -37.64
N THR E 242 5.54 8.85 -36.35
CA THR E 242 4.94 7.59 -35.92
C THR E 242 3.42 7.71 -35.91
N SER E 243 2.91 8.88 -36.29
CA SER E 243 1.48 9.07 -36.54
C SER E 243 1.18 8.71 -37.99
N VAL E 244 0.46 7.60 -38.18
CA VAL E 244 0.16 7.10 -39.51
C VAL E 244 -1.33 6.85 -39.62
N THR E 245 -1.94 7.38 -40.69
CA THR E 245 -3.31 7.05 -41.04
C THR E 245 -3.29 6.13 -42.25
N GLY E 246 -4.21 5.14 -42.25
CA GLY E 246 -4.31 4.17 -43.32
C GLY E 246 -5.04 4.74 -44.53
N PRO E 247 -5.08 4.02 -45.68
CA PRO E 247 -5.74 4.51 -46.89
C PRO E 247 -7.20 4.94 -46.70
N ASP E 248 -7.84 4.47 -45.63
CA ASP E 248 -9.25 4.73 -45.39
C ASP E 248 -9.44 5.79 -44.30
N GLY E 249 -8.32 6.38 -43.84
CA GLY E 249 -8.37 7.51 -42.94
C GLY E 249 -8.30 7.11 -41.46
N SER E 250 -8.39 5.80 -41.19
CA SER E 250 -8.28 5.29 -39.83
C SER E 250 -6.83 5.35 -39.37
N ASP E 251 -6.64 5.57 -38.06
CA ASP E 251 -5.31 5.62 -37.46
C ASP E 251 -4.75 4.20 -37.33
N LEU E 252 -3.47 4.05 -37.68
CA LEU E 252 -2.76 2.78 -37.51
C LEU E 252 -2.02 2.81 -36.19
N GLU E 253 -2.36 1.86 -35.31
CA GLU E 253 -1.88 1.89 -33.93
C GLU E 253 -1.12 0.60 -33.62
N ILE E 254 -0.14 0.72 -32.73
CA ILE E 254 0.53 -0.42 -32.10
C ILE E 254 0.47 -0.25 -30.59
N LEU E 255 0.66 -1.36 -29.87
CA LEU E 255 0.74 -1.34 -28.41
C LEU E 255 2.20 -1.53 -27.99
N ARG E 256 2.70 -0.60 -27.17
CA ARG E 256 4.10 -0.54 -26.81
C ARG E 256 4.28 -0.78 -25.31
N ASP E 257 5.24 -1.64 -24.96
CA ASP E 257 5.54 -1.98 -23.59
C ASP E 257 7.01 -1.69 -23.27
N ASN E 258 7.50 -0.55 -23.78
CA ASN E 258 8.88 -0.11 -23.60
C ASN E 258 9.26 -0.10 -22.13
N MET E 259 10.51 -0.48 -21.85
CA MET E 259 11.04 -0.48 -20.50
C MET E 259 12.46 0.07 -20.52
N PRO E 260 12.81 1.00 -19.59
CA PRO E 260 14.19 1.43 -19.41
C PRO E 260 15.05 0.29 -18.87
N PHE E 261 16.33 0.33 -19.21
CA PHE E 261 17.34 -0.54 -18.65
C PHE E 261 18.67 0.21 -18.74
N GLY E 262 19.70 -0.31 -18.06
CA GLY E 262 21.00 0.32 -18.18
C GLY E 262 22.02 -0.20 -17.18
N SER E 263 23.26 0.26 -17.37
CA SER E 263 24.38 -0.02 -16.50
C SER E 263 25.20 1.27 -16.39
N VAL E 264 25.46 1.70 -15.15
CA VAL E 264 26.01 3.02 -14.91
C VAL E 264 27.51 3.02 -15.25
N GLY E 265 28.19 1.93 -14.87
CA GLY E 265 29.63 1.82 -15.02
C GLY E 265 30.04 1.75 -16.48
N ARG E 266 29.15 1.20 -17.32
CA ARG E 266 29.41 1.02 -18.74
C ARG E 266 28.89 2.21 -19.54
N GLU E 267 28.27 3.17 -18.84
CA GLU E 267 27.63 4.33 -19.44
C GLU E 267 26.62 3.86 -20.49
N GLU E 268 25.76 2.93 -20.08
CA GLU E 268 24.79 2.29 -20.94
C GLU E 268 23.38 2.65 -20.46
N PHE E 269 22.66 3.42 -21.28
CA PHE E 269 21.34 3.90 -20.96
C PHE E 269 20.41 3.58 -22.13
N GLY E 270 19.45 2.68 -21.90
CA GLY E 270 18.72 2.10 -23.01
C GLY E 270 17.21 2.17 -22.86
N THR E 271 16.53 2.06 -24.01
CA THR E 271 15.12 1.74 -24.10
C THR E 271 15.01 0.38 -24.78
N TYR E 272 14.29 -0.54 -24.16
CA TYR E 272 13.97 -1.80 -24.81
C TYR E 272 12.61 -1.64 -25.47
N PHE E 273 12.61 -1.55 -26.82
CA PHE E 273 11.39 -1.36 -27.56
C PHE E 273 10.73 -2.71 -27.82
N ILE E 274 9.44 -2.82 -27.49
CA ILE E 274 8.62 -3.94 -27.92
C ILE E 274 7.25 -3.42 -28.30
N GLY E 275 6.83 -3.75 -29.54
CA GLY E 275 5.56 -3.28 -30.07
C GLY E 275 4.75 -4.44 -30.63
N TYR E 276 3.48 -4.50 -30.22
CA TYR E 276 2.54 -5.51 -30.70
C TYR E 276 1.55 -4.87 -31.69
N ALA E 277 1.21 -5.63 -32.73
CA ALA E 277 0.30 -5.22 -33.78
C ALA E 277 -0.30 -6.45 -34.47
N ARG E 278 -1.48 -6.30 -35.08
N ARG E 278 -1.48 -6.27 -35.08
CA ARG E 278 -2.17 -7.42 -35.69
CA ARG E 278 -2.22 -7.33 -35.72
C ARG E 278 -1.46 -7.85 -36.98
C ARG E 278 -1.47 -7.83 -36.96
N THR E 279 -0.71 -6.93 -37.58
CA THR E 279 0.08 -7.22 -38.77
C THR E 279 1.41 -6.49 -38.66
N PRO E 280 2.53 -7.09 -39.13
CA PRO E 280 3.83 -6.41 -39.11
C PRO E 280 3.95 -5.23 -40.08
N GLU E 281 2.98 -5.12 -40.99
CA GLU E 281 2.95 -4.02 -41.94
C GLU E 281 2.83 -2.68 -41.23
N VAL E 282 2.09 -2.66 -40.10
CA VAL E 282 1.82 -1.43 -39.38
C VAL E 282 3.11 -0.95 -38.71
N THR E 283 3.80 -1.88 -38.03
CA THR E 283 5.01 -1.56 -37.30
C THR E 283 6.12 -1.15 -38.28
N GLU E 284 6.19 -1.88 -39.41
CA GLU E 284 7.24 -1.69 -40.41
C GLU E 284 7.08 -0.34 -41.10
N THR E 285 5.84 0.11 -41.32
CA THR E 285 5.61 1.41 -41.93
C THR E 285 6.19 2.49 -41.02
N MET E 286 5.99 2.32 -39.71
CA MET E 286 6.54 3.22 -38.71
C MET E 286 8.06 3.20 -38.73
N LEU E 287 8.66 1.99 -38.73
CA LEU E 287 10.10 1.85 -38.85
C LEU E 287 10.59 2.57 -40.09
N GLU E 288 9.89 2.39 -41.22
CA GLU E 288 10.30 2.91 -42.52
C GLU E 288 10.30 4.43 -42.51
N ARG E 289 9.24 5.02 -41.94
CA ARG E 289 9.13 6.47 -41.81
C ARG E 289 10.24 7.01 -40.90
N MET E 290 10.64 6.21 -39.91
CA MET E 290 11.64 6.63 -38.93
C MET E 290 13.03 6.61 -39.56
N PHE E 291 13.38 5.51 -40.22
CA PHE E 291 14.74 5.29 -40.69
C PHE E 291 14.94 5.85 -42.10
N LEU E 292 13.91 5.77 -42.95
CA LEU E 292 14.04 6.20 -44.35
C LEU E 292 13.53 7.63 -44.52
N GLY E 293 12.57 8.02 -43.67
CA GLY E 293 12.02 9.37 -43.71
C GLY E 293 10.79 9.47 -44.61
N THR E 294 10.33 10.71 -44.81
CA THR E 294 9.20 11.01 -45.69
C THR E 294 9.64 12.07 -46.70
N ALA E 295 8.65 12.71 -47.33
CA ALA E 295 8.90 13.78 -48.28
C ALA E 295 9.39 15.04 -47.57
N SER E 296 9.02 15.19 -46.29
CA SER E 296 9.26 16.42 -45.56
C SER E 296 10.15 16.19 -44.34
N ALA E 297 10.72 14.99 -44.21
CA ALA E 297 11.61 14.67 -43.11
C ALA E 297 12.66 13.65 -43.55
N PRO E 298 13.98 13.94 -43.41
CA PRO E 298 15.02 12.99 -43.77
C PRO E 298 15.04 11.72 -42.91
N HIS E 299 14.67 11.89 -41.63
CA HIS E 299 14.57 10.80 -40.67
C HIS E 299 14.03 11.32 -39.34
N ASP E 300 13.75 10.38 -38.42
CA ASP E 300 13.28 10.67 -37.08
C ASP E 300 14.46 11.18 -36.25
N ARG E 301 14.28 12.37 -35.66
CA ARG E 301 15.34 13.03 -34.90
C ARG E 301 15.76 12.20 -33.69
N ILE E 302 14.84 11.36 -33.18
CA ILE E 302 15.11 10.55 -32.00
C ILE E 302 16.26 9.59 -32.29
N LEU E 303 16.46 9.27 -33.58
CA LEU E 303 17.46 8.30 -34.00
C LEU E 303 18.85 8.93 -33.94
N ASP E 304 18.90 10.26 -33.83
CA ASP E 304 20.18 10.95 -33.68
C ASP E 304 20.73 10.76 -32.26
N PHE E 305 19.92 10.19 -31.37
CA PHE E 305 20.30 10.03 -29.97
C PHE E 305 20.01 8.60 -29.51
N SER E 306 19.66 7.73 -30.47
CA SER E 306 19.23 6.37 -30.19
C SER E 306 19.79 5.42 -31.24
N THR E 307 20.46 4.36 -30.81
CA THR E 307 21.03 3.38 -31.71
C THR E 307 20.43 2.00 -31.43
N ALA E 308 19.87 1.38 -32.47
CA ALA E 308 19.32 0.04 -32.38
C ALA E 308 20.46 -0.98 -32.52
N VAL E 309 20.56 -1.88 -31.53
CA VAL E 309 21.65 -2.85 -31.49
C VAL E 309 21.09 -4.26 -31.65
N THR E 310 19.76 -4.40 -31.55
CA THR E 310 19.08 -5.64 -31.92
C THR E 310 17.84 -5.30 -32.74
N GLY E 311 17.30 -6.33 -33.41
CA GLY E 311 16.07 -6.22 -34.17
C GLY E 311 15.55 -7.61 -34.53
N SER E 312 14.35 -7.94 -34.03
CA SER E 312 13.74 -9.25 -34.25
C SER E 312 12.22 -9.11 -34.29
N LEU E 313 11.60 -10.02 -35.06
CA LEU E 313 10.16 -10.10 -35.22
C LEU E 313 9.70 -11.50 -34.82
N PHE E 314 8.61 -11.56 -34.04
CA PHE E 314 8.10 -12.82 -33.53
C PHE E 314 6.58 -12.86 -33.67
N PHE E 315 6.05 -14.07 -33.83
CA PHE E 315 4.61 -14.28 -33.81
C PHE E 315 4.23 -14.85 -32.44
N THR E 316 3.34 -14.14 -31.74
CA THR E 316 2.86 -14.58 -30.45
C THR E 316 1.52 -15.29 -30.66
N PRO E 317 1.50 -16.64 -30.67
CA PRO E 317 0.28 -17.40 -30.97
C PRO E 317 -0.75 -17.22 -29.86
N ALA E 318 -2.02 -17.51 -30.18
CA ALA E 318 -3.06 -17.65 -29.19
C ALA E 318 -2.64 -18.72 -28.18
N ALA E 319 -3.12 -18.57 -26.93
CA ALA E 319 -2.70 -19.43 -25.83
C ALA E 319 -3.00 -20.89 -26.13
N ASP E 320 -4.20 -21.16 -26.66
CA ASP E 320 -4.65 -22.52 -26.93
C ASP E 320 -3.78 -23.20 -27.98
N PHE E 321 -3.19 -22.40 -28.89
CA PHE E 321 -2.27 -22.93 -29.87
C PHE E 321 -1.10 -23.61 -29.17
N LEU E 322 -0.59 -22.97 -28.11
CA LEU E 322 0.59 -23.42 -27.41
C LEU E 322 0.29 -24.69 -26.60
N GLU E 323 -0.86 -24.72 -25.94
CA GLU E 323 -1.17 -25.82 -25.04
C GLU E 323 -1.51 -27.09 -25.84
N ASP E 324 -1.87 -26.92 -27.12
CA ASP E 324 -2.27 -28.02 -27.97
C ASP E 324 -1.09 -28.63 -28.72
N LEU E 325 0.12 -28.43 -28.20
N LEU E 325 0.12 -28.43 -28.20
CA LEU E 325 1.32 -29.05 -28.72
CA LEU E 325 1.32 -29.00 -28.77
C LEU E 325 1.60 -30.34 -27.92
C LEU E 325 1.62 -30.32 -28.06
N PRO F 21 20.20 -2.38 29.65
CA PRO F 21 18.90 -2.95 29.98
C PRO F 21 17.93 -2.90 28.80
N GLU F 22 18.03 -3.91 27.92
N GLU F 22 18.02 -3.93 27.93
CA GLU F 22 17.21 -3.96 26.71
CA GLU F 22 17.23 -4.04 26.72
C GLU F 22 15.87 -4.61 27.03
C GLU F 22 15.86 -4.62 27.07
N PRO F 23 14.75 -3.85 26.90
CA PRO F 23 13.42 -4.38 27.22
C PRO F 23 12.76 -5.16 26.07
N GLN F 24 11.70 -5.91 26.39
CA GLN F 24 10.88 -6.57 25.40
C GLN F 24 10.02 -5.53 24.68
N MET F 25 9.30 -5.97 23.65
CA MET F 25 8.61 -5.08 22.74
C MET F 25 7.30 -4.61 23.36
N VAL F 26 7.42 -4.04 24.57
CA VAL F 26 6.29 -3.73 25.43
C VAL F 26 5.77 -2.32 25.13
N LEU F 27 6.62 -1.49 24.52
CA LEU F 27 6.25 -0.12 24.18
C LEU F 27 5.70 -0.07 22.77
N SER F 28 5.62 -1.23 22.13
CA SER F 28 5.24 -1.37 20.72
C SER F 28 3.75 -1.04 20.54
N PRO F 29 3.35 -0.43 19.40
CA PRO F 29 1.93 -0.07 19.18
C PRO F 29 0.98 -1.21 18.81
N LEU F 30 -0.31 -0.88 18.72
CA LEU F 30 -1.35 -1.81 18.29
C LEU F 30 -1.04 -2.34 16.89
N THR F 31 -1.40 -3.61 16.66
CA THR F 31 -1.31 -4.25 15.36
C THR F 31 -2.71 -4.73 14.96
N SER F 32 -2.85 -5.14 13.68
N SER F 32 -2.84 -5.14 13.68
CA SER F 32 -4.12 -5.56 13.13
CA SER F 32 -4.12 -5.56 13.12
C SER F 32 -4.49 -6.97 13.60
C SER F 32 -4.50 -6.96 13.61
N ALA F 33 -3.48 -7.75 13.98
CA ALA F 33 -3.70 -9.13 14.43
C ALA F 33 -2.87 -9.41 15.68
N ALA F 34 -3.39 -10.32 16.52
CA ALA F 34 -2.74 -10.70 17.75
C ALA F 34 -3.16 -12.12 18.12
N ILE F 35 -2.24 -12.84 18.79
CA ILE F 35 -2.56 -14.09 19.45
C ILE F 35 -2.10 -14.00 20.90
N PHE F 36 -3.06 -14.25 21.81
CA PHE F 36 -2.79 -14.32 23.24
C PHE F 36 -2.81 -15.80 23.64
N LEU F 37 -1.73 -16.23 24.30
CA LEU F 37 -1.58 -17.62 24.66
C LEU F 37 -1.19 -17.71 26.14
N VAL F 38 -2.08 -18.32 26.94
CA VAL F 38 -1.85 -18.53 28.35
C VAL F 38 -1.79 -20.04 28.60
N VAL F 39 -0.73 -20.48 29.26
CA VAL F 39 -0.53 -21.88 29.61
C VAL F 39 -0.13 -21.98 31.08
N THR F 40 -0.30 -23.18 31.64
CA THR F 40 0.27 -23.55 32.92
C THR F 40 1.38 -24.56 32.67
N ILE F 41 2.42 -24.49 33.51
CA ILE F 41 3.55 -25.41 33.42
C ILE F 41 3.19 -26.68 34.18
N ASP F 42 3.08 -27.79 33.44
CA ASP F 42 2.86 -29.11 34.01
C ASP F 42 4.03 -29.47 34.93
N SER F 43 3.75 -30.39 35.88
CA SER F 43 4.73 -30.84 36.85
C SER F 43 5.88 -31.54 36.13
N GLY F 44 7.10 -31.06 36.38
CA GLY F 44 8.30 -31.61 35.78
C GLY F 44 8.57 -31.05 34.38
N GLY F 45 7.94 -29.91 34.07
CA GLY F 45 8.09 -29.27 32.77
C GLY F 45 9.01 -28.06 32.85
N GLU F 46 9.60 -27.85 34.03
CA GLU F 46 10.40 -26.67 34.34
C GLU F 46 11.54 -26.51 33.35
N ASP F 47 12.26 -27.61 33.07
CA ASP F 47 13.47 -27.58 32.25
C ASP F 47 13.14 -27.20 30.81
N THR F 48 12.11 -27.84 30.24
CA THR F 48 11.70 -27.59 28.87
C THR F 48 11.33 -26.12 28.71
N VAL F 49 10.62 -25.57 29.69
CA VAL F 49 10.13 -24.20 29.67
C VAL F 49 11.30 -23.23 29.68
N ARG F 50 12.26 -23.45 30.59
CA ARG F 50 13.42 -22.59 30.75
C ARG F 50 14.21 -22.54 29.45
N ASP F 51 14.19 -23.66 28.72
CA ASP F 51 14.96 -23.81 27.49
C ASP F 51 14.29 -23.02 26.37
N LEU F 52 12.95 -23.06 26.32
CA LEU F 52 12.21 -22.27 25.35
C LEU F 52 12.46 -20.78 25.61
N LEU F 53 12.37 -20.40 26.88
CA LEU F 53 12.49 -19.01 27.29
C LEU F 53 13.78 -18.39 26.75
N SER F 54 14.83 -19.21 26.63
CA SER F 54 16.12 -18.73 26.17
C SER F 54 16.16 -18.61 24.65
N ASP F 55 15.16 -19.20 23.96
CA ASP F 55 15.16 -19.30 22.51
C ASP F 55 14.05 -18.44 21.89
N VAL F 56 13.17 -17.89 22.74
CA VAL F 56 11.94 -17.27 22.27
C VAL F 56 12.26 -16.14 21.29
N ALA F 57 13.32 -15.37 21.59
CA ALA F 57 13.71 -14.22 20.78
C ALA F 57 14.22 -14.67 19.41
N SER F 58 14.91 -15.82 19.38
CA SER F 58 15.48 -16.32 18.14
C SER F 58 14.41 -16.96 17.27
N LEU F 59 13.36 -17.50 17.91
CA LEU F 59 12.21 -18.04 17.20
C LEU F 59 11.43 -16.90 16.56
N GLU F 60 11.31 -15.79 17.30
CA GLU F 60 10.63 -14.59 16.85
C GLU F 60 11.32 -14.05 15.59
N ARG F 61 12.66 -14.03 15.61
CA ARG F 61 13.44 -13.55 14.47
C ARG F 61 13.28 -14.51 13.29
N ALA F 62 13.25 -15.82 13.57
CA ALA F 62 13.21 -16.84 12.54
C ALA F 62 11.98 -16.68 11.66
N VAL F 63 10.86 -16.32 12.28
CA VAL F 63 9.57 -16.20 11.59
C VAL F 63 9.44 -14.76 11.07
N GLY F 64 9.85 -13.79 11.89
CA GLY F 64 9.61 -12.38 11.66
C GLY F 64 10.39 -11.82 10.47
N PHE F 65 11.61 -12.32 10.27
CA PHE F 65 12.52 -11.78 9.27
C PHE F 65 11.98 -12.07 7.86
N ARG F 66 11.14 -13.09 7.74
CA ARG F 66 10.56 -13.48 6.46
C ARG F 66 9.73 -12.33 5.89
N ALA F 67 9.02 -11.60 6.77
CA ALA F 67 8.19 -10.47 6.37
C ALA F 67 8.83 -9.17 6.83
N GLN F 68 10.17 -9.09 6.73
CA GLN F 68 10.99 -8.09 7.39
C GLN F 68 10.47 -6.67 7.15
N PRO F 69 10.06 -6.29 5.91
CA PRO F 69 9.59 -4.92 5.66
C PRO F 69 8.54 -4.41 6.64
N ASP F 70 7.38 -5.09 6.69
CA ASP F 70 6.20 -4.55 7.35
C ASP F 70 5.42 -5.64 8.09
N GLY F 71 6.11 -6.71 8.49
CA GLY F 71 5.49 -7.80 9.23
C GLY F 71 5.10 -7.36 10.65
N ARG F 72 6.03 -6.64 11.31
CA ARG F 72 5.84 -6.06 12.63
C ARG F 72 5.58 -7.13 13.68
N LEU F 73 6.19 -8.30 13.48
CA LEU F 73 6.02 -9.42 14.40
C LEU F 73 6.74 -9.13 15.70
N SER F 74 6.03 -9.31 16.82
CA SER F 74 6.62 -9.23 18.14
C SER F 74 5.99 -10.29 19.05
N CYS F 75 6.75 -10.69 20.07
CA CYS F 75 6.28 -11.60 21.10
C CYS F 75 6.78 -11.11 22.45
N VAL F 76 5.83 -10.87 23.37
CA VAL F 76 6.16 -10.52 24.74
C VAL F 76 5.86 -11.73 25.61
N THR F 77 6.87 -12.16 26.38
CA THR F 77 6.75 -13.31 27.26
C THR F 77 6.60 -12.83 28.71
N GLY F 78 5.58 -13.37 29.39
CA GLY F 78 5.29 -13.03 30.77
C GLY F 78 5.31 -14.28 31.65
N ILE F 79 5.76 -14.09 32.90
CA ILE F 79 5.86 -15.19 33.85
C ILE F 79 5.05 -14.83 35.09
N GLY F 80 4.22 -15.79 35.53
CA GLY F 80 3.38 -15.64 36.71
C GLY F 80 4.18 -15.82 38.00
N SER F 81 3.53 -15.52 39.14
CA SER F 81 4.19 -15.43 40.42
C SER F 81 4.61 -16.80 40.93
N GLU F 82 3.70 -17.78 40.84
CA GLU F 82 3.98 -19.14 41.28
C GLU F 82 4.97 -19.80 40.34
N ALA F 83 4.85 -19.47 39.04
CA ALA F 83 5.75 -20.00 38.02
C ALA F 83 7.18 -19.55 38.29
N TRP F 84 7.33 -18.31 38.77
CA TRP F 84 8.65 -17.72 38.97
C TRP F 84 9.48 -18.57 39.93
N ASP F 85 8.86 -19.00 41.03
CA ASP F 85 9.55 -19.66 42.13
C ASP F 85 9.95 -21.09 41.72
N ARG F 86 9.23 -21.63 40.75
CA ARG F 86 9.49 -22.97 40.23
C ARG F 86 10.62 -22.94 39.21
N LEU F 87 10.85 -21.77 38.59
CA LEU F 87 11.78 -21.66 37.48
C LEU F 87 13.13 -21.14 37.96
N PHE F 88 13.11 -20.07 38.78
CA PHE F 88 14.31 -19.30 39.06
C PHE F 88 14.59 -19.29 40.56
N SER F 89 15.89 -19.15 40.89
CA SER F 89 16.35 -18.95 42.25
C SER F 89 16.81 -17.51 42.42
N GLY F 90 16.64 -16.97 43.64
CA GLY F 90 17.20 -15.68 44.00
C GLY F 90 16.16 -14.57 43.97
N ALA F 91 16.50 -13.49 43.24
CA ALA F 91 15.74 -12.26 43.24
C ALA F 91 14.37 -12.45 42.59
N ARG F 92 13.34 -11.90 43.24
CA ARG F 92 11.99 -11.83 42.70
C ARG F 92 11.65 -10.38 42.42
N PRO F 93 10.94 -10.08 41.30
CA PRO F 93 10.40 -8.74 41.08
C PRO F 93 9.50 -8.36 42.27
N ALA F 94 9.73 -7.15 42.79
CA ALA F 94 9.10 -6.68 44.02
C ALA F 94 7.58 -6.85 43.97
N GLY F 95 6.97 -6.44 42.85
CA GLY F 95 5.52 -6.32 42.77
C GLY F 95 4.86 -7.58 42.19
N LEU F 96 5.63 -8.66 42.05
CA LEU F 96 5.08 -9.87 41.46
C LEU F 96 4.33 -10.66 42.53
N HIS F 97 3.03 -10.84 42.29
CA HIS F 97 2.16 -11.66 43.14
C HIS F 97 1.05 -12.25 42.27
N PRO F 98 0.31 -13.28 42.74
CA PRO F 98 -0.89 -13.75 42.05
C PRO F 98 -1.96 -12.68 41.89
N PHE F 99 -2.78 -12.80 40.84
CA PHE F 99 -3.84 -11.84 40.55
C PHE F 99 -4.83 -11.84 41.71
N ARG F 100 -5.07 -10.63 42.26
CA ARG F 100 -5.97 -10.46 43.39
C ARG F 100 -7.40 -10.43 42.89
N GLU F 101 -8.18 -11.44 43.32
CA GLU F 101 -9.60 -11.52 43.04
C GLU F 101 -10.31 -10.39 43.76
N LEU F 102 -11.30 -9.80 43.08
CA LEU F 102 -12.10 -8.74 43.65
C LEU F 102 -13.57 -9.16 43.59
N ASP F 103 -14.15 -9.42 44.77
CA ASP F 103 -15.55 -9.79 44.87
C ASP F 103 -16.34 -8.57 45.32
N GLY F 104 -16.84 -7.81 44.34
CA GLY F 104 -17.63 -6.62 44.60
C GLY F 104 -19.08 -6.98 44.92
N PRO F 105 -19.91 -5.99 45.31
CA PRO F 105 -21.34 -6.22 45.52
C PRO F 105 -22.00 -6.96 44.36
N VAL F 106 -21.72 -6.51 43.13
CA VAL F 106 -22.46 -6.94 41.95
C VAL F 106 -21.53 -7.74 41.01
N HIS F 107 -20.37 -7.16 40.69
CA HIS F 107 -19.49 -7.74 39.69
C HIS F 107 -18.25 -8.32 40.35
N ARG F 108 -17.66 -9.32 39.67
CA ARG F 108 -16.59 -10.14 40.22
C ARG F 108 -15.45 -10.21 39.21
N ALA F 109 -14.25 -9.83 39.65
CA ALA F 109 -13.04 -9.98 38.87
C ALA F 109 -12.32 -11.27 39.28
N VAL F 110 -12.54 -12.33 38.49
CA VAL F 110 -12.08 -13.67 38.83
C VAL F 110 -10.58 -13.78 38.58
N ALA F 111 -9.93 -14.66 39.36
CA ALA F 111 -8.54 -15.05 39.15
C ALA F 111 -8.49 -16.47 38.62
N THR F 112 -7.80 -16.66 37.49
CA THR F 112 -7.75 -17.95 36.82
C THR F 112 -6.30 -18.37 36.64
N PRO F 113 -6.00 -19.68 36.43
CA PRO F 113 -4.62 -20.16 36.34
C PRO F 113 -3.88 -19.67 35.09
N GLY F 114 -2.61 -19.32 35.27
CA GLY F 114 -1.74 -18.88 34.20
C GLY F 114 -0.30 -18.71 34.66
N ASP F 115 0.61 -19.47 34.05
CA ASP F 115 2.02 -19.46 34.42
C ASP F 115 2.84 -18.70 33.39
N LEU F 116 2.51 -18.90 32.11
CA LEU F 116 3.19 -18.23 31.01
C LEU F 116 2.18 -17.47 30.16
N LEU F 117 2.57 -16.26 29.76
CA LEU F 117 1.84 -15.47 28.78
C LEU F 117 2.70 -15.29 27.54
N PHE F 118 2.09 -15.50 26.37
CA PHE F 118 2.70 -15.15 25.10
C PHE F 118 1.81 -14.14 24.37
N HIS F 119 2.20 -12.87 24.43
CA HIS F 119 1.49 -11.81 23.73
C HIS F 119 2.14 -11.62 22.37
N ILE F 120 1.54 -12.22 21.34
CA ILE F 120 2.10 -12.22 19.99
C ILE F 120 1.31 -11.23 19.12
N ARG F 121 2.04 -10.32 18.45
CA ARG F 121 1.46 -9.32 17.58
C ARG F 121 2.18 -9.29 16.24
N ALA F 122 1.42 -9.01 15.17
CA ALA F 122 1.94 -8.78 13.84
C ALA F 122 0.87 -8.06 13.02
N SER F 123 1.23 -7.62 11.81
CA SER F 123 0.28 -6.97 10.92
C SER F 123 -0.56 -8.01 10.17
N ARG F 124 -0.20 -9.29 10.36
CA ARG F 124 -0.83 -10.42 9.67
C ARG F 124 -0.96 -11.58 10.65
N LEU F 125 -2.10 -12.28 10.59
CA LEU F 125 -2.38 -13.37 11.52
C LEU F 125 -1.47 -14.56 11.26
N ASP F 126 -1.06 -14.76 10.00
CA ASP F 126 -0.24 -15.91 9.63
C ASP F 126 1.07 -15.91 10.41
N LEU F 127 1.69 -14.73 10.53
CA LEU F 127 2.92 -14.53 11.28
C LEU F 127 2.72 -14.93 12.74
N CYS F 128 1.60 -14.48 13.33
CA CYS F 128 1.30 -14.77 14.73
C CYS F 128 1.14 -16.28 14.92
N PHE F 129 0.41 -16.91 14.01
CA PHE F 129 0.05 -18.31 14.11
C PHE F 129 1.30 -19.19 13.99
N ALA F 130 2.20 -18.79 13.10
CA ALA F 130 3.43 -19.54 12.84
C ALA F 130 4.33 -19.52 14.08
N LEU F 131 4.46 -18.35 14.70
CA LEU F 131 5.32 -18.21 15.87
C LEU F 131 4.75 -19.05 17.02
N ALA F 132 3.42 -18.96 17.20
CA ALA F 132 2.71 -19.69 18.24
C ALA F 132 2.89 -21.20 18.05
N THR F 133 2.90 -21.65 16.78
CA THR F 133 3.09 -23.04 16.43
C THR F 133 4.48 -23.51 16.90
N GLU F 134 5.50 -22.67 16.67
CA GLU F 134 6.88 -22.99 17.01
C GLU F 134 7.04 -23.01 18.53
N ILE F 135 6.51 -21.99 19.20
CA ILE F 135 6.57 -21.90 20.65
C ILE F 135 5.90 -23.13 21.26
N MET F 136 4.66 -23.41 20.84
CA MET F 136 3.88 -24.47 21.44
C MET F 136 4.45 -25.83 21.06
N GLY F 137 5.04 -25.92 19.86
CA GLY F 137 5.68 -27.13 19.39
C GLY F 137 6.78 -27.58 20.35
N ARG F 138 7.52 -26.60 20.88
CA ARG F 138 8.64 -26.84 21.77
C ARG F 138 8.15 -27.15 23.19
N LEU F 139 6.93 -26.71 23.52
CA LEU F 139 6.41 -26.80 24.87
C LEU F 139 5.49 -28.01 25.03
N ARG F 140 5.23 -28.73 23.93
CA ARG F 140 4.32 -29.86 23.92
C ARG F 140 4.70 -30.84 25.04
N GLY F 141 3.71 -31.19 25.87
CA GLY F 141 3.87 -32.19 26.90
C GLY F 141 4.57 -31.66 28.15
N ALA F 142 4.74 -30.34 28.23
CA ALA F 142 5.32 -29.70 29.39
C ALA F 142 4.36 -28.65 29.96
N VAL F 143 3.40 -28.23 29.13
CA VAL F 143 2.44 -27.20 29.50
C VAL F 143 1.03 -27.69 29.22
N THR F 144 0.06 -27.05 29.85
CA THR F 144 -1.35 -27.25 29.53
C THR F 144 -1.92 -25.90 29.09
N PRO F 145 -2.50 -25.79 27.88
CA PRO F 145 -3.13 -24.55 27.43
C PRO F 145 -4.31 -24.19 28.32
N GLN F 146 -4.39 -22.91 28.71
CA GLN F 146 -5.51 -22.43 29.52
C GLN F 146 -6.41 -21.55 28.66
N ASP F 147 -5.79 -20.71 27.82
CA ASP F 147 -6.54 -19.78 26.99
C ASP F 147 -5.77 -19.50 25.70
N GLU F 148 -6.52 -19.39 24.60
CA GLU F 148 -6.01 -18.96 23.31
C GLU F 148 -7.03 -18.05 22.66
N VAL F 149 -6.56 -16.88 22.21
CA VAL F 149 -7.43 -15.88 21.62
C VAL F 149 -6.76 -15.33 20.35
N HIS F 150 -7.52 -15.34 19.25
CA HIS F 150 -7.10 -14.71 18.02
C HIS F 150 -7.79 -13.36 17.90
N GLY F 151 -7.03 -12.29 18.14
CA GLY F 151 -7.55 -10.93 18.10
C GLY F 151 -7.43 -10.34 16.69
N PHE F 152 -8.33 -9.40 16.38
CA PHE F 152 -8.34 -8.74 15.08
C PHE F 152 -8.81 -7.30 15.25
N LYS F 153 -8.19 -6.40 14.48
CA LYS F 153 -8.58 -5.00 14.41
C LYS F 153 -10.01 -4.92 13.86
N TYR F 154 -10.80 -3.99 14.41
CA TYR F 154 -12.19 -3.83 14.03
C TYR F 154 -12.41 -2.38 13.61
N PHE F 155 -12.43 -2.16 12.29
CA PHE F 155 -12.62 -0.84 11.70
C PHE F 155 -11.57 0.13 12.26
N ASP F 156 -12.01 1.37 12.52
CA ASP F 156 -11.13 2.45 12.94
C ASP F 156 -10.77 2.31 14.42
N GLU F 157 -10.08 1.21 14.75
CA GLU F 157 -9.51 0.94 16.06
C GLU F 157 -10.60 0.80 17.11
N ARG F 158 -11.72 0.15 16.75
CA ARG F 158 -12.87 0.07 17.64
C ARG F 158 -12.85 -1.26 18.41
N ASP F 159 -13.55 -1.27 19.55
CA ASP F 159 -13.84 -2.49 20.27
C ASP F 159 -15.25 -2.97 19.89
N MET F 160 -15.69 -4.08 20.51
CA MET F 160 -16.96 -4.71 20.19
C MET F 160 -18.14 -3.83 20.60
N LEU F 161 -17.89 -2.84 21.46
CA LEU F 161 -18.93 -1.94 21.92
C LEU F 161 -19.12 -0.78 20.92
N GLY F 162 -18.25 -0.75 19.90
CA GLY F 162 -18.37 0.22 18.81
C GLY F 162 -17.63 1.52 19.10
N PHE F 163 -16.77 1.51 20.12
CA PHE F 163 -16.02 2.68 20.55
C PHE F 163 -14.54 2.52 20.19
N VAL F 164 -13.91 3.63 19.81
CA VAL F 164 -12.46 3.68 19.60
C VAL F 164 -11.78 3.41 20.94
N ASP F 165 -10.78 2.53 20.90
CA ASP F 165 -10.26 1.92 22.12
C ASP F 165 -8.74 1.99 22.11
N GLY F 166 -8.18 2.78 23.03
CA GLY F 166 -6.73 2.90 23.21
C GLY F 166 -6.26 4.34 23.08
N THR F 167 -7.22 5.28 22.93
CA THR F 167 -6.94 6.66 22.60
C THR F 167 -5.96 7.30 23.59
N GLU F 168 -6.20 7.10 24.89
CA GLU F 168 -5.48 7.86 25.91
C GLU F 168 -4.23 7.11 26.39
N ASN F 169 -3.82 6.08 25.65
CA ASN F 169 -2.56 5.40 25.91
C ASN F 169 -1.42 6.42 25.93
N PRO F 170 -0.44 6.31 26.85
CA PRO F 170 0.75 7.16 26.83
C PRO F 170 1.64 6.81 25.64
N THR F 171 2.38 7.81 25.16
CA THR F 171 3.33 7.63 24.06
C THR F 171 4.67 8.24 24.46
N GLY F 172 5.73 7.83 23.75
CA GLY F 172 7.04 8.44 23.88
C GLY F 172 7.66 8.17 25.26
N ALA F 173 8.16 9.24 25.88
CA ALA F 173 8.82 9.17 27.18
C ALA F 173 7.80 8.88 28.28
N ALA F 174 6.59 9.43 28.12
CA ALA F 174 5.50 9.21 29.05
C ALA F 174 5.22 7.71 29.16
N ALA F 175 5.20 7.04 28.01
CA ALA F 175 4.96 5.60 27.94
C ALA F 175 6.08 4.83 28.63
N ARG F 176 7.32 5.27 28.37
N ARG F 176 7.32 5.27 28.39
CA ARG F 176 8.51 4.61 28.88
CA ARG F 176 8.53 4.61 28.87
C ARG F 176 8.54 4.67 30.41
C ARG F 176 8.60 4.70 30.39
N ARG F 177 8.14 5.83 30.95
CA ARG F 177 8.17 6.09 32.38
C ARG F 177 7.03 5.33 33.08
N ALA F 178 5.90 5.15 32.38
CA ALA F 178 4.72 4.57 32.98
C ALA F 178 4.77 3.04 32.95
N VAL F 179 5.61 2.48 32.08
CA VAL F 179 5.52 1.06 31.76
C VAL F 179 6.75 0.31 32.28
N LEU F 180 7.93 0.93 32.18
CA LEU F 180 9.19 0.23 32.38
C LEU F 180 9.66 0.34 33.83
N VAL F 181 10.04 -0.81 34.39
CA VAL F 181 10.68 -0.87 35.71
C VAL F 181 12.00 -0.09 35.65
N GLY F 182 12.21 0.76 36.65
CA GLY F 182 13.40 1.59 36.73
C GLY F 182 14.24 1.27 37.97
N ALA F 183 14.67 2.33 38.67
CA ALA F 183 15.62 2.23 39.77
C ALA F 183 14.98 1.63 41.01
N GLU F 184 13.64 1.68 41.08
CA GLU F 184 12.90 1.20 42.24
C GLU F 184 13.12 -0.29 42.43
N ASP F 185 13.49 -0.99 41.34
CA ASP F 185 13.79 -2.40 41.37
C ASP F 185 14.91 -2.67 40.37
N PRO F 186 16.18 -2.38 40.74
CA PRO F 186 17.28 -2.31 39.77
C PRO F 186 17.66 -3.64 39.13
N ALA F 187 17.36 -4.74 39.84
CA ALA F 187 17.68 -6.08 39.35
C ALA F 187 16.85 -6.41 38.12
N PHE F 188 15.67 -5.79 37.99
CA PHE F 188 14.72 -6.14 36.95
C PHE F 188 14.35 -4.92 36.11
N ALA F 189 15.26 -3.95 36.02
CA ALA F 189 15.04 -2.78 35.19
C ALA F 189 14.77 -3.20 33.75
N GLY F 190 13.84 -2.49 33.10
CA GLY F 190 13.46 -2.77 31.72
C GLY F 190 12.42 -3.88 31.63
N GLY F 191 11.87 -4.27 32.79
CA GLY F 191 10.76 -5.20 32.85
C GLY F 191 9.43 -4.45 32.91
N SER F 192 8.33 -5.20 32.98
CA SER F 192 7.01 -4.62 33.15
C SER F 192 6.06 -5.66 33.73
N TYR F 193 4.87 -5.19 34.13
CA TYR F 193 3.82 -6.05 34.66
C TYR F 193 2.64 -6.03 33.69
N ALA F 194 2.15 -7.23 33.33
CA ALA F 194 1.02 -7.36 32.44
C ALA F 194 -0.15 -7.99 33.19
N VAL F 195 -1.31 -7.34 33.08
CA VAL F 195 -2.57 -7.87 33.59
C VAL F 195 -3.45 -8.23 32.40
N VAL F 196 -3.94 -9.47 32.38
CA VAL F 196 -4.82 -9.94 31.32
C VAL F 196 -6.18 -10.30 31.91
N GLN F 197 -7.24 -9.91 31.21
CA GLN F 197 -8.60 -10.31 31.52
C GLN F 197 -9.39 -10.47 30.21
N LYS F 198 -9.96 -11.66 30.01
CA LYS F 198 -10.84 -11.90 28.88
C LYS F 198 -12.26 -11.48 29.27
N TYR F 199 -12.80 -10.51 28.52
CA TYR F 199 -14.15 -10.00 28.78
C TYR F 199 -15.08 -10.47 27.68
N LEU F 200 -16.31 -10.86 28.07
CA LEU F 200 -17.38 -11.16 27.14
C LEU F 200 -18.48 -10.13 27.31
N HIS F 201 -19.05 -9.67 26.18
CA HIS F 201 -20.01 -8.58 26.20
C HIS F 201 -21.42 -9.09 25.94
N ASP F 202 -22.39 -8.46 26.63
CA ASP F 202 -23.80 -8.66 26.37
C ASP F 202 -24.22 -7.67 25.29
N ILE F 203 -24.12 -8.10 24.03
CA ILE F 203 -24.35 -7.24 22.87
C ILE F 203 -25.83 -6.90 22.75
N ASP F 204 -26.70 -7.88 23.06
CA ASP F 204 -28.14 -7.69 23.01
C ASP F 204 -28.52 -6.50 23.89
N ALA F 205 -28.06 -6.52 25.14
CA ALA F 205 -28.34 -5.47 26.11
C ALA F 205 -27.75 -4.14 25.63
N TRP F 206 -26.48 -4.18 25.19
CA TRP F 206 -25.73 -3.00 24.82
C TRP F 206 -26.41 -2.26 23.66
N GLU F 207 -26.85 -3.01 22.65
CA GLU F 207 -27.38 -2.42 21.43
C GLU F 207 -28.83 -2.00 21.61
N GLY F 208 -29.39 -2.32 22.80
CA GLY F 208 -30.70 -1.81 23.21
C GLY F 208 -30.61 -0.34 23.62
N LEU F 209 -29.45 0.05 24.16
CA LEU F 209 -29.19 1.43 24.56
C LEU F 209 -29.12 2.31 23.32
N SER F 210 -29.53 3.57 23.49
CA SER F 210 -29.29 4.59 22.49
C SER F 210 -27.81 4.94 22.50
N VAL F 211 -27.35 5.62 21.44
CA VAL F 211 -25.96 6.05 21.33
C VAL F 211 -25.62 6.97 22.50
N GLU F 212 -26.55 7.89 22.83
CA GLU F 212 -26.34 8.88 23.87
C GLU F 212 -26.14 8.21 25.22
N ALA F 213 -26.92 7.14 25.48
CA ALA F 213 -26.83 6.39 26.72
C ALA F 213 -25.53 5.60 26.78
N GLN F 214 -25.11 5.07 25.62
CA GLN F 214 -23.85 4.35 25.49
C GLN F 214 -22.67 5.27 25.85
N GLU F 215 -22.75 6.53 25.36
CA GLU F 215 -21.71 7.53 25.55
C GLU F 215 -21.54 7.86 27.03
N ARG F 216 -22.65 7.83 27.79
CA ARG F 216 -22.62 8.13 29.21
C ARG F 216 -21.97 6.97 29.97
N VAL F 217 -22.12 5.75 29.44
CA VAL F 217 -21.49 4.58 30.00
C VAL F 217 -19.97 4.67 29.82
N ILE F 218 -19.53 5.07 28.62
CA ILE F 218 -18.11 5.09 28.29
C ILE F 218 -17.47 6.37 28.81
N GLY F 219 -18.05 7.52 28.44
CA GLY F 219 -17.54 8.82 28.85
C GLY F 219 -16.90 9.57 27.68
N ARG F 220 -17.08 9.05 26.45
CA ARG F 220 -16.64 9.70 25.24
C ARG F 220 -17.74 9.59 24.18
N ARG F 221 -17.67 10.44 23.14
CA ARG F 221 -18.58 10.39 22.01
C ARG F 221 -18.24 9.17 21.17
N LYS F 222 -19.28 8.50 20.66
CA LYS F 222 -19.10 7.20 20.02
C LYS F 222 -18.35 7.36 18.69
N MET F 223 -18.91 8.15 17.77
CA MET F 223 -18.35 8.22 16.43
C MET F 223 -17.04 9.00 16.43
N THR F 224 -17.01 10.16 17.09
CA THR F 224 -15.92 11.11 16.93
C THR F 224 -14.81 10.86 17.95
N ASP F 225 -15.11 10.10 19.00
CA ASP F 225 -14.12 9.70 19.99
C ASP F 225 -13.66 10.89 20.83
N VAL F 226 -14.42 11.99 20.75
CA VAL F 226 -14.15 13.18 21.55
C VAL F 226 -14.66 12.94 22.97
N GLU F 227 -13.80 13.26 23.95
CA GLU F 227 -14.13 13.11 25.37
C GLU F 227 -15.22 14.11 25.74
N LEU F 228 -16.17 13.65 26.57
CA LEU F 228 -17.22 14.49 27.11
C LEU F 228 -16.60 15.52 28.05
N SER F 229 -17.23 16.69 28.13
CA SER F 229 -16.84 17.73 29.08
C SER F 229 -17.07 17.25 30.51
N ASP F 230 -16.29 17.78 31.45
CA ASP F 230 -16.26 17.31 32.82
C ASP F 230 -17.60 17.57 33.53
N ASP F 231 -18.48 18.33 32.86
CA ASP F 231 -19.73 18.77 33.47
C ASP F 231 -20.90 17.91 32.99
N VAL F 232 -20.66 17.06 31.99
CA VAL F 232 -21.69 16.20 31.42
C VAL F 232 -21.31 14.74 31.67
N LYS F 233 -20.04 14.50 32.02
CA LYS F 233 -19.50 13.16 32.16
C LYS F 233 -19.93 12.57 33.50
N PRO F 234 -20.65 11.42 33.51
CA PRO F 234 -21.09 10.79 34.74
C PRO F 234 -19.92 10.29 35.57
N ALA F 235 -20.10 10.24 36.89
CA ALA F 235 -19.08 9.80 37.82
C ALA F 235 -18.88 8.29 37.74
N ASP F 236 -19.83 7.58 37.11
CA ASP F 236 -19.75 6.12 36.99
C ASP F 236 -19.46 5.70 35.55
N SER F 237 -18.96 6.65 34.73
CA SER F 237 -18.52 6.31 33.39
C SER F 237 -17.15 5.65 33.46
N HIS F 238 -16.84 4.82 32.44
CA HIS F 238 -15.59 4.07 32.39
C HIS F 238 -14.41 5.03 32.51
N VAL F 239 -14.44 6.11 31.71
CA VAL F 239 -13.34 7.07 31.65
C VAL F 239 -13.14 7.75 32.99
N ALA F 240 -14.23 8.06 33.71
CA ALA F 240 -14.14 8.75 34.99
C ALA F 240 -13.47 7.87 36.04
N LEU F 241 -13.81 6.57 36.03
CA LEU F 241 -13.38 5.66 37.06
C LEU F 241 -11.94 5.19 36.84
N THR F 242 -11.50 5.18 35.58
CA THR F 242 -10.16 4.70 35.25
C THR F 242 -9.16 5.86 35.18
N SER F 243 -9.66 7.09 35.38
CA SER F 243 -8.82 8.27 35.50
C SER F 243 -8.40 8.45 36.95
N VAL F 244 -7.14 8.11 37.24
CA VAL F 244 -6.64 8.10 38.60
C VAL F 244 -5.45 9.05 38.70
N THR F 245 -5.57 10.06 39.55
CA THR F 245 -4.45 10.90 39.94
C THR F 245 -3.79 10.30 41.18
N GLY F 246 -2.48 10.09 41.10
CA GLY F 246 -1.72 9.51 42.21
C GLY F 246 -1.59 10.48 43.37
N PRO F 247 -1.17 10.00 44.57
CA PRO F 247 -0.97 10.88 45.71
C PRO F 247 0.08 11.97 45.48
N ASP F 248 0.81 11.84 44.36
CA ASP F 248 1.87 12.78 43.99
C ASP F 248 1.30 13.97 43.22
N GLY F 249 0.14 13.77 42.58
CA GLY F 249 -0.57 14.86 41.93
C GLY F 249 -0.69 14.69 40.42
N SER F 250 0.13 13.79 39.86
CA SER F 250 0.12 13.54 38.42
C SER F 250 -0.72 12.30 38.11
N ASP F 251 -1.16 12.19 36.86
N ASP F 251 -1.14 12.18 36.85
CA ASP F 251 -2.03 11.11 36.41
CA ASP F 251 -2.02 11.11 36.40
C ASP F 251 -1.25 9.80 36.35
C ASP F 251 -1.26 9.79 36.33
N LEU F 252 -1.90 8.72 36.80
CA LEU F 252 -1.37 7.37 36.71
C LEU F 252 -1.84 6.75 35.41
N GLU F 253 -0.91 6.09 34.70
CA GLU F 253 -1.16 5.63 33.34
C GLU F 253 -0.77 4.16 33.19
N ILE F 254 -1.51 3.47 32.30
CA ILE F 254 -1.14 2.14 31.83
C ILE F 254 -1.19 2.13 30.31
N LEU F 255 -0.53 1.14 29.70
CA LEU F 255 -0.52 0.97 28.26
C LEU F 255 -1.38 -0.25 27.92
N ARG F 256 -2.43 -0.03 27.12
CA ARG F 256 -3.42 -1.05 26.82
C ARG F 256 -3.26 -1.52 25.37
N ASP F 257 -3.24 -2.84 25.18
CA ASP F 257 -3.17 -3.45 23.86
C ASP F 257 -4.41 -4.34 23.65
N ASN F 258 -5.58 -3.79 24.00
CA ASN F 258 -6.86 -4.47 23.86
C ASN F 258 -7.09 -4.88 22.41
N MET F 259 -7.64 -6.08 22.21
CA MET F 259 -8.00 -6.56 20.89
C MET F 259 -9.40 -7.16 20.93
N PRO F 260 -10.26 -6.87 19.93
CA PRO F 260 -11.52 -7.58 19.76
C PRO F 260 -11.26 -9.00 19.29
N PHE F 261 -12.10 -9.93 19.77
CA PHE F 261 -12.16 -11.29 19.27
C PHE F 261 -13.62 -11.72 19.35
N GLY F 262 -13.94 -12.88 18.79
CA GLY F 262 -15.27 -13.42 18.99
C GLY F 262 -15.64 -14.55 18.04
N SER F 263 -16.78 -15.16 18.31
CA SER F 263 -17.41 -16.17 17.48
C SER F 263 -18.89 -15.86 17.39
N VAL F 264 -19.39 -15.72 16.17
CA VAL F 264 -20.75 -15.24 15.92
C VAL F 264 -21.75 -16.32 16.34
N GLY F 265 -21.43 -17.58 16.01
CA GLY F 265 -22.29 -18.72 16.27
C GLY F 265 -22.50 -18.97 17.76
N ARG F 266 -21.42 -18.87 18.55
N ARG F 266 -21.41 -18.85 18.55
CA ARG F 266 -21.45 -19.10 19.99
CA ARG F 266 -21.44 -19.10 19.98
C ARG F 266 -22.07 -17.89 20.70
C ARG F 266 -21.94 -17.86 20.71
N GLU F 267 -22.21 -16.79 19.96
CA GLU F 267 -22.65 -15.50 20.51
C GLU F 267 -21.58 -14.92 21.44
N GLU F 268 -20.31 -15.03 21.02
N GLU F 268 -20.30 -15.08 21.06
CA GLU F 268 -19.17 -14.61 21.80
CA GLU F 268 -19.21 -14.58 21.86
C GLU F 268 -18.59 -13.34 21.17
C GLU F 268 -18.62 -13.35 21.17
N PHE F 269 -18.78 -12.19 21.85
CA PHE F 269 -18.27 -10.92 21.39
C PHE F 269 -17.43 -10.32 22.53
N GLY F 270 -16.11 -10.31 22.35
CA GLY F 270 -15.22 -10.12 23.48
C GLY F 270 -14.23 -8.98 23.28
N THR F 271 -13.64 -8.56 24.41
CA THR F 271 -12.48 -7.68 24.47
C THR F 271 -11.42 -8.41 25.29
N TYR F 272 -10.27 -8.69 24.67
CA TYR F 272 -9.16 -9.23 25.44
C TYR F 272 -8.36 -8.06 26.00
N PHE F 273 -8.49 -7.86 27.31
CA PHE F 273 -7.80 -6.76 27.98
C PHE F 273 -6.38 -7.21 28.35
N ILE F 274 -5.39 -6.42 27.91
CA ILE F 274 -4.04 -6.52 28.44
C ILE F 274 -3.51 -5.11 28.66
N GLY F 275 -2.99 -4.89 29.88
CA GLY F 275 -2.45 -3.59 30.28
C GLY F 275 -1.07 -3.75 30.89
N TYR F 276 -0.13 -2.91 30.45
CA TYR F 276 1.25 -2.91 30.93
C TYR F 276 1.47 -1.70 31.83
N ALA F 277 2.23 -1.92 32.92
CA ALA F 277 2.52 -0.86 33.88
C ALA F 277 3.82 -1.16 34.62
N ARG F 278 4.42 -0.10 35.15
CA ARG F 278 5.68 -0.14 35.90
C ARG F 278 5.49 -0.97 37.17
N THR F 279 4.32 -0.81 37.82
CA THR F 279 3.96 -1.52 39.02
C THR F 279 2.50 -1.96 38.90
N PRO F 280 2.13 -3.17 39.39
CA PRO F 280 0.74 -3.64 39.30
C PRO F 280 -0.25 -2.82 40.13
N GLU F 281 0.28 -2.10 41.13
CA GLU F 281 -0.51 -1.23 42.00
C GLU F 281 -1.38 -0.30 41.18
N VAL F 282 -0.82 0.23 40.09
CA VAL F 282 -1.52 1.20 39.24
C VAL F 282 -2.73 0.52 38.61
N THR F 283 -2.51 -0.66 38.02
CA THR F 283 -3.56 -1.39 37.33
C THR F 283 -4.62 -1.84 38.35
N GLU F 284 -4.14 -2.28 39.52
CA GLU F 284 -5.00 -2.82 40.57
C GLU F 284 -5.91 -1.74 41.15
N THR F 285 -5.39 -0.51 41.29
CA THR F 285 -6.16 0.63 41.76
C THR F 285 -7.35 0.86 40.83
N MET F 286 -7.10 0.73 39.52
CA MET F 286 -8.12 0.93 38.51
C MET F 286 -9.17 -0.18 38.60
N LEU F 287 -8.72 -1.44 38.68
CA LEU F 287 -9.59 -2.59 38.84
C LEU F 287 -10.49 -2.38 40.05
N GLU F 288 -9.88 -1.87 41.14
CA GLU F 288 -10.52 -1.70 42.43
C GLU F 288 -11.68 -0.70 42.30
N ARG F 289 -11.44 0.38 41.56
CA ARG F 289 -12.42 1.44 41.38
C ARG F 289 -13.53 0.99 40.42
N MET F 290 -13.23 -0.03 39.60
CA MET F 290 -14.19 -0.53 38.63
C MET F 290 -15.14 -1.51 39.29
N PHE F 291 -14.60 -2.41 40.13
CA PHE F 291 -15.36 -3.52 40.67
C PHE F 291 -15.96 -3.16 42.03
N LEU F 292 -15.20 -2.40 42.84
CA LEU F 292 -15.65 -2.02 44.17
C LEU F 292 -16.31 -0.64 44.10
N GLY F 293 -15.75 0.24 43.26
CA GLY F 293 -16.32 1.57 43.06
C GLY F 293 -15.72 2.59 44.02
N THR F 294 -16.28 3.81 43.99
CA THR F 294 -15.86 4.91 44.84
C THR F 294 -17.03 5.32 45.74
N ALA F 295 -16.93 6.53 46.31
CA ALA F 295 -17.97 7.08 47.16
C ALA F 295 -19.18 7.48 46.33
N SER F 296 -18.93 7.96 45.10
CA SER F 296 -19.97 8.55 44.28
C SER F 296 -20.47 7.57 43.21
N ALA F 297 -19.78 6.44 43.04
CA ALA F 297 -20.13 5.48 42.02
C ALA F 297 -20.16 4.06 42.60
N PRO F 298 -21.24 3.28 42.38
CA PRO F 298 -21.30 1.89 42.86
C PRO F 298 -20.28 0.98 42.20
N HIS F 299 -20.22 1.01 40.86
CA HIS F 299 -19.25 0.26 40.07
C HIS F 299 -19.17 0.87 38.67
N ASP F 300 -18.18 0.41 37.89
CA ASP F 300 -18.05 0.83 36.51
C ASP F 300 -19.25 0.32 35.71
N ARG F 301 -19.88 1.23 34.97
CA ARG F 301 -21.11 0.96 34.25
C ARG F 301 -20.84 0.02 33.07
N ILE F 302 -19.58 -0.04 32.62
CA ILE F 302 -19.20 -0.87 31.49
C ILE F 302 -19.36 -2.34 31.85
N LEU F 303 -19.29 -2.64 33.16
CA LEU F 303 -19.32 -3.99 33.68
C LEU F 303 -20.73 -4.57 33.63
N ASP F 304 -21.74 -3.70 33.43
CA ASP F 304 -23.11 -4.16 33.30
C ASP F 304 -23.33 -4.77 31.92
N PHE F 305 -22.31 -4.65 31.05
CA PHE F 305 -22.38 -5.17 29.69
C PHE F 305 -21.15 -6.03 29.40
N SER F 306 -20.33 -6.26 30.44
CA SER F 306 -19.04 -6.92 30.30
C SER F 306 -18.80 -7.87 31.47
N THR F 307 -18.46 -9.13 31.15
CA THR F 307 -18.14 -10.12 32.14
C THR F 307 -16.70 -10.59 31.95
N ALA F 308 -15.92 -10.55 33.04
CA ALA F 308 -14.56 -11.04 33.03
C ALA F 308 -14.55 -12.54 33.28
N VAL F 309 -13.89 -13.29 32.40
CA VAL F 309 -13.89 -14.75 32.41
C VAL F 309 -12.53 -15.25 32.90
N THR F 310 -11.47 -14.49 32.61
CA THR F 310 -10.13 -14.81 33.08
C THR F 310 -9.53 -13.60 33.79
N GLY F 311 -8.51 -13.87 34.62
CA GLY F 311 -7.75 -12.85 35.29
C GLY F 311 -6.40 -13.40 35.74
N SER F 312 -5.33 -12.86 35.15
CA SER F 312 -3.97 -13.31 35.44
C SER F 312 -3.02 -12.11 35.45
N LEU F 313 -1.93 -12.24 36.21
CA LEU F 313 -0.91 -11.22 36.33
C LEU F 313 0.45 -11.85 36.04
N PHE F 314 1.22 -11.22 35.15
CA PHE F 314 2.52 -11.73 34.76
C PHE F 314 3.53 -10.60 34.82
N PHE F 315 4.79 -10.96 35.13
CA PHE F 315 5.91 -10.05 34.95
C PHE F 315 6.59 -10.39 33.64
N THR F 316 6.77 -9.37 32.79
CA THR F 316 7.47 -9.53 31.53
C THR F 316 8.90 -9.00 31.68
N PRO F 317 9.90 -9.90 31.85
CA PRO F 317 11.29 -9.48 32.08
C PRO F 317 11.90 -8.72 30.92
N ALA F 318 13.06 -8.10 31.17
CA ALA F 318 13.90 -7.54 30.12
C ALA F 318 14.32 -8.66 29.17
N ALA F 319 14.57 -8.29 27.90
CA ALA F 319 14.88 -9.26 26.87
C ALA F 319 16.14 -10.05 27.23
N ASP F 320 17.15 -9.34 27.74
CA ASP F 320 18.45 -9.91 28.07
C ASP F 320 18.30 -10.94 29.19
N PHE F 321 17.28 -10.74 30.06
CA PHE F 321 17.02 -11.65 31.16
C PHE F 321 16.73 -13.04 30.62
N LEU F 322 15.89 -13.12 29.58
CA LEU F 322 15.46 -14.38 29.00
C LEU F 322 16.64 -15.09 28.34
N GLU F 323 17.57 -14.31 27.77
CA GLU F 323 18.67 -14.85 26.98
C GLU F 323 19.70 -15.54 27.86
N ASP F 324 19.86 -15.06 29.10
CA ASP F 324 20.91 -15.52 29.99
C ASP F 324 20.44 -16.70 30.85
N LEU F 325 19.78 -17.67 30.19
N LEU F 325 19.78 -17.67 30.19
CA LEU F 325 19.33 -18.89 30.82
CA LEU F 325 19.33 -18.89 30.82
C LEU F 325 20.12 -20.09 30.22
C LEU F 325 20.12 -20.09 30.22
CHA HEM G . 24.11 -16.59 8.50
CHB HEM G . 23.82 -17.20 3.72
CHC HEM G . 28.45 -15.73 3.25
CHD HEM G . 28.44 -14.46 7.94
C1A HEM G . 23.68 -16.94 7.24
C2A HEM G . 22.46 -17.60 7.00
C3A HEM G . 22.37 -17.78 5.65
C4A HEM G . 23.53 -17.22 5.06
CMA HEM G . 21.23 -18.45 4.91
CAA HEM G . 21.46 -18.04 8.04
CBA HEM G . 20.32 -17.02 8.20
CGA HEM G . 20.85 -15.73 8.74
O1A HEM G . 21.12 -14.79 7.94
O2A HEM G . 21.05 -15.58 9.98
C1B HEM G . 25.07 -16.85 3.20
C2B HEM G . 25.37 -16.94 1.81
C3B HEM G . 26.66 -16.53 1.65
C4B HEM G . 27.15 -16.19 3.01
CMB HEM G . 24.42 -17.40 0.71
CAB HEM G . 27.42 -16.44 0.39
CBB HEM G . 28.22 -17.45 0.05
C1C HEM G . 28.85 -15.22 4.48
C2C HEM G . 30.08 -14.59 4.74
C3C HEM G . 30.07 -14.23 6.09
C4C HEM G . 28.83 -14.65 6.63
CMC HEM G . 31.18 -14.35 3.72
CAC HEM G . 31.12 -13.53 6.87
CBC HEM G . 32.42 -13.65 6.61
C1D HEM G . 27.23 -14.95 8.45
C2D HEM G . 26.87 -14.79 9.88
C3D HEM G . 25.67 -15.39 10.04
C4D HEM G . 25.31 -15.91 8.70
CMD HEM G . 27.68 -14.09 10.95
CAD HEM G . 24.85 -15.49 11.31
CBD HEM G . 25.44 -16.54 12.27
CGD HEM G . 24.61 -16.68 13.53
O1D HEM G . 23.60 -17.41 13.53
O2D HEM G . 24.92 -16.08 14.59
NA HEM G . 24.33 -16.72 6.05
NB HEM G . 26.15 -16.42 3.88
NC HEM G . 28.11 -15.25 5.63
ND HEM G . 26.27 -15.63 7.80
FE HEM G . 26.23 -16.10 5.96
N NO H . 25.37 -14.51 5.12
O NO H . 24.92 -13.82 4.17
CHA HEM I . 14.94 26.46 -1.03
CHB HEM I . 10.79 27.34 -3.36
CHC HEM I . 9.84 30.99 -0.24
CHD HEM I . 13.77 29.79 2.31
C1A HEM I . 13.91 26.44 -1.95
C2A HEM I . 13.89 25.59 -3.08
C3A HEM I . 12.73 25.84 -3.74
C4A HEM I . 12.02 26.82 -3.01
CMA HEM I . 12.26 25.18 -5.02
CAA HEM I . 14.98 24.62 -3.49
CBA HEM I . 14.74 23.20 -2.98
CGA HEM I . 14.76 23.17 -1.48
O1A HEM I . 13.67 23.32 -0.86
O2A HEM I . 15.82 23.02 -0.84
C1B HEM I . 10.20 28.42 -2.67
C2B HEM I . 8.95 28.95 -3.09
C3B HEM I . 8.65 29.98 -2.24
C4B HEM I . 9.78 30.05 -1.28
CMB HEM I . 8.11 28.48 -4.26
CAB HEM I . 7.45 30.85 -2.26
CBB HEM I . 7.49 32.00 -2.92
C1C HEM I . 10.84 31.00 0.73
C2C HEM I . 10.96 31.93 1.79
C3C HEM I . 12.09 31.58 2.52
C4C HEM I . 12.65 30.44 1.88
CMC HEM I . 10.02 33.08 2.08
CAC HEM I . 12.68 32.21 3.72
CBC HEM I . 12.01 32.97 4.60
C1D HEM I . 14.38 28.77 1.58
C2D HEM I . 15.62 28.14 2.05
C3D HEM I . 15.94 27.22 1.13
C4D HEM I . 14.91 27.29 0.09
CMD HEM I . 16.39 28.46 3.31
CAD HEM I . 17.16 26.31 1.16
CBD HEM I . 18.31 27.02 0.43
CGD HEM I . 19.57 26.21 0.55
O1D HEM I . 20.25 26.26 1.60
O2D HEM I . 19.96 25.51 -0.42
NA HEM I . 12.76 27.20 -1.91
NB HEM I . 10.66 29.09 -1.61
NC HEM I . 11.87 30.11 0.79
ND HEM I . 14.00 28.23 0.40
FE HEM I . 12.47 28.67 -0.61
N NO J . 10.92 27.69 0.16
O NO J . 10.55 26.55 0.53
CHA HEM K . -4.83 -29.63 -6.09
CHB HEM K . -4.26 -29.41 -1.27
CHC HEM K . -8.56 -31.66 -0.73
CHD HEM K . -9.40 -31.11 -5.46
C1A HEM K . -4.31 -29.44 -4.83
C2A HEM K . -3.01 -28.95 -4.59
C3A HEM K . -2.83 -28.88 -3.24
C4A HEM K . -4.04 -29.33 -2.64
CMA HEM K . -1.60 -28.42 -2.49
CAA HEM K . -2.00 -28.58 -5.67
CBA HEM K . -2.02 -27.08 -6.00
CGA HEM K . -3.32 -26.69 -6.66
O1A HEM K . -4.25 -26.26 -5.96
O2A HEM K . -3.48 -26.80 -7.89
C1B HEM K . -5.40 -30.02 -0.74
C2B HEM K . -5.56 -30.18 0.66
C3B HEM K . -6.76 -30.81 0.86
C4B HEM K . -7.33 -31.03 -0.50
CMB HEM K . -4.59 -29.73 1.73
CAB HEM K . -7.34 -31.17 2.17
CBB HEM K . -7.62 -32.43 2.49
C1C HEM K . -9.19 -31.69 -1.97
C2C HEM K . -10.49 -32.18 -2.24
C3C HEM K . -10.72 -32.01 -3.61
C4C HEM K . -9.54 -31.43 -4.15
CMC HEM K . -11.44 -32.76 -1.22
CAC HEM K . -11.91 -32.35 -4.44
CBC HEM K . -13.06 -32.80 -3.96
C1D HEM K . -8.19 -30.66 -5.99
C2D HEM K . -8.04 -30.40 -7.43
C3D HEM K . -6.77 -29.99 -7.61
C4D HEM K . -6.15 -30.00 -6.27
CMD HEM K . -9.10 -30.58 -8.50
CAD HEM K . -6.11 -29.61 -8.91
CBD HEM K . -5.54 -30.86 -9.59
CGD HEM K . -4.88 -30.48 -10.89
O1D HEM K . -3.66 -30.20 -10.92
O2D HEM K . -5.56 -30.45 -11.94
NA HEM K . -4.92 -29.67 -3.62
NB HEM K . -6.46 -30.55 -1.39
NC HEM K . -8.63 -31.26 -3.13
ND HEM K . -7.04 -30.41 -5.34
FE HEM K . -6.70 -30.56 -3.49
N NO L . -7.54 -28.90 -2.76
O NO L . -7.24 -27.70 -2.98
CHA HEM M . -29.50 7.34 -0.60
CHB HEM M . -27.35 11.20 1.40
CHC HEM M . -29.36 14.06 -2.02
CHD HEM M . -30.78 10.08 -4.39
C1A HEM M . -28.80 8.16 0.26
C2A HEM M . -28.23 7.73 1.48
C3A HEM M . -27.63 8.82 2.06
C4A HEM M . -27.82 9.92 1.18
CMA HEM M . -26.88 8.85 3.36
CAA HEM M . -28.29 6.33 2.05
CBA HEM M . -27.04 5.52 1.72
CGA HEM M . -26.97 5.21 0.24
O1A HEM M . -27.57 4.23 -0.24
O2A HEM M . -26.30 5.95 -0.51
C1B HEM M . -27.74 12.30 0.62
C2B HEM M . -27.34 13.63 0.94
C3B HEM M . -27.89 14.44 0.00
C4B HEM M . -28.65 13.56 -0.92
CMB HEM M . -26.47 14.04 2.12
CAB HEM M . -27.76 15.91 -0.09
CBB HEM M . -28.58 16.68 0.61
C1C HEM M . -29.89 13.23 -2.99
C2C HEM M . -30.46 13.65 -4.21
C3C HEM M . -30.88 12.50 -4.88
C4C HEM M . -30.53 11.39 -4.07
CMC HEM M . -30.58 15.08 -4.67
CAC HEM M . -31.52 12.40 -6.21
CBC HEM M . -32.62 13.07 -6.52
C1D HEM M . -30.55 9.02 -3.52
C2D HEM M . -30.90 7.64 -3.87
C3D HEM M . -30.54 6.88 -2.81
C4D HEM M . -29.97 7.80 -1.82
CMD HEM M . -31.53 7.17 -5.15
CAD HEM M . -30.70 5.38 -2.68
CBD HEM M . -32.02 5.06 -1.96
CGD HEM M . -32.25 3.57 -1.89
O1D HEM M . -32.13 2.97 -0.80
O2D HEM M . -32.56 2.92 -2.91
NA HEM M . -28.55 9.50 0.10
NB HEM M . -28.52 12.30 -0.48
NC HEM M . -29.95 11.87 -2.91
ND HEM M . -30.01 9.06 -2.28
FE HEM M . -29.37 10.58 -1.36
N NO N . -27.72 10.96 -2.44
O NO N . -26.68 10.32 -2.15
CHA HEM O . 5.45 7.84 -29.02
CHB HEM O . 9.86 7.32 -27.06
CHC HEM O . 10.99 4.05 -30.52
CHD HEM O . 6.37 4.14 -32.01
C1A HEM O . 6.57 7.98 -28.22
C2A HEM O . 6.65 8.93 -27.17
C3A HEM O . 7.90 8.79 -26.62
C4A HEM O . 8.58 7.76 -27.32
CMA HEM O . 8.45 9.59 -25.45
CAA HEM O . 5.56 9.89 -26.78
CBA HEM O . 4.69 9.37 -25.63
CGA HEM O . 3.92 8.13 -26.03
O1A HEM O . 2.77 8.23 -26.52
O2A HEM O . 4.44 7.01 -25.88
C1B HEM O . 10.52 6.36 -27.86
C2B HEM O . 11.86 5.95 -27.59
C3B HEM O . 12.20 5.04 -28.54
C4B HEM O . 11.01 4.90 -29.42
CMB HEM O . 12.76 6.43 -26.46
CAB HEM O . 13.49 4.33 -28.68
CBB HEM O . 14.47 4.89 -29.37
C1C HEM O . 9.84 3.78 -31.24
C2C HEM O . 9.72 2.90 -32.33
C3C HEM O . 8.39 2.93 -32.76
C4C HEM O . 7.72 3.85 -31.91
CMC HEM O . 10.88 2.09 -32.90
CAC HEM O . 7.71 2.21 -33.86
CBC HEM O . 8.25 1.20 -34.54
C1D HEM O . 5.78 5.17 -31.29
C2D HEM O . 4.35 5.50 -31.47
C3D HEM O . 4.09 6.52 -30.64
C4D HEM O . 5.36 6.81 -29.95
CMD HEM O . 3.37 4.82 -32.41
CAD HEM O . 2.76 7.24 -30.47
CBD HEM O . 2.66 8.40 -31.45
CGD HEM O . 1.33 9.12 -31.33
O1D HEM O . 1.25 10.19 -30.66
O2D HEM O . 0.32 8.67 -31.92
NA HEM O . 7.75 7.28 -28.31
NB HEM O . 10.05 5.73 -28.94
NC HEM O . 8.62 4.36 -31.00
ND HEM O . 6.34 5.98 -30.37
FE HEM O . 8.12 5.96 -29.76
N NO P . 8.13 4.22 -28.78
O NO P . 7.89 4.36 -27.56
CHA HEM Q . -10.31 3.97 28.32
CHB HEM Q . -12.96 0.27 26.64
CHC HEM Q . -11.50 -2.45 30.41
CHD HEM Q . -8.48 1.07 31.74
C1A HEM Q . -11.18 3.20 27.58
C2A HEM Q . -11.91 3.68 26.47
C3A HEM Q . -12.67 2.64 25.99
C4A HEM Q . -12.39 1.52 26.80
CMA HEM Q . -13.62 2.68 24.83
CAA HEM Q . -11.87 5.09 25.94
CBA HEM Q . -10.84 5.22 24.81
CGA HEM Q . -9.44 5.13 25.35
O1A HEM Q . -8.85 6.14 25.81
O2A HEM Q . -8.84 4.03 25.35
C1B HEM Q . -12.77 -0.77 27.55
C2B HEM Q . -13.43 -2.03 27.40
C3B HEM Q . -13.03 -2.82 28.44
C4B HEM Q . -12.10 -1.98 29.26
CMB HEM Q . -14.38 -2.43 26.29
CAB HEM Q . -13.43 -4.21 28.72
CBB HEM Q . -14.60 -4.49 29.30
C1C HEM Q . -10.53 -1.74 31.11
C2C HEM Q . -9.84 -2.19 32.25
C3C HEM Q . -8.97 -1.17 32.63
C4C HEM Q . -9.17 -0.11 31.69
CMC HEM Q . -10.04 -3.53 32.91
CAC HEM Q . -8.01 -1.09 33.75
CBC HEM Q . -7.55 -2.15 34.42
C1D HEM Q . -8.76 2.13 30.88
C2D HEM Q . -8.03 3.40 31.01
C3D HEM Q . -8.54 4.21 30.06
C4D HEM Q . -9.57 3.43 29.36
CMD HEM Q . -6.94 3.71 32.01
CAD HEM Q . -8.11 5.65 29.79
CBD HEM Q . -8.94 6.63 30.62
CGD HEM Q . -8.41 8.04 30.47
O1D HEM Q . -7.38 8.39 31.09
O2D HEM Q . -8.99 8.86 29.73
NA HEM Q . -11.48 1.87 27.77
NB HEM Q . -12.01 -0.78 28.66
NC HEM Q . -10.12 -0.49 30.79
ND HEM Q . -9.66 2.20 29.89
FE HEM Q . -10.84 0.83 29.34
N NO R . -9.58 -0.45 28.46
O NO R . -9.45 -0.20 27.25
#